data_2N74
#
_entry.id   2N74
#
_entity_poly.entity_id   1
_entity_poly.type   'polypeptide(L)'
_entity_poly.pdbx_seq_one_letter_code
;MDSNTVSSFQVDCFLWHVRKRFADQELGDAPFLDRLRRDQKSLRGRGSTLGLDIETATRAGKQIVERILKEES
;
_entity_poly.pdbx_strand_id   A,B
#
# COMPACT_ATOMS: atom_id res chain seq x y z
N MET A 1 4.58 -13.45 22.63
CA MET A 1 3.64 -12.43 22.06
C MET A 1 4.24 -11.74 20.80
N ASP A 2 3.37 -11.64 19.73
CA ASP A 2 3.75 -11.00 18.44
C ASP A 2 3.11 -9.59 18.28
N SER A 3 4.04 -8.60 18.36
CA SER A 3 3.82 -7.12 18.22
C SER A 3 4.22 -6.56 16.82
N ASN A 4 5.37 -6.97 16.22
CA ASN A 4 5.79 -6.44 14.88
C ASN A 4 5.16 -7.20 13.65
N THR A 5 4.56 -8.40 13.89
CA THR A 5 3.85 -9.21 12.85
C THR A 5 2.33 -8.77 12.82
N VAL A 6 1.89 -8.12 13.94
CA VAL A 6 0.50 -7.63 14.08
C VAL A 6 0.42 -6.18 13.50
N SER A 7 1.50 -5.33 13.69
CA SER A 7 1.62 -3.97 13.09
C SER A 7 1.81 -4.02 11.54
N SER A 8 2.56 -5.06 10.98
CA SER A 8 2.73 -5.27 9.49
C SER A 8 1.46 -5.89 8.85
N PHE A 9 0.55 -6.44 9.70
CA PHE A 9 -0.74 -6.99 9.25
C PHE A 9 -1.81 -5.84 9.26
N GLN A 10 -1.78 -4.96 10.32
CA GLN A 10 -2.70 -3.78 10.51
C GLN A 10 -2.47 -2.69 9.41
N VAL A 11 -1.16 -2.47 9.02
CA VAL A 11 -0.77 -1.53 7.93
C VAL A 11 -1.15 -2.12 6.54
N ASP A 12 -0.95 -3.47 6.30
CA ASP A 12 -1.37 -4.15 5.03
C ASP A 12 -2.93 -4.17 4.87
N CYS A 13 -3.69 -4.22 6.03
CA CYS A 13 -5.18 -4.14 6.06
C CYS A 13 -5.67 -2.71 5.62
N PHE A 14 -4.91 -1.64 6.07
CA PHE A 14 -5.15 -0.22 5.68
C PHE A 14 -4.77 0.01 4.21
N LEU A 15 -3.54 -0.47 3.78
CA LEU A 15 -3.02 -0.32 2.40
C LEU A 15 -3.88 -1.07 1.37
N TRP A 16 -4.42 -2.28 1.73
CA TRP A 16 -5.42 -2.99 0.93
C TRP A 16 -6.78 -2.19 0.84
N HIS A 17 -7.20 -1.45 1.94
CA HIS A 17 -8.47 -0.66 1.95
C HIS A 17 -8.28 0.65 1.11
N VAL A 18 -7.00 1.06 0.97
CA VAL A 18 -6.57 2.20 0.12
C VAL A 18 -6.66 1.70 -1.38
N ARG A 19 -6.28 0.40 -1.62
CA ARG A 19 -6.37 -0.25 -2.97
C ARG A 19 -7.84 -0.69 -3.35
N LYS A 20 -8.70 -1.07 -2.32
CA LYS A 20 -10.15 -1.48 -2.54
C LYS A 20 -11.13 -0.24 -2.61
N ARG A 21 -10.59 0.96 -2.22
CA ARG A 21 -11.21 2.33 -2.29
C ARG A 21 -10.85 2.91 -3.70
N PHE A 22 -9.74 2.36 -4.29
CA PHE A 22 -9.25 2.66 -5.65
C PHE A 22 -9.99 1.76 -6.72
N ALA A 23 -10.09 0.41 -6.47
CA ALA A 23 -10.81 -0.55 -7.37
C ALA A 23 -12.37 -0.31 -7.45
N ASP A 24 -13.01 -0.02 -6.26
CA ASP A 24 -14.49 0.27 -6.10
C ASP A 24 -14.95 1.68 -6.65
N GLN A 25 -13.96 2.52 -7.06
CA GLN A 25 -14.09 3.89 -7.68
C GLN A 25 -13.77 3.80 -9.20
N GLU A 26 -13.27 2.59 -9.68
CA GLU A 26 -12.84 2.26 -11.09
C GLU A 26 -11.62 3.10 -11.56
N LEU A 27 -10.63 3.14 -10.62
CA LEU A 27 -9.32 3.83 -10.75
C LEU A 27 -8.23 2.77 -11.03
N GLY A 28 -7.56 3.03 -12.16
CA GLY A 28 -6.57 2.13 -12.76
C GLY A 28 -7.24 1.38 -13.93
N ASP A 29 -6.58 0.37 -14.56
CA ASP A 29 -7.22 -0.38 -15.67
C ASP A 29 -7.75 -1.73 -15.13
N ALA A 30 -8.27 -2.64 -16.02
CA ALA A 30 -8.81 -3.98 -15.65
C ALA A 30 -7.81 -4.96 -14.90
N PRO A 31 -6.40 -5.07 -15.21
CA PRO A 31 -5.50 -6.03 -14.46
C PRO A 31 -5.38 -5.82 -12.89
N PHE A 32 -5.77 -4.57 -12.40
CA PHE A 32 -5.75 -4.22 -10.93
C PHE A 32 -6.84 -5.02 -10.11
N LEU A 33 -7.95 -5.45 -10.81
CA LEU A 33 -9.07 -6.31 -10.30
C LEU A 33 -8.62 -7.81 -10.31
N ASP A 34 -7.78 -8.19 -11.35
CA ASP A 34 -7.09 -9.54 -11.49
C ASP A 34 -6.13 -9.82 -10.29
N ARG A 35 -5.25 -8.78 -10.02
CA ARG A 35 -4.25 -8.72 -8.91
C ARG A 35 -4.94 -8.73 -7.53
N LEU A 36 -6.06 -7.91 -7.36
CA LEU A 36 -6.89 -7.84 -6.14
C LEU A 36 -7.49 -9.18 -5.65
N ARG A 37 -8.14 -10.01 -6.57
CA ARG A 37 -8.85 -11.30 -6.24
C ARG A 37 -7.95 -12.38 -5.56
N ARG A 38 -6.69 -12.44 -6.14
CA ARG A 38 -5.65 -13.41 -5.75
C ARG A 38 -5.18 -13.17 -4.28
N ASP A 39 -4.84 -11.86 -4.01
CA ASP A 39 -4.36 -11.37 -2.72
C ASP A 39 -5.49 -11.05 -1.70
N GLN A 40 -6.81 -10.89 -2.15
CA GLN A 40 -7.91 -10.55 -1.16
C GLN A 40 -8.15 -11.74 -0.23
N LYS A 41 -8.13 -13.00 -0.81
CA LYS A 41 -8.32 -14.29 -0.07
C LYS A 41 -7.08 -14.69 0.81
N SER A 42 -5.91 -14.12 0.35
CA SER A 42 -4.56 -14.32 0.95
C SER A 42 -4.40 -13.44 2.22
N LEU A 43 -4.83 -12.12 2.13
CA LEU A 43 -4.81 -11.13 3.24
C LEU A 43 -5.82 -11.48 4.38
N ARG A 44 -7.08 -11.91 3.98
CA ARG A 44 -8.20 -12.36 4.87
C ARG A 44 -7.92 -13.75 5.49
N GLY A 45 -7.28 -14.73 4.74
CA GLY A 45 -6.87 -16.05 5.29
C GLY A 45 -5.71 -15.97 6.32
N ARG A 46 -4.88 -14.88 6.13
CA ARG A 46 -3.78 -14.47 7.05
C ARG A 46 -4.43 -13.83 8.32
N GLY A 47 -5.68 -13.21 8.22
CA GLY A 47 -6.45 -12.71 9.37
C GLY A 47 -6.90 -13.77 10.36
N SER A 48 -7.29 -14.97 9.81
CA SER A 48 -7.74 -16.17 10.57
C SER A 48 -6.66 -16.72 11.57
N THR A 49 -5.39 -16.88 11.03
CA THR A 49 -4.15 -17.32 11.77
C THR A 49 -3.76 -16.45 13.01
N LEU A 50 -3.49 -15.13 12.79
CA LEU A 50 -3.16 -14.20 13.95
C LEU A 50 -4.43 -13.75 14.74
N GLY A 51 -5.63 -14.01 14.15
CA GLY A 51 -6.95 -13.81 14.78
C GLY A 51 -7.45 -12.38 14.92
N LEU A 52 -7.37 -11.53 13.87
CA LEU A 52 -7.79 -10.12 13.94
C LEU A 52 -8.85 -9.85 12.85
N ASP A 53 -9.96 -9.16 13.21
CA ASP A 53 -11.01 -8.71 12.25
C ASP A 53 -10.42 -7.63 11.30
N ILE A 54 -10.47 -7.95 9.98
CA ILE A 54 -9.96 -7.12 8.84
C ILE A 54 -10.52 -5.64 8.76
N GLU A 55 -11.86 -5.43 9.02
CA GLU A 55 -12.46 -4.05 9.09
C GLU A 55 -11.90 -3.18 10.29
N THR A 56 -11.79 -3.81 11.52
CA THR A 56 -11.22 -3.15 12.74
C THR A 56 -9.65 -2.98 12.62
N ALA A 57 -8.98 -3.97 11.93
CA ALA A 57 -7.52 -3.91 11.64
C ALA A 57 -7.21 -2.83 10.56
N THR A 58 -8.16 -2.63 9.54
CA THR A 58 -8.05 -1.54 8.49
C THR A 58 -8.11 -0.13 9.16
N ARG A 59 -8.72 -0.22 10.40
CA ARG A 59 -9.11 0.93 11.21
C ARG A 59 -8.08 1.35 12.25
N ALA A 60 -7.35 0.51 13.13
CA ALA A 60 -6.40 1.17 14.01
C ALA A 60 -5.03 1.30 13.32
N GLY A 61 -4.80 0.50 12.18
CA GLY A 61 -3.63 0.67 11.33
C GLY A 61 -3.64 2.02 10.65
N LYS A 62 -4.88 2.54 10.26
CA LYS A 62 -5.05 3.95 9.80
C LYS A 62 -4.37 4.96 10.78
N GLN A 63 -4.63 4.80 12.14
CA GLN A 63 -4.03 5.63 13.25
C GLN A 63 -2.46 5.40 13.35
N ILE A 64 -2.07 4.12 13.10
CA ILE A 64 -0.67 3.59 13.11
C ILE A 64 0.18 4.01 11.82
N VAL A 65 -0.50 4.48 10.75
CA VAL A 65 0.12 4.99 9.45
C VAL A 65 0.30 6.54 9.56
N GLU A 66 -0.89 7.17 9.83
CA GLU A 66 -1.06 8.64 10.03
C GLU A 66 -0.10 9.15 11.15
N ARG A 67 -0.43 8.74 12.44
CA ARG A 67 0.48 9.01 13.62
C ARG A 67 1.97 8.53 13.50
N ILE A 68 2.36 7.31 12.89
CA ILE A 68 3.86 6.92 12.78
C ILE A 68 4.71 7.85 11.83
N LEU A 69 4.03 8.63 10.91
CA LEU A 69 4.75 9.52 9.95
C LEU A 69 4.95 10.95 10.58
N LYS A 70 3.97 11.35 11.47
CA LYS A 70 4.01 12.65 12.27
C LYS A 70 4.92 12.49 13.58
N GLU A 71 5.19 11.18 13.83
CA GLU A 71 6.05 10.61 14.93
C GLU A 71 7.57 10.57 14.57
N GLU A 72 7.87 10.21 13.25
CA GLU A 72 9.25 10.11 12.63
C GLU A 72 10.31 11.25 12.91
N SER A 73 9.82 12.53 13.10
CA SER A 73 10.67 13.73 13.29
C SER A 73 10.71 14.18 14.76
N MET B 1 -2.95 8.04 -25.30
CA MET B 1 -2.43 8.53 -23.98
C MET B 1 -2.98 7.69 -22.80
N ASP B 2 -2.06 7.32 -21.86
CA ASP B 2 -2.39 6.52 -20.66
C ASP B 2 -2.41 7.38 -19.37
N SER B 3 -3.68 7.58 -18.89
CA SER B 3 -4.08 8.32 -17.65
C SER B 3 -4.37 7.39 -16.44
N ASN B 4 -5.10 6.24 -16.61
CA ASN B 4 -5.42 5.32 -15.46
C ASN B 4 -4.31 4.27 -15.14
N THR B 5 -3.29 4.14 -16.03
CA THR B 5 -2.11 3.24 -15.83
C THR B 5 -0.94 4.07 -15.19
N VAL B 6 -1.08 5.43 -15.27
CA VAL B 6 -0.09 6.39 -14.72
C VAL B 6 -0.51 6.72 -13.25
N SER B 7 -1.86 6.86 -12.97
CA SER B 7 -2.42 7.05 -11.60
C SER B 7 -2.26 5.77 -10.71
N SER B 8 -2.37 4.51 -11.30
CA SER B 8 -2.13 3.22 -10.56
C SER B 8 -0.61 2.92 -10.35
N PHE B 9 0.26 3.72 -11.07
CA PHE B 9 1.72 3.62 -10.92
C PHE B 9 2.17 4.67 -9.85
N GLN B 10 1.55 5.91 -9.87
CA GLN B 10 1.83 7.04 -8.91
C GLN B 10 1.38 6.68 -7.47
N VAL B 11 0.22 5.96 -7.33
CA VAL B 11 -0.32 5.46 -6.01
C VAL B 11 0.55 4.28 -5.51
N ASP B 12 0.99 3.31 -6.41
CA ASP B 12 1.92 2.21 -6.02
C ASP B 12 3.34 2.73 -5.61
N CYS B 13 3.79 3.90 -6.20
CA CYS B 13 5.07 4.59 -5.83
C CYS B 13 4.98 5.19 -4.39
N PHE B 14 3.77 5.76 -4.03
CA PHE B 14 3.45 6.30 -2.69
C PHE B 14 3.32 5.16 -1.67
N LEU B 15 2.52 4.08 -2.01
CA LEU B 15 2.28 2.90 -1.15
C LEU B 15 3.57 2.10 -0.89
N TRP B 16 4.49 1.99 -1.90
CA TRP B 16 5.84 1.45 -1.71
C TRP B 16 6.71 2.36 -0.77
N HIS B 17 6.54 3.74 -0.81
CA HIS B 17 7.33 4.69 0.05
C HIS B 17 6.80 4.64 1.52
N VAL B 18 5.50 4.23 1.64
CA VAL B 18 4.80 4.00 2.94
C VAL B 18 5.40 2.67 3.52
N ARG B 19 5.67 1.66 2.62
CA ARG B 19 6.29 0.36 3.01
C ARG B 19 7.86 0.46 3.24
N LYS B 20 8.58 1.42 2.49
CA LYS B 20 10.06 1.63 2.65
C LYS B 20 10.44 2.65 3.80
N ARG B 21 9.37 3.29 4.37
CA ARG B 21 9.34 4.20 5.57
C ARG B 21 9.06 3.31 6.81
N PHE B 22 8.43 2.12 6.54
CA PHE B 22 8.14 1.05 7.51
C PHE B 22 9.39 0.11 7.66
N ALA B 23 10.00 -0.35 6.51
CA ALA B 23 11.23 -1.21 6.51
C ALA B 23 12.52 -0.50 7.08
N ASP B 24 12.70 0.83 6.68
CA ASP B 24 13.86 1.70 7.12
C ASP B 24 13.80 2.19 8.62
N GLN B 25 12.65 1.93 9.30
CA GLN B 25 12.32 2.21 10.73
C GLN B 25 12.39 0.89 11.57
N GLU B 26 12.55 -0.29 10.86
CA GLU B 26 12.60 -1.71 11.40
C GLU B 26 11.26 -2.13 12.08
N LEU B 27 10.19 -1.83 11.31
CA LEU B 27 8.76 -2.12 11.63
C LEU B 27 8.31 -3.32 10.78
N GLY B 28 7.86 -4.34 11.54
CA GLY B 28 7.50 -5.65 11.04
C GLY B 28 8.64 -6.62 11.34
N ASP B 29 8.60 -7.90 10.87
CA ASP B 29 9.71 -8.86 11.13
C ASP B 29 10.63 -8.93 9.89
N ALA B 30 11.65 -9.84 9.90
CA ALA B 30 12.63 -10.03 8.78
C ALA B 30 12.02 -10.39 7.36
N PRO B 31 10.88 -11.27 7.16
CA PRO B 31 10.35 -11.59 5.79
C PRO B 31 9.80 -10.36 4.94
N PHE B 32 9.56 -9.18 5.64
CA PHE B 32 9.09 -7.90 4.99
C PHE B 32 10.22 -7.24 4.10
N LEU B 33 11.52 -7.54 4.46
CA LEU B 33 12.77 -7.11 3.73
C LEU B 33 13.02 -8.07 2.51
N ASP B 34 12.65 -9.40 2.71
CA ASP B 34 12.65 -10.50 1.64
C ASP B 34 11.66 -10.14 0.47
N ARG B 35 10.38 -9.79 0.90
CA ARG B 35 9.24 -9.34 0.04
C ARG B 35 9.57 -8.02 -0.70
N LEU B 36 10.20 -7.00 0.04
CA LEU B 36 10.65 -5.71 -0.49
C LEU B 36 11.63 -5.77 -1.68
N ARG B 37 12.75 -6.62 -1.59
CA ARG B 37 13.86 -6.72 -2.62
C ARG B 37 13.39 -7.16 -4.03
N ARG B 38 12.43 -8.15 -3.98
CA ARG B 38 11.84 -8.80 -5.18
C ARG B 38 11.01 -7.78 -6.02
N ASP B 39 10.11 -7.04 -5.27
CA ASP B 39 9.21 -6.03 -5.83
C ASP B 39 9.87 -4.63 -6.00
N GLN B 40 11.06 -4.34 -5.32
CA GLN B 40 11.69 -2.97 -5.45
C GLN B 40 12.21 -2.76 -6.88
N LYS B 41 12.84 -3.85 -7.47
CA LYS B 41 13.41 -3.88 -8.85
C LYS B 41 12.32 -3.94 -9.97
N SER B 42 11.12 -4.50 -9.50
CA SER B 42 9.89 -4.73 -10.31
C SER B 42 9.11 -3.38 -10.49
N LEU B 43 8.96 -2.60 -9.36
CA LEU B 43 8.30 -1.26 -9.33
C LEU B 43 9.11 -0.17 -10.09
N ARG B 44 10.47 -0.17 -9.90
CA ARG B 44 11.48 0.73 -10.56
C ARG B 44 11.69 0.37 -12.05
N GLY B 45 11.70 -0.96 -12.46
CA GLY B 45 11.79 -1.39 -13.88
C GLY B 45 10.52 -1.06 -14.71
N ARG B 46 9.37 -1.01 -13.95
CA ARG B 46 8.03 -0.57 -14.45
C ARG B 46 8.08 0.98 -14.64
N GLY B 47 8.96 1.74 -13.84
CA GLY B 47 9.18 3.19 -14.04
C GLY B 47 9.85 3.57 -15.36
N SER B 48 10.81 2.70 -15.81
CA SER B 48 11.58 2.84 -17.11
C SER B 48 10.64 2.87 -18.38
N THR B 49 9.70 1.85 -18.44
CA THR B 49 8.62 1.65 -19.48
C THR B 49 7.70 2.91 -19.69
N LEU B 50 6.84 3.24 -18.68
CA LEU B 50 5.93 4.45 -18.78
C LEU B 50 6.71 5.81 -18.67
N GLY B 51 7.99 5.74 -18.21
CA GLY B 51 8.95 6.86 -18.17
C GLY B 51 8.75 7.93 -17.11
N LEU B 52 8.55 7.53 -15.81
CA LEU B 52 8.30 8.50 -14.72
C LEU B 52 9.34 8.27 -13.61
N ASP B 53 9.94 9.37 -13.06
CA ASP B 53 10.86 9.30 -11.89
C ASP B 53 10.08 8.90 -10.62
N ILE B 54 10.52 7.78 -10.02
CA ILE B 54 9.94 7.13 -8.78
C ILE B 54 9.82 8.09 -7.51
N GLU B 55 10.85 8.95 -7.23
CA GLU B 55 10.79 9.97 -6.11
C GLU B 55 9.70 11.08 -6.36
N THR B 56 9.63 11.64 -7.62
CA THR B 56 8.61 12.66 -8.02
C THR B 56 7.17 12.04 -8.11
N ALA B 57 7.11 10.74 -8.54
CA ALA B 57 5.85 9.94 -8.60
C ALA B 57 5.33 9.60 -7.16
N THR B 58 6.28 9.38 -6.16
CA THR B 58 5.94 9.12 -4.71
C THR B 58 5.23 10.36 -3.98
N ARG B 59 5.39 11.54 -4.69
CA ARG B 59 4.99 12.93 -4.18
C ARG B 59 3.69 13.47 -4.88
N ALA B 60 3.69 13.30 -6.23
CA ALA B 60 2.54 13.52 -7.15
C ALA B 60 1.38 12.54 -6.78
N GLY B 61 1.68 11.20 -6.49
CA GLY B 61 0.67 10.26 -5.98
C GLY B 61 0.24 10.52 -4.54
N LYS B 62 1.17 11.03 -3.65
CA LYS B 62 0.81 11.50 -2.26
C LYS B 62 -0.45 12.44 -2.25
N GLN B 63 -0.47 13.47 -3.19
CA GLN B 63 -1.59 14.45 -3.38
C GLN B 63 -2.88 13.73 -3.93
N ILE B 64 -2.62 12.72 -4.83
CA ILE B 64 -3.66 11.88 -5.51
C ILE B 64 -4.26 10.70 -4.61
N VAL B 65 -3.75 10.56 -3.35
CA VAL B 65 -4.24 9.56 -2.30
C VAL B 65 -5.03 10.36 -1.23
N GLU B 66 -4.30 11.40 -0.71
CA GLU B 66 -4.78 12.39 0.28
C GLU B 66 -6.08 13.03 -0.29
N ARG B 67 -5.91 14.00 -1.26
CA ARG B 67 -7.06 14.61 -2.02
C ARG B 67 -8.11 13.63 -2.65
N ILE B 68 -7.81 12.37 -3.24
CA ILE B 68 -8.95 11.48 -3.79
C ILE B 68 -9.89 10.84 -2.68
N LEU B 69 -9.50 10.94 -1.36
CA LEU B 69 -10.31 10.35 -0.25
C LEU B 69 -11.19 11.47 0.40
N LYS B 70 -10.69 12.75 0.33
CA LYS B 70 -11.43 14.00 0.79
C LYS B 70 -12.44 14.52 -0.34
N GLU B 71 -12.18 13.91 -1.53
CA GLU B 71 -12.91 14.06 -2.83
C GLU B 71 -14.21 13.20 -2.89
N GLU B 72 -14.04 11.84 -2.55
CA GLU B 72 -15.10 10.74 -2.51
C GLU B 72 -16.57 11.09 -2.05
N SER B 73 -16.72 12.09 -1.11
CA SER B 73 -18.03 12.49 -0.51
C SER B 73 -18.56 13.81 -1.11
N MET A 1 1.73 -14.47 17.81
CA MET A 1 1.36 -13.08 18.18
C MET A 1 2.54 -12.38 18.90
N ASP A 2 3.30 -11.59 18.09
CA ASP A 2 4.48 -10.82 18.56
C ASP A 2 4.49 -9.38 17.97
N SER A 3 3.83 -8.39 18.71
CA SER A 3 3.77 -6.87 18.42
C SER A 3 4.13 -6.31 17.00
N ASN A 4 5.36 -6.54 16.45
CA ASN A 4 5.77 -5.98 15.11
C ASN A 4 5.19 -6.76 13.88
N THR A 5 4.71 -8.03 14.10
CA THR A 5 4.08 -8.91 13.06
C THR A 5 2.54 -8.61 13.00
N VAL A 6 2.03 -8.02 14.12
CA VAL A 6 0.62 -7.63 14.26
C VAL A 6 0.47 -6.19 13.67
N SER A 7 1.54 -5.31 13.85
CA SER A 7 1.59 -3.95 13.23
C SER A 7 1.78 -4.02 11.68
N SER A 8 2.54 -5.07 11.14
CA SER A 8 2.71 -5.32 9.67
C SER A 8 1.43 -5.92 9.04
N PHE A 9 0.52 -6.45 9.90
CA PHE A 9 -0.78 -6.97 9.45
C PHE A 9 -1.83 -5.81 9.46
N GLN A 10 -1.82 -4.94 10.55
CA GLN A 10 -2.75 -3.76 10.72
C GLN A 10 -2.51 -2.67 9.63
N VAL A 11 -1.20 -2.39 9.29
CA VAL A 11 -0.78 -1.41 8.25
C VAL A 11 -1.09 -1.97 6.83
N ASP A 12 -0.87 -3.31 6.56
CA ASP A 12 -1.27 -3.96 5.27
C ASP A 12 -2.82 -3.98 5.09
N CYS A 13 -3.60 -4.03 6.24
CA CYS A 13 -5.10 -3.95 6.25
C CYS A 13 -5.57 -2.53 5.80
N PHE A 14 -4.82 -1.46 6.25
CA PHE A 14 -5.03 -0.05 5.86
C PHE A 14 -4.69 0.15 4.36
N LEU A 15 -3.48 -0.33 3.90
CA LEU A 15 -3.00 -0.22 2.49
C LEU A 15 -3.84 -1.06 1.50
N TRP A 16 -4.48 -2.10 2.07
CA TRP A 16 -5.41 -2.96 1.33
C TRP A 16 -6.81 -2.29 1.22
N HIS A 17 -7.21 -1.43 2.21
CA HIS A 17 -8.49 -0.67 2.19
C HIS A 17 -8.30 0.61 1.31
N VAL A 18 -7.00 1.02 1.20
CA VAL A 18 -6.54 2.16 0.35
C VAL A 18 -6.61 1.69 -1.17
N ARG A 19 -6.21 0.40 -1.44
CA ARG A 19 -6.27 -0.21 -2.80
C ARG A 19 -7.74 -0.61 -3.20
N LYS A 20 -8.63 -0.93 -2.18
CA LYS A 20 -10.07 -1.28 -2.41
C LYS A 20 -11.01 -0.01 -2.49
N ARG A 21 -10.45 1.17 -2.08
CA ARG A 21 -11.05 2.55 -2.15
C ARG A 21 -10.70 3.10 -3.56
N PHE A 22 -9.65 2.49 -4.17
CA PHE A 22 -9.17 2.74 -5.54
C PHE A 22 -9.97 1.84 -6.57
N ALA A 23 -10.13 0.51 -6.28
CA ALA A 23 -10.90 -0.45 -7.14
C ALA A 23 -12.44 -0.16 -7.21
N ASP A 24 -13.06 0.14 -6.01
CA ASP A 24 -14.54 0.44 -5.86
C ASP A 24 -15.02 1.82 -6.44
N GLN A 25 -14.03 2.66 -6.87
CA GLN A 25 -14.16 4.00 -7.52
C GLN A 25 -13.84 3.88 -9.05
N GLU A 26 -13.32 2.68 -9.51
CA GLU A 26 -12.88 2.33 -10.92
C GLU A 26 -11.67 3.18 -11.42
N LEU A 27 -10.60 3.10 -10.59
CA LEU A 27 -9.30 3.78 -10.78
C LEU A 27 -8.22 2.76 -11.16
N GLY A 28 -7.60 3.06 -12.30
CA GLY A 28 -6.62 2.19 -12.96
C GLY A 28 -7.31 1.47 -14.10
N ASP A 29 -6.70 0.42 -14.70
CA ASP A 29 -7.37 -0.33 -15.78
C ASP A 29 -7.92 -1.66 -15.17
N ALA A 30 -8.48 -2.56 -16.04
CA ALA A 30 -9.04 -3.89 -15.64
C ALA A 30 -8.05 -4.86 -14.84
N PRO A 31 -6.63 -4.98 -15.14
CA PRO A 31 -5.74 -5.94 -14.39
C PRO A 31 -5.60 -5.69 -12.83
N PHE A 32 -5.98 -4.43 -12.35
CA PHE A 32 -5.95 -4.05 -10.91
C PHE A 32 -7.00 -4.87 -10.06
N LEU A 33 -8.11 -5.29 -10.75
CA LEU A 33 -9.22 -6.16 -10.23
C LEU A 33 -8.77 -7.66 -10.24
N ASP A 34 -7.93 -8.05 -11.28
CA ASP A 34 -7.24 -9.40 -11.40
C ASP A 34 -6.28 -9.69 -10.18
N ARG A 35 -5.39 -8.64 -9.91
CA ARG A 35 -4.40 -8.57 -8.80
C ARG A 35 -5.10 -8.59 -7.42
N LEU A 36 -6.19 -7.75 -7.26
CA LEU A 36 -7.04 -7.64 -6.07
C LEU A 36 -7.68 -8.95 -5.58
N ARG A 37 -8.24 -9.82 -6.52
CA ARG A 37 -8.95 -11.08 -6.21
C ARG A 37 -8.11 -12.13 -5.47
N ARG A 38 -6.89 -12.51 -6.06
CA ARG A 38 -5.98 -13.54 -5.45
C ARG A 38 -5.49 -13.23 -4.01
N ASP A 39 -5.02 -11.94 -3.85
CA ASP A 39 -4.46 -11.43 -2.58
C ASP A 39 -5.56 -11.06 -1.55
N GLN A 40 -6.89 -10.90 -2.01
CA GLN A 40 -7.98 -10.57 -1.05
C GLN A 40 -8.23 -11.74 -0.09
N LYS A 41 -8.21 -13.00 -0.65
CA LYS A 41 -8.41 -14.30 0.08
C LYS A 41 -7.18 -14.66 0.98
N SER A 42 -6.02 -14.03 0.57
CA SER A 42 -4.69 -14.17 1.21
C SER A 42 -4.58 -13.25 2.45
N LEU A 43 -5.04 -11.94 2.31
CA LEU A 43 -5.06 -10.93 3.40
C LEU A 43 -6.06 -11.26 4.54
N ARG A 44 -7.30 -11.70 4.13
CA ARG A 44 -8.41 -12.15 5.01
C ARG A 44 -8.12 -13.53 5.64
N GLY A 45 -7.49 -14.51 4.89
CA GLY A 45 -7.08 -15.83 5.45
C GLY A 45 -5.94 -15.73 6.49
N ARG A 46 -5.10 -14.64 6.30
CA ARG A 46 -4.02 -14.21 7.23
C ARG A 46 -4.65 -13.59 8.50
N GLY A 47 -5.89 -12.97 8.39
CA GLY A 47 -6.66 -12.47 9.55
C GLY A 47 -7.12 -13.54 10.53
N SER A 48 -7.50 -14.74 9.97
CA SER A 48 -7.94 -15.95 10.73
C SER A 48 -6.85 -16.47 11.73
N THR A 49 -5.57 -16.63 11.19
CA THR A 49 -4.33 -17.06 11.92
C THR A 49 -3.94 -16.16 13.15
N LEU A 50 -3.67 -14.83 12.92
CA LEU A 50 -3.33 -13.92 14.08
C LEU A 50 -4.60 -13.48 14.90
N GLY A 51 -5.80 -13.73 14.34
CA GLY A 51 -7.10 -13.51 15.02
C GLY A 51 -7.68 -12.11 14.96
N LEU A 52 -7.01 -11.19 14.22
CA LEU A 52 -7.46 -9.79 14.16
C LEU A 52 -8.48 -9.54 13.04
N ASP A 53 -9.63 -8.91 13.42
CA ASP A 53 -10.69 -8.49 12.50
C ASP A 53 -10.15 -7.40 11.57
N ILE A 54 -10.26 -7.69 10.25
CA ILE A 54 -9.78 -6.85 9.12
C ILE A 54 -10.31 -5.36 9.14
N GLU A 55 -11.66 -5.14 9.30
CA GLU A 55 -12.29 -3.76 9.36
C GLU A 55 -11.76 -2.89 10.54
N THR A 56 -11.68 -3.51 11.77
CA THR A 56 -11.11 -2.83 12.98
C THR A 56 -9.57 -2.59 12.80
N ALA A 57 -8.88 -3.53 12.06
CA ALA A 57 -7.44 -3.44 11.71
C ALA A 57 -7.17 -2.37 10.60
N THR A 58 -8.16 -2.13 9.62
CA THR A 58 -8.00 -1.06 8.55
C THR A 58 -7.97 0.40 9.15
N ARG A 59 -8.51 0.43 10.44
CA ARG A 59 -8.75 1.66 11.27
C ARG A 59 -7.61 1.86 12.34
N ALA A 60 -7.29 0.69 13.00
CA ALA A 60 -6.16 0.50 13.98
C ALA A 60 -4.80 0.78 13.29
N GLY A 61 -4.57 0.21 12.04
CA GLY A 61 -3.36 0.55 11.25
C GLY A 61 -3.41 1.95 10.64
N LYS A 62 -4.62 2.49 10.24
CA LYS A 62 -4.79 3.93 9.80
C LYS A 62 -4.11 4.94 10.78
N GLN A 63 -4.41 4.78 12.12
CA GLN A 63 -3.86 5.61 13.25
C GLN A 63 -2.34 5.40 13.45
N ILE A 64 -1.92 4.09 13.23
CA ILE A 64 -0.50 3.65 13.34
C ILE A 64 0.36 4.40 12.28
N VAL A 65 0.10 4.24 10.93
CA VAL A 65 0.82 4.93 9.77
C VAL A 65 0.94 6.49 9.98
N GLU A 66 -0.25 7.08 10.30
CA GLU A 66 -0.43 8.53 10.54
C GLU A 66 0.50 9.02 11.69
N ARG A 67 0.15 8.62 12.97
CA ARG A 67 1.03 8.90 14.16
C ARG A 67 2.50 8.40 14.12
N ILE A 68 2.86 7.18 13.57
CA ILE A 68 4.31 6.68 13.51
C ILE A 68 5.24 7.53 12.58
N LEU A 69 4.62 8.35 11.65
CA LEU A 69 5.40 9.20 10.71
C LEU A 69 5.64 10.63 11.30
N LYS A 70 4.70 11.05 12.19
CA LYS A 70 4.77 12.34 12.96
C LYS A 70 5.66 12.18 14.28
N GLU A 71 5.94 10.84 14.52
CA GLU A 71 6.77 10.28 15.65
C GLU A 71 8.28 10.08 15.25
N GLU A 72 8.50 9.42 14.06
CA GLU A 72 9.84 9.16 13.41
C GLU A 72 9.61 9.16 11.89
N SER A 73 10.44 9.84 11.03
CA SER A 73 10.20 9.81 9.57
C SER A 73 11.36 9.13 8.82
N MET B 1 0.89 5.07 -22.39
CA MET B 1 0.55 6.22 -21.51
C MET B 1 -0.94 6.62 -21.69
N ASP B 2 -1.77 6.11 -20.76
CA ASP B 2 -3.24 6.36 -20.72
C ASP B 2 -3.73 6.66 -19.28
N SER B 3 -3.73 7.99 -18.88
CA SER B 3 -4.25 8.59 -17.56
C SER B 3 -4.52 7.67 -16.31
N ASN B 4 -5.38 6.61 -16.40
CA ASN B 4 -5.70 5.74 -15.22
C ASN B 4 -4.60 4.65 -14.91
N THR B 5 -3.69 4.38 -15.89
CA THR B 5 -2.54 3.41 -15.76
C THR B 5 -1.29 4.17 -15.19
N VAL B 6 -1.34 5.53 -15.32
CA VAL B 6 -0.29 6.44 -14.84
C VAL B 6 -0.65 6.81 -13.37
N SER B 7 -1.99 6.93 -13.04
CA SER B 7 -2.49 7.16 -11.65
C SER B 7 -2.30 5.87 -10.78
N SER B 8 -2.42 4.61 -11.37
CA SER B 8 -2.15 3.32 -10.65
C SER B 8 -0.63 3.06 -10.44
N PHE B 9 0.22 3.85 -11.16
CA PHE B 9 1.68 3.79 -11.00
C PHE B 9 2.11 4.85 -9.93
N GLN B 10 1.50 6.09 -9.98
CA GLN B 10 1.78 7.22 -9.02
C GLN B 10 1.34 6.88 -7.57
N VAL B 11 0.13 6.21 -7.41
CA VAL B 11 -0.44 5.75 -6.12
C VAL B 11 0.38 4.55 -5.56
N ASP B 12 0.81 3.57 -6.43
CA ASP B 12 1.70 2.44 -6.02
C ASP B 12 3.12 2.94 -5.61
N CYS B 13 3.58 4.10 -6.21
CA CYS B 13 4.86 4.79 -5.85
C CYS B 13 4.77 5.38 -4.40
N PHE B 14 3.57 5.95 -4.05
CA PHE B 14 3.23 6.48 -2.69
C PHE B 14 3.16 5.33 -1.67
N LEU B 15 2.40 4.22 -2.00
CA LEU B 15 2.21 3.02 -1.11
C LEU B 15 3.52 2.20 -0.94
N TRP B 16 4.41 2.36 -1.95
CA TRP B 16 5.74 1.77 -1.93
C TRP B 16 6.73 2.62 -1.06
N HIS B 17 6.50 3.97 -0.97
CA HIS B 17 7.32 4.89 -0.12
C HIS B 17 6.78 4.81 1.35
N VAL B 18 5.49 4.40 1.46
CA VAL B 18 4.78 4.16 2.75
C VAL B 18 5.35 2.82 3.37
N ARG B 19 5.60 1.79 2.50
CA ARG B 19 6.21 0.48 2.91
C ARG B 19 7.75 0.61 3.18
N LYS B 20 8.46 1.59 2.48
CA LYS B 20 9.93 1.83 2.67
C LYS B 20 10.24 2.88 3.82
N ARG B 21 9.16 3.46 4.39
CA ARG B 21 9.10 4.39 5.57
C ARG B 21 8.87 3.48 6.80
N PHE B 22 8.32 2.27 6.51
CA PHE B 22 8.09 1.16 7.46
C PHE B 22 9.38 0.28 7.62
N ALA B 23 10.02 -0.12 6.47
CA ALA B 23 11.29 -0.93 6.47
C ALA B 23 12.54 -0.18 7.04
N ASP B 24 12.71 1.13 6.64
CA ASP B 24 13.86 2.02 7.07
C ASP B 24 13.81 2.51 8.56
N GLN B 25 12.68 2.19 9.26
CA GLN B 25 12.36 2.46 10.69
C GLN B 25 12.44 1.13 11.51
N GLU B 26 12.59 -0.05 10.79
CA GLU B 26 12.65 -1.48 11.34
C GLU B 26 11.33 -1.91 12.04
N LEU B 27 10.25 -1.80 11.24
CA LEU B 27 8.84 -2.13 11.59
C LEU B 27 8.40 -3.40 10.83
N GLY B 28 7.97 -4.37 11.66
CA GLY B 28 7.61 -5.72 11.22
C GLY B 28 8.75 -6.64 11.55
N ASP B 29 8.79 -7.89 11.03
CA ASP B 29 9.91 -8.79 11.28
C ASP B 29 10.85 -8.80 10.03
N ALA B 30 11.91 -9.66 10.02
CA ALA B 30 12.87 -9.81 8.89
C ALA B 30 12.24 -10.14 7.47
N PRO B 31 11.11 -11.04 7.26
CA PRO B 31 10.58 -11.34 5.89
C PRO B 31 10.00 -10.10 5.06
N PHE B 32 9.74 -8.94 5.77
CA PHE B 32 9.24 -7.68 5.12
C PHE B 32 10.33 -7.02 4.20
N LEU B 33 11.64 -7.30 4.55
CA LEU B 33 12.87 -6.88 3.81
C LEU B 33 13.11 -7.86 2.61
N ASP B 34 12.75 -9.18 2.79
CA ASP B 34 12.74 -10.26 1.72
C ASP B 34 11.76 -9.90 0.54
N ARG B 35 10.49 -9.55 0.97
CA ARG B 35 9.35 -9.10 0.11
C ARG B 35 9.69 -7.78 -0.64
N LEU B 36 10.25 -6.77 0.12
CA LEU B 36 10.71 -5.47 -0.39
C LEU B 36 11.73 -5.51 -1.54
N ARG B 37 12.78 -6.42 -1.46
CA ARG B 37 13.87 -6.55 -2.45
C ARG B 37 13.42 -6.89 -3.89
N ARG B 38 12.63 -8.03 -4.05
CA ARG B 38 12.14 -8.50 -5.39
C ARG B 38 11.28 -7.48 -6.17
N ASP B 39 10.27 -6.88 -5.41
CA ASP B 39 9.32 -5.91 -5.95
C ASP B 39 9.91 -4.49 -6.09
N GLN B 40 11.10 -4.19 -5.41
CA GLN B 40 11.73 -2.84 -5.54
C GLN B 40 12.25 -2.63 -6.99
N LYS B 41 12.88 -3.71 -7.56
CA LYS B 41 13.45 -3.73 -8.95
C LYS B 41 12.34 -3.77 -10.06
N SER B 42 11.13 -4.24 -9.56
CA SER B 42 9.88 -4.41 -10.35
C SER B 42 9.14 -3.05 -10.47
N LEU B 43 9.02 -2.28 -9.31
CA LEU B 43 8.37 -0.94 -9.24
C LEU B 43 9.16 0.15 -10.01
N ARG B 44 10.53 0.15 -9.81
CA ARG B 44 11.51 1.05 -10.47
C ARG B 44 11.72 0.68 -11.97
N GLY B 45 11.73 -0.65 -12.35
CA GLY B 45 11.81 -1.10 -13.77
C GLY B 45 10.54 -0.76 -14.59
N ARG B 46 9.38 -0.68 -13.84
CA ARG B 46 8.06 -0.23 -14.34
C ARG B 46 8.10 1.31 -14.55
N GLY B 47 8.95 2.06 -13.76
CA GLY B 47 9.19 3.51 -13.96
C GLY B 47 9.84 3.88 -15.28
N SER B 48 10.81 3.00 -15.75
CA SER B 48 11.55 3.13 -17.04
C SER B 48 10.60 3.15 -18.28
N THR B 49 9.65 2.13 -18.32
CA THR B 49 8.56 1.92 -19.33
C THR B 49 7.64 3.17 -19.53
N LEU B 50 6.79 3.51 -18.51
CA LEU B 50 5.87 4.71 -18.61
C LEU B 50 6.65 6.08 -18.55
N GLY B 51 7.93 6.05 -18.08
CA GLY B 51 8.84 7.20 -18.09
C GLY B 51 8.82 8.10 -16.86
N LEU B 52 7.89 7.84 -15.91
CA LEU B 52 7.73 8.68 -14.71
C LEU B 52 8.80 8.42 -13.63
N ASP B 53 9.45 9.52 -13.16
CA ASP B 53 10.41 9.49 -12.04
C ASP B 53 9.66 9.12 -10.74
N ILE B 54 10.16 8.04 -10.11
CA ILE B 54 9.63 7.41 -8.86
C ILE B 54 9.46 8.42 -7.66
N GLU B 55 10.51 9.23 -7.30
CA GLU B 55 10.47 10.25 -6.18
C GLU B 55 9.39 11.36 -6.39
N THR B 56 9.33 11.91 -7.64
CA THR B 56 8.29 12.93 -8.02
C THR B 56 6.86 12.27 -8.05
N ALA B 57 6.81 10.94 -8.42
CA ALA B 57 5.57 10.11 -8.42
C ALA B 57 5.14 9.72 -6.97
N THR B 58 6.11 9.55 -5.96
CA THR B 58 5.75 9.23 -4.53
C THR B 58 5.02 10.43 -3.79
N ARG B 59 5.08 11.60 -4.54
CA ARG B 59 4.61 12.95 -4.08
C ARG B 59 3.34 13.40 -4.87
N ALA B 60 3.42 13.13 -6.22
CA ALA B 60 2.31 13.30 -7.22
C ALA B 60 1.15 12.35 -6.84
N GLY B 61 1.43 11.03 -6.53
CA GLY B 61 0.40 10.10 -6.02
C GLY B 61 -0.03 10.38 -4.58
N LYS B 62 0.90 10.88 -3.67
CA LYS B 62 0.54 11.36 -2.29
C LYS B 62 -0.72 12.32 -2.29
N GLN B 63 -0.66 13.37 -3.19
CA GLN B 63 -1.73 14.41 -3.40
C GLN B 63 -3.02 13.79 -4.01
N ILE B 64 -2.80 12.77 -4.93
CA ILE B 64 -3.89 12.04 -5.62
C ILE B 64 -4.74 11.25 -4.57
N VAL B 65 -4.15 10.27 -3.79
CA VAL B 65 -4.85 9.45 -2.69
C VAL B 65 -5.65 10.36 -1.69
N GLU B 66 -4.92 11.40 -1.21
CA GLU B 66 -5.40 12.43 -0.27
C GLU B 66 -6.70 13.09 -0.84
N ARG B 67 -6.50 14.08 -1.78
CA ARG B 67 -7.64 14.73 -2.54
C ARG B 67 -8.71 13.79 -3.20
N ILE B 68 -8.38 12.59 -3.83
CA ILE B 68 -9.44 11.68 -4.46
C ILE B 68 -10.41 10.98 -3.44
N LEU B 69 -10.10 11.08 -2.10
CA LEU B 69 -10.93 10.48 -1.03
C LEU B 69 -11.84 11.55 -0.37
N LYS B 70 -11.37 12.83 -0.43
CA LYS B 70 -12.13 14.06 0.04
C LYS B 70 -13.12 14.58 -1.10
N GLU B 71 -12.87 13.93 -2.28
CA GLU B 71 -13.58 14.06 -3.60
C GLU B 71 -14.78 13.06 -3.66
N GLU B 72 -14.42 11.73 -3.77
CA GLU B 72 -15.34 10.55 -3.80
C GLU B 72 -14.83 9.51 -2.76
N SER B 73 -15.67 8.88 -1.88
CA SER B 73 -15.14 7.89 -0.91
C SER B 73 -15.71 6.49 -1.15
N MET A 1 4.70 -14.20 17.00
CA MET A 1 5.55 -14.21 18.23
C MET A 1 5.66 -12.79 18.87
N ASP A 2 5.68 -11.73 17.99
CA ASP A 2 5.79 -10.29 18.38
C ASP A 2 4.57 -9.48 17.83
N SER A 3 4.25 -8.31 18.51
CA SER A 3 3.10 -7.43 18.12
C SER A 3 3.43 -6.37 17.01
N ASN A 4 4.73 -6.34 16.56
CA ASN A 4 5.22 -5.46 15.44
C ASN A 4 4.86 -6.09 14.04
N THR A 5 4.51 -7.42 14.06
CA THR A 5 4.07 -8.26 12.90
C THR A 5 2.52 -8.09 12.75
N VAL A 6 1.84 -7.69 13.88
CA VAL A 6 0.40 -7.39 13.94
C VAL A 6 0.23 -5.95 13.36
N SER A 7 1.25 -5.03 13.59
CA SER A 7 1.26 -3.64 13.03
C SER A 7 1.52 -3.62 11.47
N SER A 8 2.31 -4.65 10.89
CA SER A 8 2.53 -4.83 9.41
C SER A 8 1.28 -5.45 8.71
N PHE A 9 0.36 -6.02 9.55
CA PHE A 9 -0.94 -6.54 9.07
C PHE A 9 -1.96 -5.36 9.10
N GLN A 10 -1.85 -4.45 10.16
CA GLN A 10 -2.71 -3.23 10.35
C GLN A 10 -2.49 -2.17 9.22
N VAL A 11 -1.18 -1.96 8.78
CA VAL A 11 -0.81 -1.04 7.65
C VAL A 11 -1.26 -1.67 6.28
N ASP A 12 -1.11 -3.04 6.09
CA ASP A 12 -1.62 -3.75 4.88
C ASP A 12 -3.17 -3.68 4.73
N CYS A 13 -3.92 -3.66 5.90
CA CYS A 13 -5.42 -3.52 5.92
C CYS A 13 -5.84 -2.09 5.46
N PHE A 14 -5.05 -1.04 5.90
CA PHE A 14 -5.23 0.39 5.50
C PHE A 14 -4.89 0.56 4.01
N LEU A 15 -3.68 0.06 3.55
CA LEU A 15 -3.23 0.15 2.15
C LEU A 15 -4.19 -0.60 1.18
N TRP A 16 -4.73 -1.80 1.56
CA TRP A 16 -5.72 -2.53 0.74
C TRP A 16 -7.12 -1.83 0.68
N HIS A 17 -7.48 -0.95 1.69
CA HIS A 17 -8.75 -0.18 1.68
C HIS A 17 -8.51 1.11 0.80
N VAL A 18 -7.19 1.43 0.65
CA VAL A 18 -6.65 2.53 -0.21
C VAL A 18 -6.71 2.07 -1.72
N ARG A 19 -6.37 0.76 -1.98
CA ARG A 19 -6.43 0.13 -3.34
C ARG A 19 -7.90 -0.24 -3.75
N LYS A 20 -8.79 -0.54 -2.73
CA LYS A 20 -10.23 -0.86 -2.97
C LYS A 20 -11.14 0.44 -3.03
N ARG A 21 -10.56 1.60 -2.61
CA ARG A 21 -11.14 2.97 -2.68
C ARG A 21 -10.82 3.51 -4.11
N PHE A 22 -9.75 2.90 -4.71
CA PHE A 22 -9.28 3.13 -6.10
C PHE A 22 -10.02 2.21 -7.15
N ALA A 23 -10.09 0.86 -6.91
CA ALA A 23 -10.77 -0.14 -7.80
C ALA A 23 -12.34 0.05 -7.90
N ASP A 24 -12.99 0.32 -6.71
CA ASP A 24 -14.47 0.58 -6.58
C ASP A 24 -14.95 1.96 -7.16
N GLN A 25 -13.95 2.79 -7.59
CA GLN A 25 -14.06 4.12 -8.25
C GLN A 25 -13.76 4.00 -9.78
N GLU A 26 -13.24 2.77 -10.22
CA GLU A 26 -12.83 2.41 -11.64
C GLU A 26 -11.63 3.24 -12.18
N LEU A 27 -10.53 3.16 -11.36
CA LEU A 27 -9.22 3.82 -11.58
C LEU A 27 -8.16 2.78 -11.96
N GLY A 28 -7.52 3.10 -13.11
CA GLY A 28 -6.54 2.22 -13.78
C GLY A 28 -7.25 1.48 -14.89
N ASP A 29 -6.66 0.40 -15.45
CA ASP A 29 -7.36 -0.39 -16.48
C ASP A 29 -7.90 -1.71 -15.83
N ALA A 30 -8.44 -2.63 -16.67
CA ALA A 30 -8.98 -3.96 -16.24
C ALA A 30 -7.99 -4.90 -15.41
N PRO A 31 -6.57 -5.02 -15.70
CA PRO A 31 -5.67 -5.95 -14.91
C PRO A 31 -5.55 -5.67 -13.35
N PHE A 32 -5.94 -4.42 -12.88
CA PHE A 32 -5.90 -4.02 -11.44
C PHE A 32 -6.97 -4.80 -10.58
N LEU A 33 -8.10 -5.22 -11.28
CA LEU A 33 -9.23 -6.06 -10.74
C LEU A 33 -8.76 -7.57 -10.72
N ASP A 34 -7.93 -7.98 -11.76
CA ASP A 34 -7.24 -9.34 -11.86
C ASP A 34 -6.28 -9.60 -10.64
N ARG A 35 -5.39 -8.55 -10.37
CA ARG A 35 -4.39 -8.47 -9.24
C ARG A 35 -5.11 -8.47 -7.87
N LEU A 36 -6.22 -7.63 -7.73
CA LEU A 36 -7.09 -7.53 -6.54
C LEU A 36 -7.72 -8.85 -6.05
N ARG A 37 -8.27 -9.72 -6.98
CA ARG A 37 -8.97 -11.00 -6.66
C ARG A 37 -8.10 -12.04 -5.92
N ARG A 38 -6.86 -12.37 -6.50
CA ARG A 38 -5.93 -13.38 -5.92
C ARG A 38 -5.43 -13.08 -4.49
N ASP A 39 -4.99 -11.77 -4.31
CA ASP A 39 -4.44 -11.26 -3.05
C ASP A 39 -5.52 -10.94 -1.98
N GLN A 40 -6.84 -10.78 -2.41
CA GLN A 40 -7.94 -10.48 -1.43
C GLN A 40 -8.16 -11.69 -0.48
N LYS A 41 -8.13 -12.94 -1.06
CA LYS A 41 -8.31 -14.23 -0.32
C LYS A 41 -7.07 -14.60 0.55
N SER A 42 -5.91 -14.00 0.11
CA SER A 42 -4.55 -14.15 0.72
C SER A 42 -4.40 -13.24 1.96
N LEU A 43 -4.86 -11.93 1.85
CA LEU A 43 -4.83 -10.91 2.94
C LEU A 43 -5.84 -11.22 4.09
N ARG A 44 -7.11 -11.60 3.70
CA ARG A 44 -8.22 -12.01 4.62
C ARG A 44 -7.96 -13.39 5.27
N GLY A 45 -7.35 -14.39 4.51
CA GLY A 45 -6.95 -15.70 5.07
C GLY A 45 -5.74 -15.62 6.05
N ARG A 46 -4.92 -14.53 5.82
CA ARG A 46 -3.78 -14.12 6.70
C ARG A 46 -4.37 -13.46 7.98
N GLY A 47 -5.60 -12.82 7.89
CA GLY A 47 -6.34 -12.27 9.06
C GLY A 47 -6.79 -13.32 10.07
N SER A 48 -7.20 -14.52 9.52
CA SER A 48 -7.64 -15.73 10.29
C SER A 48 -6.54 -16.26 11.28
N THR A 49 -5.27 -16.39 10.72
CA THR A 49 -4.02 -16.81 11.44
C THR A 49 -3.62 -15.90 12.66
N LEU A 50 -3.38 -14.56 12.44
CA LEU A 50 -3.03 -13.64 13.60
C LEU A 50 -4.29 -13.21 14.45
N GLY A 51 -5.51 -13.46 13.91
CA GLY A 51 -6.80 -13.25 14.63
C GLY A 51 -7.44 -11.86 14.59
N LEU A 52 -6.82 -10.90 13.85
CA LEU A 52 -7.34 -9.51 13.80
C LEU A 52 -8.38 -9.27 12.68
N ASP A 53 -9.53 -8.63 13.05
CA ASP A 53 -10.61 -8.22 12.12
C ASP A 53 -10.10 -7.09 11.18
N ILE A 54 -10.25 -7.38 9.85
CA ILE A 54 -9.82 -6.53 8.71
C ILE A 54 -10.39 -5.04 8.71
N GLU A 55 -11.73 -4.82 8.95
CA GLU A 55 -12.35 -3.43 9.02
C GLU A 55 -11.82 -2.55 10.22
N THR A 56 -11.74 -3.16 11.45
CA THR A 56 -11.18 -2.47 12.67
C THR A 56 -9.64 -2.18 12.51
N ALA A 57 -8.96 -3.09 11.75
CA ALA A 57 -7.54 -2.96 11.38
C ALA A 57 -7.32 -1.88 10.27
N THR A 58 -8.36 -1.59 9.34
CA THR A 58 -8.23 -0.49 8.31
C THR A 58 -8.16 0.95 8.96
N ARG A 59 -8.66 0.95 10.26
CA ARG A 59 -8.86 2.18 11.09
C ARG A 59 -7.66 2.37 12.10
N ALA A 60 -7.28 1.19 12.70
CA ALA A 60 -6.10 1.00 13.61
C ALA A 60 -4.77 1.33 12.86
N GLY A 61 -4.57 0.80 11.60
CA GLY A 61 -3.42 1.20 10.74
C GLY A 61 -3.50 2.63 10.20
N LYS A 62 -4.75 3.16 9.87
CA LYS A 62 -4.98 4.60 9.49
C LYS A 62 -4.31 5.61 10.50
N GLN A 63 -4.58 5.41 11.85
CA GLN A 63 -4.02 6.24 12.97
C GLN A 63 -2.47 6.04 13.12
N ILE A 64 -2.06 4.76 12.86
CA ILE A 64 -0.65 4.24 12.90
C ILE A 64 0.24 4.79 11.68
N VAL A 65 -0.44 5.35 10.64
CA VAL A 65 0.23 5.97 9.43
C VAL A 65 0.46 7.50 9.76
N GLU A 66 -0.61 8.08 10.33
CA GLU A 66 -0.70 9.50 10.75
C GLU A 66 0.32 9.84 11.94
N ARG A 67 0.10 9.06 13.04
CA ARG A 67 0.82 9.14 14.36
C ARG A 67 2.26 8.53 14.43
N ILE A 68 2.56 7.27 13.93
CA ILE A 68 3.96 6.70 13.97
C ILE A 68 4.94 7.22 12.84
N LEU A 69 4.38 7.87 11.77
CA LEU A 69 5.21 8.41 10.63
C LEU A 69 5.71 9.84 10.94
N LYS A 70 5.07 10.60 11.90
CA LYS A 70 5.60 11.93 12.39
C LYS A 70 6.63 11.75 13.60
N GLU A 71 6.79 10.42 13.95
CA GLU A 71 7.70 9.91 15.05
C GLU A 71 9.20 9.74 14.59
N GLU A 72 9.39 9.08 13.39
CA GLU A 72 10.67 8.86 12.66
C GLU A 72 10.32 8.81 11.15
N SER A 73 11.12 9.40 10.19
CA SER A 73 10.76 9.30 8.74
C SER A 73 11.89 8.63 7.93
N MET B 1 -1.69 3.36 -22.29
CA MET B 1 -2.69 3.90 -23.27
C MET B 1 -3.52 5.06 -22.64
N ASP B 2 -3.80 4.94 -21.29
CA ASP B 2 -4.58 5.94 -20.49
C ASP B 2 -3.74 6.47 -19.30
N SER B 3 -4.09 7.70 -18.77
CA SER B 3 -3.37 8.37 -17.65
C SER B 3 -3.89 7.94 -16.22
N ASN B 4 -4.95 7.07 -16.18
CA ASN B 4 -5.52 6.49 -14.92
C ASN B 4 -4.66 5.26 -14.43
N THR B 5 -3.77 4.75 -15.36
CA THR B 5 -2.79 3.64 -15.16
C THR B 5 -1.46 4.28 -14.63
N VAL B 6 -1.28 5.60 -14.90
CA VAL B 6 -0.14 6.41 -14.42
C VAL B 6 -0.47 6.79 -12.95
N SER B 7 -1.81 7.01 -12.62
CA SER B 7 -2.30 7.29 -11.24
C SER B 7 -2.20 6.03 -10.30
N SER B 8 -2.33 4.74 -10.85
CA SER B 8 -2.15 3.45 -10.09
C SER B 8 -0.63 3.11 -9.86
N PHE B 9 0.25 3.87 -10.59
CA PHE B 9 1.71 3.80 -10.41
C PHE B 9 2.10 4.88 -9.33
N GLN B 10 1.40 6.07 -9.36
CA GLN B 10 1.60 7.21 -8.39
C GLN B 10 1.18 6.81 -6.94
N VAL B 11 0.04 6.04 -6.77
CA VAL B 11 -0.44 5.51 -5.45
C VAL B 11 0.50 4.36 -4.97
N ASP B 12 0.99 3.46 -5.89
CA ASP B 12 1.99 2.40 -5.55
C ASP B 12 3.37 2.98 -5.08
N CYS B 13 3.78 4.17 -5.65
CA CYS B 13 5.02 4.89 -5.25
C CYS B 13 4.90 5.47 -3.79
N PHE B 14 3.66 6.01 -3.46
CA PHE B 14 3.31 6.53 -2.11
C PHE B 14 3.24 5.35 -1.10
N LEU B 15 2.48 4.25 -1.45
CA LEU B 15 2.34 3.07 -0.57
C LEU B 15 3.70 2.36 -0.31
N TRP B 16 4.60 2.25 -1.36
CA TRP B 16 5.96 1.69 -1.15
C TRP B 16 6.91 2.59 -0.31
N HIS B 17 6.64 3.94 -0.22
CA HIS B 17 7.44 4.88 0.62
C HIS B 17 6.87 4.79 2.09
N VAL B 18 5.59 4.29 2.16
CA VAL B 18 4.84 3.99 3.41
C VAL B 18 5.40 2.66 4.02
N ARG B 19 5.69 1.64 3.14
CA ARG B 19 6.31 0.33 3.55
C ARG B 19 7.85 0.46 3.84
N LYS B 20 8.55 1.44 3.16
CA LYS B 20 10.02 1.70 3.38
C LYS B 20 10.28 2.74 4.54
N ARG B 21 9.18 3.35 5.07
CA ARG B 21 9.12 4.26 6.26
C ARG B 21 8.89 3.33 7.49
N PHE B 22 8.36 2.11 7.18
CA PHE B 22 8.13 1.01 8.14
C PHE B 22 9.38 0.06 8.27
N ALA B 23 9.97 -0.42 7.12
CA ALA B 23 11.19 -1.30 7.08
C ALA B 23 12.51 -0.61 7.61
N ASP B 24 12.71 0.70 7.19
CA ASP B 24 13.89 1.55 7.61
C ASP B 24 13.84 2.05 9.11
N GLN B 25 12.72 1.71 9.80
CA GLN B 25 12.38 1.95 11.23
C GLN B 25 12.49 0.62 12.04
N GLU B 26 12.64 -0.57 11.30
CA GLU B 26 12.73 -1.98 11.84
C GLU B 26 11.42 -2.46 12.55
N LEU B 27 10.32 -2.35 11.75
CA LEU B 27 8.93 -2.73 12.11
C LEU B 27 8.51 -4.01 11.36
N GLY B 28 8.06 -4.97 12.20
CA GLY B 28 7.70 -6.32 11.77
C GLY B 28 8.87 -7.23 12.06
N ASP B 29 8.92 -8.45 11.48
CA ASP B 29 10.08 -9.34 11.68
C ASP B 29 10.98 -9.31 10.42
N ALA B 30 12.03 -10.18 10.35
CA ALA B 30 12.97 -10.32 9.21
C ALA B 30 12.32 -10.60 7.79
N PRO B 31 11.18 -11.49 7.58
CA PRO B 31 10.62 -11.75 6.19
C PRO B 31 10.06 -10.50 5.40
N PHE B 32 9.80 -9.34 6.12
CA PHE B 32 9.30 -8.07 5.48
C PHE B 32 10.40 -7.39 4.58
N LEU B 33 11.70 -7.64 4.94
CA LEU B 33 12.95 -7.21 4.21
C LEU B 33 13.17 -8.16 2.98
N ASP B 34 12.82 -9.50 3.16
CA ASP B 34 12.80 -10.56 2.08
C ASP B 34 11.81 -10.21 0.90
N ARG B 35 10.52 -9.83 1.33
CA ARG B 35 9.38 -9.38 0.47
C ARG B 35 9.73 -8.05 -0.25
N LEU B 36 10.32 -7.05 0.51
CA LEU B 36 10.80 -5.74 0.01
C LEU B 36 11.81 -5.78 -1.16
N ARG B 37 12.86 -6.70 -1.10
CA ARG B 37 13.95 -6.82 -2.11
C ARG B 37 13.47 -7.18 -3.53
N ARG B 38 12.64 -8.30 -3.67
CA ARG B 38 12.13 -8.79 -4.98
C ARG B 38 11.26 -7.76 -5.76
N ASP B 39 10.28 -7.14 -5.00
CA ASP B 39 9.31 -6.18 -5.53
C ASP B 39 9.90 -4.76 -5.74
N GLN B 40 11.10 -4.43 -5.08
CA GLN B 40 11.73 -3.10 -5.25
C GLN B 40 12.24 -2.92 -6.70
N LYS B 41 12.86 -4.00 -7.28
CA LYS B 41 13.41 -4.04 -8.67
C LYS B 41 12.29 -4.11 -9.76
N SER B 42 11.10 -4.61 -9.26
CA SER B 42 9.85 -4.82 -10.04
C SER B 42 9.07 -3.49 -10.18
N LEU B 43 8.94 -2.70 -9.05
CA LEU B 43 8.27 -1.38 -8.98
C LEU B 43 9.04 -0.25 -9.74
N ARG B 44 10.40 -0.20 -9.51
CA ARG B 44 11.37 0.74 -10.16
C ARG B 44 11.58 0.40 -11.65
N GLY B 45 11.63 -0.93 -12.04
CA GLY B 45 11.72 -1.37 -13.47
C GLY B 45 10.41 -1.11 -14.28
N ARG B 46 9.27 -1.07 -13.49
CA ARG B 46 7.92 -0.69 -13.98
C ARG B 46 7.89 0.86 -14.18
N GLY B 47 8.74 1.65 -13.38
CA GLY B 47 8.91 3.10 -13.57
C GLY B 47 9.55 3.51 -14.90
N SER B 48 10.53 2.65 -15.37
CA SER B 48 11.29 2.79 -16.66
C SER B 48 10.33 2.79 -17.91
N THR B 49 9.38 1.78 -17.91
CA THR B 49 8.28 1.56 -18.92
C THR B 49 7.34 2.80 -19.10
N LEU B 50 6.51 3.16 -18.06
CA LEU B 50 5.59 4.37 -18.17
C LEU B 50 6.36 5.76 -18.13
N GLY B 51 7.65 5.74 -17.67
CA GLY B 51 8.55 6.93 -17.71
C GLY B 51 8.58 7.85 -16.49
N LEU B 52 7.68 7.63 -15.50
CA LEU B 52 7.57 8.50 -14.31
C LEU B 52 8.66 8.25 -13.22
N ASP B 53 9.31 9.34 -12.74
CA ASP B 53 10.30 9.31 -11.62
C ASP B 53 9.57 8.97 -10.28
N ILE B 54 10.10 7.90 -9.63
CA ILE B 54 9.59 7.30 -8.36
C ILE B 54 9.47 8.30 -7.13
N GLU B 55 10.51 9.15 -6.83
CA GLU B 55 10.46 10.20 -5.70
C GLU B 55 9.36 11.31 -5.92
N THR B 56 9.30 11.88 -7.18
CA THR B 56 8.26 12.92 -7.56
C THR B 56 6.81 12.29 -7.55
N ALA B 57 6.76 10.96 -7.87
CA ALA B 57 5.52 10.15 -7.83
C ALA B 57 5.12 9.80 -6.36
N THR B 58 6.12 9.70 -5.36
CA THR B 58 5.76 9.44 -3.90
C THR B 58 4.99 10.65 -3.22
N ARG B 59 5.03 11.80 -4.00
CA ARG B 59 4.52 13.14 -3.55
C ARG B 59 3.21 13.51 -4.33
N ALA B 60 3.25 13.17 -5.67
CA ALA B 60 2.11 13.25 -6.64
C ALA B 60 0.96 12.30 -6.19
N GLY B 61 1.27 11.00 -5.80
CA GLY B 61 0.26 10.09 -5.21
C GLY B 61 -0.14 10.45 -3.77
N LYS B 62 0.81 10.99 -2.92
CA LYS B 62 0.48 11.56 -1.54
C LYS B 62 -0.75 12.55 -1.57
N GLN B 63 -0.71 13.57 -2.52
CA GLN B 63 -1.79 14.58 -2.74
C GLN B 63 -3.09 13.90 -3.30
N ILE B 64 -2.87 12.88 -4.19
CA ILE B 64 -3.91 12.06 -4.87
C ILE B 64 -4.63 10.99 -3.91
N VAL B 65 -4.16 10.92 -2.63
CA VAL B 65 -4.74 10.04 -1.55
C VAL B 65 -5.63 10.96 -0.65
N GLU B 66 -5.04 12.13 -0.36
CA GLU B 66 -5.64 13.22 0.44
C GLU B 66 -6.92 13.87 -0.26
N ARG B 67 -6.62 14.34 -1.52
CA ARG B 67 -7.56 15.05 -2.45
C ARG B 67 -8.58 14.18 -3.26
N ILE B 68 -8.21 13.02 -3.92
CA ILE B 68 -9.24 12.18 -4.68
C ILE B 68 -10.06 11.17 -3.78
N LEU B 69 -9.68 11.02 -2.47
CA LEU B 69 -10.39 10.10 -1.53
C LEU B 69 -11.49 10.87 -0.75
N LYS B 70 -11.43 12.26 -0.67
CA LYS B 70 -12.57 13.08 -0.09
C LYS B 70 -13.64 13.48 -1.20
N GLU B 71 -13.36 12.89 -2.40
CA GLU B 71 -14.14 13.00 -3.69
C GLU B 71 -15.32 11.98 -3.70
N GLU B 72 -14.93 10.65 -3.77
CA GLU B 72 -15.79 9.44 -3.73
C GLU B 72 -15.15 8.44 -2.71
N SER B 73 -15.90 7.74 -1.79
CA SER B 73 -15.25 6.78 -0.86
C SER B 73 -15.77 5.34 -1.05
N MET A 1 3.54 -2.77 17.21
CA MET A 1 4.48 -1.90 17.98
C MET A 1 5.34 -2.75 18.97
N ASP A 2 4.68 -3.77 19.62
CA ASP A 2 5.32 -4.70 20.60
C ASP A 2 5.50 -6.13 20.02
N SER A 3 4.98 -6.36 18.78
CA SER A 3 5.03 -7.65 18.02
C SER A 3 4.82 -7.24 16.53
N ASN A 4 5.89 -7.50 15.72
CA ASN A 4 6.01 -7.12 14.27
C ASN A 4 5.19 -7.99 13.25
N THR A 5 4.58 -9.10 13.73
CA THR A 5 3.74 -10.01 12.91
C THR A 5 2.26 -9.48 12.85
N VAL A 6 1.85 -8.78 13.96
CA VAL A 6 0.47 -8.25 14.13
C VAL A 6 0.36 -6.81 13.54
N SER A 7 1.42 -5.93 13.73
CA SER A 7 1.47 -4.57 13.11
C SER A 7 1.72 -4.60 11.56
N SER A 8 2.43 -5.67 11.02
CA SER A 8 2.63 -5.89 9.53
C SER A 8 1.32 -6.43 8.87
N PHE A 9 0.38 -6.98 9.72
CA PHE A 9 -0.93 -7.44 9.23
C PHE A 9 -1.95 -6.23 9.23
N GLN A 10 -1.95 -5.40 10.34
CA GLN A 10 -2.83 -4.18 10.54
C GLN A 10 -2.55 -3.05 9.50
N VAL A 11 -1.24 -2.79 9.19
CA VAL A 11 -0.78 -1.79 8.17
C VAL A 11 -1.10 -2.30 6.72
N ASP A 12 -0.94 -3.65 6.43
CA ASP A 12 -1.35 -4.26 5.12
C ASP A 12 -2.91 -4.23 4.92
N CYS A 13 -3.72 -4.27 6.06
CA CYS A 13 -5.23 -4.16 6.04
C CYS A 13 -5.71 -2.74 5.59
N PHE A 14 -5.00 -1.65 6.08
CA PHE A 14 -5.23 -0.23 5.68
C PHE A 14 -4.84 -0.06 4.20
N LEU A 15 -3.62 -0.58 3.81
CA LEU A 15 -3.10 -0.49 2.44
C LEU A 15 -3.96 -1.24 1.39
N TRP A 16 -4.55 -2.45 1.74
CA TRP A 16 -5.55 -3.14 0.91
C TRP A 16 -6.89 -2.32 0.73
N HIS A 17 -7.36 -1.54 1.78
CA HIS A 17 -8.62 -0.70 1.70
C HIS A 17 -8.33 0.59 0.85
N VAL A 18 -7.02 0.97 0.83
CA VAL A 18 -6.47 2.10 0.03
C VAL A 18 -6.46 1.65 -1.48
N ARG A 19 -6.08 0.35 -1.74
CA ARG A 19 -6.06 -0.26 -3.10
C ARG A 19 -7.52 -0.62 -3.60
N LYS A 20 -8.49 -0.94 -2.64
CA LYS A 20 -9.92 -1.26 -2.96
C LYS A 20 -10.85 0.02 -3.05
N ARG A 21 -10.29 1.18 -2.59
CA ARG A 21 -10.86 2.59 -2.63
C ARG A 21 -10.44 3.22 -3.99
N PHE A 22 -9.33 2.66 -4.55
CA PHE A 22 -8.76 2.97 -5.87
C PHE A 22 -9.47 2.09 -6.99
N ALA A 23 -9.59 0.73 -6.79
CA ALA A 23 -10.26 -0.22 -7.75
C ALA A 23 -11.81 0.05 -7.95
N ASP A 24 -12.52 0.34 -6.80
CA ASP A 24 -14.01 0.66 -6.75
C ASP A 24 -14.41 2.08 -7.32
N GLN A 25 -13.40 2.94 -7.65
CA GLN A 25 -13.49 4.33 -8.22
C GLN A 25 -13.17 4.38 -9.76
N GLU A 26 -13.10 3.16 -10.46
CA GLU A 26 -12.86 3.03 -11.99
C GLU A 26 -11.35 3.12 -12.41
N LEU A 27 -10.43 2.95 -11.42
CA LEU A 27 -8.97 3.07 -11.65
C LEU A 27 -8.29 1.67 -11.70
N GLY A 28 -9.15 0.62 -11.56
CA GLY A 28 -8.72 -0.76 -11.57
C GLY A 28 -8.88 -1.44 -12.92
N ASP A 29 -7.69 -1.66 -13.53
CA ASP A 29 -7.51 -2.36 -14.83
C ASP A 29 -7.01 -3.81 -14.54
N ALA A 30 -6.69 -4.68 -15.58
CA ALA A 30 -6.26 -6.09 -15.36
C ALA A 30 -5.03 -6.28 -14.39
N PRO A 31 -3.80 -5.51 -14.46
CA PRO A 31 -2.66 -5.69 -13.47
C PRO A 31 -3.05 -5.46 -11.96
N PHE A 32 -3.94 -4.43 -11.64
CA PHE A 32 -4.38 -4.14 -10.25
C PHE A 32 -5.30 -5.22 -9.58
N LEU A 33 -6.35 -5.70 -10.35
CA LEU A 33 -7.38 -6.70 -9.91
C LEU A 33 -6.83 -8.16 -9.89
N ASP A 34 -5.86 -8.47 -10.83
CA ASP A 34 -5.11 -9.78 -10.90
C ASP A 34 -4.30 -10.03 -9.59
N ARG A 35 -3.49 -8.97 -9.21
CA ARG A 35 -2.66 -8.91 -7.98
C ARG A 35 -3.53 -8.88 -6.70
N LEU A 36 -4.69 -8.09 -6.69
CA LEU A 36 -5.67 -8.01 -5.58
C LEU A 36 -6.36 -9.31 -5.16
N ARG A 37 -6.93 -10.16 -6.12
CA ARG A 37 -7.68 -11.44 -5.84
C ARG A 37 -6.83 -12.57 -5.19
N ARG A 38 -5.57 -12.69 -5.77
CA ARG A 38 -4.55 -13.73 -5.41
C ARG A 38 -4.10 -13.59 -3.93
N ASP A 39 -3.73 -12.30 -3.61
CA ASP A 39 -3.27 -11.86 -2.30
C ASP A 39 -4.46 -11.57 -1.33
N GLN A 40 -5.75 -11.42 -1.85
CA GLN A 40 -6.90 -11.13 -0.94
C GLN A 40 -7.21 -12.35 -0.03
N LYS A 41 -7.19 -13.62 -0.61
CA LYS A 41 -7.44 -14.91 0.11
C LYS A 41 -6.26 -15.28 1.05
N SER A 42 -5.07 -14.64 0.69
CA SER A 42 -3.78 -14.79 1.40
C SER A 42 -3.78 -13.84 2.65
N LEU A 43 -4.30 -12.55 2.48
CA LEU A 43 -4.43 -11.52 3.55
C LEU A 43 -5.50 -11.90 4.60
N ARG A 44 -6.75 -12.26 4.12
CA ARG A 44 -7.93 -12.70 4.94
C ARG A 44 -7.70 -14.12 5.56
N GLY A 45 -7.00 -15.08 4.84
CA GLY A 45 -6.63 -16.41 5.42
C GLY A 45 -5.64 -16.31 6.61
N ARG A 46 -4.76 -15.24 6.50
CA ARG A 46 -3.76 -14.84 7.52
C ARG A 46 -4.49 -14.18 8.74
N GLY A 47 -5.71 -13.52 8.53
CA GLY A 47 -6.54 -12.99 9.63
C GLY A 47 -7.08 -14.04 10.61
N SER A 48 -7.47 -15.25 10.05
CA SER A 48 -7.98 -16.45 10.79
C SER A 48 -6.96 -17.00 11.83
N THR A 49 -5.65 -17.17 11.34
CA THR A 49 -4.45 -17.63 12.14
C THR A 49 -4.09 -16.73 13.39
N LEU A 50 -3.78 -15.41 13.16
CA LEU A 50 -3.47 -14.49 14.32
C LEU A 50 -4.76 -14.00 15.08
N GLY A 51 -5.94 -14.20 14.43
CA GLY A 51 -7.28 -13.98 15.02
C GLY A 51 -7.78 -12.55 15.13
N LEU A 52 -7.69 -11.69 14.07
CA LEU A 52 -8.13 -10.29 14.15
C LEU A 52 -9.14 -9.98 13.02
N ASP A 53 -10.22 -9.23 13.33
CA ASP A 53 -11.22 -8.75 12.32
C ASP A 53 -10.58 -7.70 11.37
N ILE A 54 -10.64 -8.06 10.06
CA ILE A 54 -10.08 -7.30 8.88
C ILE A 54 -10.65 -5.81 8.73
N GLU A 55 -12.00 -5.60 8.89
CA GLU A 55 -12.65 -4.22 8.85
C GLU A 55 -12.17 -3.26 10.01
N THR A 56 -12.08 -3.78 11.29
CA THR A 56 -11.56 -3.00 12.47
C THR A 56 -10.01 -2.80 12.34
N ALA A 57 -9.33 -3.78 11.61
CA ALA A 57 -7.88 -3.70 11.31
C ALA A 57 -7.59 -2.62 10.20
N THR A 58 -8.58 -2.30 9.24
CA THR A 58 -8.37 -1.20 8.23
C THR A 58 -8.33 0.24 8.91
N ARG A 59 -8.89 0.21 10.20
CA ARG A 59 -9.09 1.44 11.05
C ARG A 59 -7.92 1.56 12.12
N ALA A 60 -7.60 0.36 12.71
CA ALA A 60 -6.47 0.12 13.68
C ALA A 60 -5.11 0.45 13.00
N GLY A 61 -4.85 -0.10 11.75
CA GLY A 61 -3.65 0.26 10.96
C GLY A 61 -3.69 1.67 10.37
N LYS A 62 -4.92 2.23 10.05
CA LYS A 62 -5.07 3.69 9.66
C LYS A 62 -4.34 4.65 10.66
N GLN A 63 -4.52 4.42 12.02
CA GLN A 63 -3.88 5.21 13.13
C GLN A 63 -2.32 4.97 13.19
N ILE A 64 -1.93 3.70 12.87
CA ILE A 64 -0.50 3.23 12.87
C ILE A 64 0.30 3.73 11.57
N VAL A 65 -0.43 4.15 10.50
CA VAL A 65 0.22 4.69 9.23
C VAL A 65 0.35 6.25 9.36
N GLU A 66 -0.87 6.86 9.59
CA GLU A 66 -1.08 8.33 9.79
C GLU A 66 -0.21 8.84 10.98
N ARG A 67 -0.61 8.44 12.26
CA ARG A 67 0.24 8.75 13.47
C ARG A 67 1.73 8.32 13.41
N ILE A 68 2.15 7.13 12.80
CA ILE A 68 3.62 6.75 12.73
C ILE A 68 4.51 7.75 11.86
N LEU A 69 3.85 8.61 10.98
CA LEU A 69 4.62 9.60 10.14
C LEU A 69 4.78 10.97 10.91
N LYS A 70 3.75 11.32 11.78
CA LYS A 70 3.76 12.57 12.66
C LYS A 70 4.58 12.36 14.02
N GLU A 71 4.80 11.03 14.25
CA GLU A 71 5.54 10.36 15.39
C GLU A 71 7.09 10.21 15.14
N GLU A 72 7.67 11.03 14.20
CA GLU A 72 9.09 10.91 13.81
C GLU A 72 10.06 11.97 14.44
N SER A 73 9.52 13.13 14.98
CA SER A 73 10.35 14.22 15.55
C SER A 73 10.30 14.24 17.09
N MET B 1 -5.51 9.90 -13.71
CA MET B 1 -6.88 10.51 -13.73
C MET B 1 -7.49 10.47 -15.17
N ASP B 2 -6.61 10.69 -16.20
CA ASP B 2 -6.99 10.67 -17.66
C ASP B 2 -6.42 9.43 -18.40
N SER B 3 -5.62 8.59 -17.68
CA SER B 3 -4.95 7.35 -18.16
C SER B 3 -4.63 6.54 -16.88
N ASN B 4 -5.28 5.34 -16.79
CA ASN B 4 -5.24 4.41 -15.60
C ASN B 4 -3.95 3.54 -15.44
N THR B 5 -3.02 3.62 -16.43
CA THR B 5 -1.72 2.89 -16.41
C THR B 5 -0.63 3.75 -15.69
N VAL B 6 -0.81 5.11 -15.74
CA VAL B 6 0.14 6.09 -15.17
C VAL B 6 -0.26 6.46 -13.71
N SER B 7 -1.60 6.58 -13.40
CA SER B 7 -2.10 6.81 -12.01
C SER B 7 -1.98 5.52 -11.11
N SER B 8 -2.04 4.26 -11.71
CA SER B 8 -1.81 2.97 -10.98
C SER B 8 -0.29 2.73 -10.70
N PHE B 9 0.60 3.51 -11.41
CA PHE B 9 2.06 3.45 -11.19
C PHE B 9 2.43 4.50 -10.07
N GLN B 10 1.85 5.76 -10.16
CA GLN B 10 2.08 6.91 -9.20
C GLN B 10 1.57 6.60 -7.76
N VAL B 11 0.36 5.95 -7.64
CA VAL B 11 -0.26 5.50 -6.35
C VAL B 11 0.55 4.29 -5.75
N ASP B 12 1.04 3.32 -6.60
CA ASP B 12 1.93 2.21 -6.14
C ASP B 12 3.34 2.72 -5.66
N CYS B 13 3.83 3.89 -6.24
CA CYS B 13 5.11 4.58 -5.84
C CYS B 13 5.03 5.18 -4.39
N PHE B 14 3.83 5.81 -4.04
CA PHE B 14 3.52 6.34 -2.67
C PHE B 14 3.42 5.15 -1.70
N LEU B 15 2.64 4.08 -2.09
CA LEU B 15 2.43 2.88 -1.27
C LEU B 15 3.72 2.07 -0.98
N TRP B 16 4.68 1.98 -1.98
CA TRP B 16 6.03 1.41 -1.76
C TRP B 16 6.89 2.27 -0.75
N HIS B 17 6.77 3.66 -0.74
CA HIS B 17 7.54 4.56 0.20
C HIS B 17 6.92 4.47 1.63
N VAL B 18 5.60 4.10 1.66
CA VAL B 18 4.81 3.86 2.90
C VAL B 18 5.30 2.49 3.51
N ARG B 19 5.56 1.47 2.63
CA ARG B 19 6.10 0.14 3.04
C ARG B 19 7.64 0.20 3.38
N LYS B 20 8.43 1.17 2.74
CA LYS B 20 9.90 1.36 3.01
C LYS B 20 10.20 2.40 4.18
N ARG B 21 9.12 3.02 4.70
CA ARG B 21 9.02 3.96 5.88
C ARG B 21 8.67 3.10 7.12
N PHE B 22 8.03 1.93 6.83
CA PHE B 22 7.69 0.86 7.77
C PHE B 22 8.91 -0.12 7.97
N ALA B 23 9.55 -0.61 6.84
CA ALA B 23 10.75 -1.53 6.88
C ALA B 23 12.04 -0.88 7.52
N ASP B 24 12.30 0.42 7.16
CA ASP B 24 13.48 1.25 7.68
C ASP B 24 13.36 1.74 9.18
N GLN B 25 12.17 1.49 9.83
CA GLN B 25 11.78 1.82 11.24
C GLN B 25 11.82 0.57 12.20
N GLU B 26 12.37 -0.63 11.71
CA GLU B 26 12.54 -1.93 12.54
C GLU B 26 11.28 -2.86 12.53
N LEU B 27 10.30 -2.56 11.62
CA LEU B 27 9.01 -3.30 11.53
C LEU B 27 9.02 -4.33 10.38
N GLY B 28 10.19 -4.40 9.70
CA GLY B 28 10.41 -5.31 8.58
C GLY B 28 11.12 -6.60 8.97
N ASP B 29 10.28 -7.66 8.94
CA ASP B 29 10.69 -9.07 9.21
C ASP B 29 10.81 -9.82 7.84
N ALA B 30 11.12 -11.17 7.79
CA ALA B 30 11.28 -11.93 6.50
C ALA B 30 10.08 -11.82 5.49
N PRO B 31 8.68 -11.99 5.85
CA PRO B 31 7.55 -11.83 4.86
C PRO B 31 7.48 -10.43 4.15
N PHE B 32 7.76 -9.29 4.89
CA PHE B 32 7.74 -7.91 4.33
C PHE B 32 8.86 -7.56 3.28
N LEU B 33 10.16 -7.95 3.63
CA LEU B 33 11.39 -7.69 2.82
C LEU B 33 11.53 -8.67 1.61
N ASP B 34 11.00 -9.95 1.77
CA ASP B 34 10.91 -10.99 0.69
C ASP B 34 10.03 -10.48 -0.50
N ARG B 35 8.78 -10.00 -0.12
CA ARG B 35 7.77 -9.40 -1.03
C ARG B 35 8.26 -8.05 -1.63
N LEU B 36 8.95 -7.16 -0.81
CA LEU B 36 9.54 -5.88 -1.24
C LEU B 36 10.62 -5.94 -2.34
N ARG B 37 11.68 -6.85 -2.24
CA ARG B 37 12.82 -6.99 -3.22
C ARG B 37 12.42 -7.44 -4.65
N ARG B 38 11.47 -8.47 -4.63
CA ARG B 38 10.95 -9.17 -5.85
C ARG B 38 10.18 -8.18 -6.78
N ASP B 39 9.24 -7.44 -6.10
CA ASP B 39 8.39 -6.43 -6.70
C ASP B 39 9.10 -5.05 -6.84
N GLN B 40 10.29 -4.83 -6.14
CA GLN B 40 10.99 -3.52 -6.26
C GLN B 40 11.60 -3.33 -7.68
N LYS B 41 12.23 -4.42 -8.26
CA LYS B 41 12.85 -4.44 -9.63
C LYS B 41 11.77 -4.44 -10.74
N SER B 42 10.53 -4.87 -10.28
CA SER B 42 9.31 -4.96 -11.10
C SER B 42 8.64 -3.55 -11.20
N LEU B 43 8.58 -2.79 -10.02
CA LEU B 43 8.04 -1.40 -9.90
C LEU B 43 8.92 -0.35 -10.64
N ARG B 44 10.29 -0.38 -10.34
CA ARG B 44 11.34 0.50 -10.94
C ARG B 44 11.61 0.15 -12.43
N GLY B 45 11.57 -1.19 -12.84
CA GLY B 45 11.67 -1.60 -14.27
C GLY B 45 10.51 -1.09 -15.16
N ARG B 46 9.31 -0.99 -14.48
CA ARG B 46 8.04 -0.43 -15.03
C ARG B 46 8.16 1.11 -15.17
N GLY B 47 9.00 1.82 -14.29
CA GLY B 47 9.27 3.27 -14.43
C GLY B 47 10.00 3.67 -15.72
N SER B 48 10.98 2.79 -16.17
CA SER B 48 11.80 2.94 -17.43
C SER B 48 10.91 3.01 -18.71
N THR B 49 9.93 2.01 -18.80
CA THR B 49 8.87 1.86 -19.87
C THR B 49 7.97 3.14 -20.08
N LEU B 50 7.08 3.47 -19.08
CA LEU B 50 6.19 4.68 -19.18
C LEU B 50 6.97 6.04 -19.03
N GLY B 51 8.22 5.95 -18.49
CA GLY B 51 9.18 7.06 -18.39
C GLY B 51 8.98 8.10 -17.32
N LEU B 52 8.81 7.73 -16.01
CA LEU B 52 8.58 8.70 -14.94
C LEU B 52 9.58 8.44 -13.77
N ASP B 53 10.15 9.52 -13.19
CA ASP B 53 11.03 9.43 -11.99
C ASP B 53 10.22 8.99 -10.74
N ILE B 54 10.69 7.85 -10.16
CA ILE B 54 10.13 7.13 -8.96
C ILE B 54 10.02 8.03 -7.65
N GLU B 55 11.09 8.83 -7.30
CA GLU B 55 11.08 9.79 -6.11
C GLU B 55 10.01 10.95 -6.24
N THR B 56 9.88 11.59 -7.45
CA THR B 56 8.86 12.65 -7.73
C THR B 56 7.44 12.00 -7.82
N ALA B 57 7.40 10.68 -8.21
CA ALA B 57 6.16 9.87 -8.25
C ALA B 57 5.69 9.48 -6.81
N THR B 58 6.64 9.36 -5.76
CA THR B 58 6.20 9.09 -4.34
C THR B 58 5.43 10.31 -3.69
N ARG B 59 5.56 11.47 -4.46
CA ARG B 59 5.05 12.82 -4.03
C ARG B 59 3.78 13.22 -4.88
N ALA B 60 3.89 12.89 -6.22
CA ALA B 60 2.80 13.01 -7.25
C ALA B 60 1.60 12.11 -6.84
N GLY B 61 1.86 10.78 -6.52
CA GLY B 61 0.82 9.87 -6.00
C GLY B 61 0.39 10.16 -4.56
N LYS B 62 1.31 10.74 -3.68
CA LYS B 62 0.90 11.26 -2.31
C LYS B 62 -0.36 12.18 -2.39
N GLN B 63 -0.38 13.15 -3.39
CA GLN B 63 -1.51 14.11 -3.63
C GLN B 63 -2.80 13.37 -4.16
N ILE B 64 -2.55 12.30 -4.98
CA ILE B 64 -3.62 11.44 -5.63
C ILE B 64 -4.22 10.34 -4.63
N VAL B 65 -3.64 10.19 -3.41
CA VAL B 65 -4.14 9.21 -2.37
C VAL B 65 -4.91 10.05 -1.30
N GLU B 66 -4.14 11.05 -0.76
CA GLU B 66 -4.60 12.07 0.23
C GLU B 66 -5.85 12.80 -0.36
N ARG B 67 -5.60 13.78 -1.31
CA ARG B 67 -6.73 14.46 -2.05
C ARG B 67 -7.83 13.53 -2.66
N ILE B 68 -7.55 12.27 -3.24
CA ILE B 68 -8.68 11.41 -3.79
C ILE B 68 -9.69 10.84 -2.68
N LEU B 69 -9.37 11.05 -1.34
CA LEU B 69 -10.27 10.58 -0.24
C LEU B 69 -11.13 11.80 0.29
N LYS B 70 -10.56 13.05 0.20
CA LYS B 70 -11.28 14.34 0.57
C LYS B 70 -12.19 14.89 -0.62
N GLU B 71 -11.86 14.26 -1.81
CA GLU B 71 -12.46 14.46 -3.18
C GLU B 71 -13.72 13.54 -3.46
N GLU B 72 -14.40 13.04 -2.37
CA GLU B 72 -15.52 12.08 -2.52
C GLU B 72 -16.95 12.69 -2.32
N SER B 73 -17.08 13.91 -1.69
CA SER B 73 -18.40 14.56 -1.41
C SER B 73 -18.69 15.72 -2.37
N MET A 1 6.89 -15.59 18.83
CA MET A 1 5.87 -14.71 18.18
C MET A 1 5.89 -13.28 18.81
N ASP A 2 6.12 -12.25 17.91
CA ASP A 2 6.19 -10.81 18.29
C ASP A 2 5.01 -9.98 17.68
N SER A 3 4.75 -8.75 18.25
CA SER A 3 3.66 -7.84 17.78
C SER A 3 4.08 -6.86 16.62
N ASN A 4 5.34 -7.04 16.09
CA ASN A 4 5.87 -6.29 14.89
C ASN A 4 5.40 -6.99 13.54
N THR A 5 4.84 -8.23 13.71
CA THR A 5 4.22 -9.09 12.65
C THR A 5 2.66 -8.77 12.62
N VAL A 6 2.18 -8.20 13.77
CA VAL A 6 0.77 -7.82 14.00
C VAL A 6 0.58 -6.36 13.46
N SER A 7 1.64 -5.48 13.65
CA SER A 7 1.70 -4.10 13.09
C SER A 7 1.88 -4.11 11.54
N SER A 8 2.55 -5.19 10.97
CA SER A 8 2.69 -5.42 9.50
C SER A 8 1.37 -5.97 8.87
N PHE A 9 0.44 -6.48 9.75
CA PHE A 9 -0.89 -6.97 9.30
C PHE A 9 -1.93 -5.77 9.33
N GLN A 10 -1.85 -4.90 10.40
CA GLN A 10 -2.73 -3.68 10.60
C GLN A 10 -2.51 -2.59 9.50
N VAL A 11 -1.22 -2.38 9.04
CA VAL A 11 -0.88 -1.45 7.91
C VAL A 11 -1.38 -2.07 6.57
N ASP A 12 -1.27 -3.43 6.36
CA ASP A 12 -1.81 -4.10 5.15
C ASP A 12 -3.37 -4.06 5.07
N CYS A 13 -4.11 -4.11 6.26
CA CYS A 13 -5.60 -4.03 6.34
C CYS A 13 -6.12 -2.62 5.92
N PHE A 14 -5.41 -1.54 6.43
CA PHE A 14 -5.66 -0.11 6.07
C PHE A 14 -5.39 0.06 4.59
N LEU A 15 -4.27 -0.53 4.10
CA LEU A 15 -3.90 -0.49 2.70
C LEU A 15 -4.88 -1.23 1.77
N TRP A 16 -5.47 -2.36 2.22
CA TRP A 16 -6.51 -3.04 1.48
C TRP A 16 -7.82 -2.17 1.32
N HIS A 17 -8.12 -1.22 2.27
CA HIS A 17 -9.33 -0.35 2.18
C HIS A 17 -9.00 0.92 1.30
N VAL A 18 -7.68 1.24 1.22
CA VAL A 18 -7.11 2.34 0.37
C VAL A 18 -7.13 1.88 -1.14
N ARG A 19 -6.79 0.57 -1.39
CA ARG A 19 -6.81 -0.04 -2.75
C ARG A 19 -8.26 -0.46 -3.19
N LYS A 20 -9.18 -0.80 -2.20
CA LYS A 20 -10.61 -1.14 -2.47
C LYS A 20 -11.53 0.14 -2.60
N ARG A 21 -10.95 1.33 -2.25
CA ARG A 21 -11.49 2.71 -2.39
C ARG A 21 -11.07 3.23 -3.81
N PHE A 22 -9.92 2.70 -4.35
CA PHE A 22 -9.36 2.99 -5.70
C PHE A 22 -10.05 2.10 -6.80
N ALA A 23 -10.21 0.76 -6.52
CA ALA A 23 -10.92 -0.21 -7.42
C ALA A 23 -12.47 0.07 -7.55
N ASP A 24 -13.11 0.43 -6.38
CA ASP A 24 -14.58 0.79 -6.30
C ASP A 24 -14.97 2.19 -6.92
N GLN A 25 -13.94 2.99 -7.32
CA GLN A 25 -14.01 4.35 -7.98
C GLN A 25 -13.71 4.23 -9.52
N GLU A 26 -13.27 3.01 -9.99
CA GLU A 26 -12.89 2.63 -11.42
C GLU A 26 -11.59 3.31 -11.95
N LEU A 27 -10.57 3.24 -11.05
CA LEU A 27 -9.17 3.68 -11.26
C LEU A 27 -8.26 2.39 -11.22
N GLY A 28 -9.00 1.28 -10.97
CA GLY A 28 -8.48 -0.09 -10.91
C GLY A 28 -8.68 -0.81 -12.22
N ASP A 29 -7.52 -1.04 -12.87
CA ASP A 29 -7.47 -1.73 -14.19
C ASP A 29 -7.13 -3.26 -14.06
N ALA A 30 -7.09 -3.96 -15.25
CA ALA A 30 -6.81 -5.43 -15.35
C ALA A 30 -5.48 -5.86 -14.58
N PRO A 31 -4.24 -5.16 -14.74
CA PRO A 31 -2.99 -5.43 -13.92
C PRO A 31 -3.07 -5.05 -12.38
N PHE A 32 -4.11 -4.23 -11.94
CA PHE A 32 -4.09 -3.74 -10.51
C PHE A 32 -5.04 -4.68 -9.64
N LEU A 33 -6.12 -5.20 -10.35
CA LEU A 33 -7.17 -6.14 -9.85
C LEU A 33 -6.65 -7.61 -9.88
N ASP A 34 -5.73 -7.93 -10.88
CA ASP A 34 -5.00 -9.25 -11.01
C ASP A 34 -4.14 -9.51 -9.73
N ARG A 35 -3.31 -8.43 -9.38
CA ARG A 35 -2.44 -8.36 -8.18
C ARG A 35 -3.27 -8.40 -6.87
N LEU A 36 -4.42 -7.60 -6.80
CA LEU A 36 -5.38 -7.56 -5.69
C LEU A 36 -6.05 -8.89 -5.33
N ARG A 37 -6.71 -9.66 -6.33
CA ARG A 37 -7.51 -10.91 -6.08
C ARG A 37 -6.77 -12.03 -5.35
N ARG A 38 -5.54 -12.44 -5.89
CA ARG A 38 -4.70 -13.48 -5.26
C ARG A 38 -4.34 -13.16 -3.79
N ASP A 39 -4.00 -11.85 -3.56
CA ASP A 39 -3.61 -11.34 -2.26
C ASP A 39 -4.81 -11.01 -1.34
N GLN A 40 -6.11 -10.88 -1.87
CA GLN A 40 -7.25 -10.51 -0.96
C GLN A 40 -7.55 -11.69 -0.01
N LYS A 41 -7.52 -12.96 -0.58
CA LYS A 41 -7.77 -14.25 0.15
C LYS A 41 -6.56 -14.65 1.07
N SER A 42 -5.37 -14.07 0.68
CA SER A 42 -4.06 -14.25 1.35
C SER A 42 -3.96 -13.34 2.61
N LEU A 43 -4.43 -12.05 2.49
CA LEU A 43 -4.50 -11.05 3.58
C LEU A 43 -5.51 -11.45 4.70
N ARG A 44 -6.76 -11.87 4.24
CA ARG A 44 -7.90 -12.35 5.08
C ARG A 44 -7.61 -13.75 5.70
N GLY A 45 -6.93 -14.72 4.96
CA GLY A 45 -6.52 -16.04 5.53
C GLY A 45 -5.49 -15.92 6.67
N ARG A 46 -4.65 -14.83 6.51
CA ARG A 46 -3.63 -14.39 7.51
C ARG A 46 -4.34 -13.73 8.73
N GLY A 47 -5.58 -13.11 8.56
CA GLY A 47 -6.40 -12.59 9.67
C GLY A 47 -6.87 -13.64 10.67
N SER A 48 -7.26 -14.84 10.11
CA SER A 48 -7.74 -16.05 10.87
C SER A 48 -6.67 -16.61 11.88
N THR A 49 -5.37 -16.77 11.36
CA THR A 49 -4.13 -17.22 12.11
C THR A 49 -3.76 -16.32 13.33
N LEU A 50 -3.48 -14.99 13.09
CA LEU A 50 -3.15 -14.06 14.24
C LEU A 50 -4.44 -13.60 15.03
N GLY A 51 -5.63 -13.86 14.43
CA GLY A 51 -6.96 -13.68 15.05
C GLY A 51 -7.50 -12.25 15.19
N LEU A 52 -7.42 -11.38 14.14
CA LEU A 52 -7.87 -9.99 14.22
C LEU A 52 -8.93 -9.71 13.13
N ASP A 53 -10.03 -9.00 13.48
CA ASP A 53 -11.07 -8.55 12.53
C ASP A 53 -10.48 -7.45 11.59
N ILE A 54 -10.53 -7.78 10.27
CA ILE A 54 -10.01 -6.95 9.12
C ILE A 54 -10.64 -5.51 9.02
N GLU A 55 -11.99 -5.35 9.23
CA GLU A 55 -12.69 -4.01 9.22
C GLU A 55 -12.24 -3.05 10.38
N THR A 56 -12.06 -3.56 11.65
CA THR A 56 -11.56 -2.77 12.82
C THR A 56 -10.02 -2.57 12.72
N ALA A 57 -9.31 -3.54 12.04
CA ALA A 57 -7.85 -3.49 11.79
C ALA A 57 -7.49 -2.43 10.71
N THR A 58 -8.46 -2.10 9.73
CA THR A 58 -8.20 -1.00 8.74
C THR A 58 -8.00 0.37 9.50
N ARG A 59 -9.04 0.61 10.38
CA ARG A 59 -9.15 1.82 11.31
C ARG A 59 -7.99 1.93 12.37
N ALA A 60 -7.66 0.72 12.96
CA ALA A 60 -6.53 0.49 13.92
C ALA A 60 -5.16 0.79 13.26
N GLY A 61 -4.88 0.24 12.00
CA GLY A 61 -3.65 0.58 11.29
C GLY A 61 -3.61 1.98 10.70
N LYS A 62 -4.80 2.58 10.34
CA LYS A 62 -4.92 4.03 9.93
C LYS A 62 -4.20 4.98 10.95
N GLN A 63 -4.47 4.78 12.30
CA GLN A 63 -3.90 5.57 13.43
C GLN A 63 -2.36 5.32 13.62
N ILE A 64 -1.95 4.02 13.36
CA ILE A 64 -0.53 3.58 13.46
C ILE A 64 0.37 4.22 12.36
N VAL A 65 0.05 4.08 11.00
CA VAL A 65 0.81 4.76 9.85
C VAL A 65 0.96 6.33 10.09
N GLU A 66 -0.23 6.94 10.42
CA GLU A 66 -0.40 8.40 10.70
C GLU A 66 0.56 8.84 11.86
N ARG A 67 0.19 8.40 13.14
CA ARG A 67 1.07 8.61 14.35
C ARG A 67 2.53 8.07 14.31
N ILE A 68 2.88 6.84 13.73
CA ILE A 68 4.34 6.32 13.70
C ILE A 68 5.31 7.18 12.81
N LEU A 69 4.74 8.05 11.89
CA LEU A 69 5.55 8.92 10.99
C LEU A 69 5.77 10.32 11.69
N LYS A 70 4.78 10.71 12.58
CA LYS A 70 4.82 11.97 13.43
C LYS A 70 5.70 11.77 14.75
N GLU A 71 5.92 10.43 14.99
CA GLU A 71 6.68 9.77 16.11
C GLU A 71 8.21 9.57 15.81
N GLU A 72 8.71 10.26 14.73
CA GLU A 72 10.09 10.08 14.23
C GLU A 72 11.10 11.16 14.74
N SER A 73 10.58 12.33 15.27
CA SER A 73 11.41 13.46 15.77
C SER A 73 11.39 13.55 17.31
N MET B 1 -3.39 3.09 -24.92
CA MET B 1 -2.74 3.50 -23.64
C MET B 1 -3.48 4.69 -22.98
N ASP B 2 -3.94 4.46 -21.70
CA ASP B 2 -4.70 5.46 -20.89
C ASP B 2 -3.88 5.94 -19.65
N SER B 3 -4.29 7.11 -19.03
CA SER B 3 -3.61 7.69 -17.84
C SER B 3 -4.16 7.16 -16.45
N ASN B 4 -5.07 6.13 -16.51
CA ASN B 4 -5.61 5.38 -15.32
C ASN B 4 -4.65 4.21 -14.91
N THR B 5 -3.62 3.98 -15.79
CA THR B 5 -2.50 2.99 -15.62
C THR B 5 -1.26 3.79 -15.07
N VAL B 6 -1.33 5.14 -15.27
CA VAL B 6 -0.29 6.11 -14.84
C VAL B 6 -0.62 6.54 -13.38
N SER B 7 -1.96 6.68 -13.06
CA SER B 7 -2.48 6.95 -11.70
C SER B 7 -2.32 5.70 -10.76
N SER B 8 -2.34 4.43 -11.35
CA SER B 8 -2.06 3.17 -10.61
C SER B 8 -0.53 2.97 -10.35
N PHE B 9 0.32 3.77 -11.06
CA PHE B 9 1.79 3.75 -10.86
C PHE B 9 2.19 4.83 -9.78
N GLN B 10 1.53 6.05 -9.83
CA GLN B 10 1.74 7.20 -8.87
C GLN B 10 1.33 6.84 -7.42
N VAL B 11 0.19 6.07 -7.24
CA VAL B 11 -0.27 5.55 -5.89
C VAL B 11 0.72 4.46 -5.41
N ASP B 12 1.23 3.55 -6.31
CA ASP B 12 2.24 2.52 -5.93
C ASP B 12 3.62 3.16 -5.52
N CYS B 13 4.04 4.33 -6.16
CA CYS B 13 5.33 5.05 -5.84
C CYS B 13 5.28 5.70 -4.42
N PHE B 14 4.10 6.34 -4.08
CA PHE B 14 3.80 6.93 -2.74
C PHE B 14 3.79 5.80 -1.72
N LEU B 15 3.13 4.66 -2.09
CA LEU B 15 3.07 3.48 -1.24
C LEU B 15 4.43 2.83 -1.00
N TRP B 16 5.35 2.80 -2.00
CA TRP B 16 6.71 2.34 -1.82
C TRP B 16 7.53 3.22 -0.81
N HIS B 17 7.20 4.55 -0.64
CA HIS B 17 7.92 5.43 0.31
C HIS B 17 7.29 5.29 1.76
N VAL B 18 5.99 4.86 1.77
CA VAL B 18 5.19 4.55 3.00
C VAL B 18 5.72 3.21 3.62
N ARG B 19 6.03 2.20 2.72
CA ARG B 19 6.59 0.87 3.14
C ARG B 19 8.13 0.95 3.41
N LYS B 20 8.88 1.91 2.72
CA LYS B 20 10.35 2.10 2.95
C LYS B 20 10.65 3.12 4.14
N ARG B 21 9.56 3.64 4.75
CA ARG B 21 9.47 4.50 5.97
C ARG B 21 9.17 3.54 7.17
N PHE B 22 8.48 2.38 6.86
CA PHE B 22 8.14 1.28 7.80
C PHE B 22 9.36 0.30 7.99
N ALA B 23 10.02 -0.10 6.85
CA ALA B 23 11.24 -0.96 6.84
C ALA B 23 12.51 -0.25 7.44
N ASP B 24 12.68 1.08 7.10
CA ASP B 24 13.81 1.95 7.62
C ASP B 24 13.69 2.37 9.14
N GLN B 25 12.53 2.05 9.79
CA GLN B 25 12.17 2.27 11.23
C GLN B 25 12.26 0.93 12.05
N GLU B 26 12.50 -0.23 11.34
CA GLU B 26 12.61 -1.66 11.89
C GLU B 26 11.29 -2.25 12.47
N LEU B 27 10.23 -2.03 11.64
CA LEU B 27 8.84 -2.56 11.81
C LEU B 27 8.58 -3.57 10.64
N GLY B 28 9.66 -3.66 9.79
CA GLY B 28 9.76 -4.53 8.64
C GLY B 28 10.51 -5.80 8.97
N ASP B 29 9.71 -6.89 8.98
CA ASP B 29 10.22 -8.24 9.29
C ASP B 29 10.54 -9.08 8.01
N ALA B 30 11.05 -10.34 8.24
CA ALA B 30 11.45 -11.29 7.15
C ALA B 30 10.31 -11.52 6.07
N PRO B 31 8.93 -11.79 6.43
CA PRO B 31 7.80 -11.87 5.42
C PRO B 31 7.32 -10.50 4.78
N PHE B 32 7.91 -9.30 5.19
CA PHE B 32 7.37 -7.99 4.70
C PHE B 32 8.43 -7.40 3.69
N LEU B 33 9.74 -7.74 3.98
CA LEU B 33 10.96 -7.41 3.19
C LEU B 33 11.13 -8.42 2.01
N ASP B 34 10.66 -9.72 2.22
CA ASP B 34 10.57 -10.80 1.17
C ASP B 34 9.66 -10.34 -0.01
N ARG B 35 8.40 -9.88 0.40
CA ARG B 35 7.35 -9.33 -0.49
C ARG B 35 7.84 -8.01 -1.18
N LEU B 36 8.50 -7.07 -0.39
CA LEU B 36 9.10 -5.81 -0.87
C LEU B 36 10.19 -5.95 -1.95
N ARG B 37 11.29 -6.82 -1.76
CA ARG B 37 12.48 -6.94 -2.68
C ARG B 37 12.15 -7.28 -4.14
N ARG B 38 11.34 -8.42 -4.35
CA ARG B 38 10.92 -8.85 -5.71
C ARG B 38 10.15 -7.75 -6.48
N ASP B 39 9.25 -7.03 -5.70
CA ASP B 39 8.41 -5.97 -6.24
C ASP B 39 9.14 -4.60 -6.31
N GLN B 40 10.36 -4.41 -5.61
CA GLN B 40 11.02 -3.05 -5.67
C GLN B 40 11.58 -2.81 -7.09
N LYS B 41 12.20 -3.91 -7.68
CA LYS B 41 12.82 -3.92 -9.05
C LYS B 41 11.74 -3.94 -10.20
N SER B 42 10.53 -4.44 -9.77
CA SER B 42 9.30 -4.60 -10.60
C SER B 42 8.58 -3.23 -10.75
N LEU B 43 8.47 -2.45 -9.61
CA LEU B 43 7.87 -1.10 -9.55
C LEU B 43 8.72 -0.05 -10.34
N ARG B 44 10.08 -0.07 -10.10
CA ARG B 44 11.12 0.79 -10.76
C ARG B 44 11.33 0.40 -12.26
N GLY B 45 11.29 -0.93 -12.64
CA GLY B 45 11.37 -1.37 -14.07
C GLY B 45 10.17 -0.90 -14.93
N ARG B 46 9.00 -0.81 -14.19
CA ARG B 46 7.71 -0.27 -14.71
C ARG B 46 7.81 1.27 -14.85
N GLY B 47 8.69 2.00 -14.01
CA GLY B 47 8.95 3.44 -14.17
C GLY B 47 9.62 3.84 -15.48
N SER B 48 10.58 2.97 -15.94
CA SER B 48 11.36 3.11 -17.22
C SER B 48 10.44 3.14 -18.49
N THR B 49 9.49 2.12 -18.56
CA THR B 49 8.41 1.91 -19.60
C THR B 49 7.48 3.16 -19.81
N LEU B 50 6.64 3.50 -18.77
CA LEU B 50 5.72 4.70 -18.87
C LEU B 50 6.50 6.07 -18.75
N GLY B 51 7.79 5.99 -18.29
CA GLY B 51 8.76 7.11 -18.25
C GLY B 51 8.59 8.17 -17.19
N LEU B 52 8.41 7.81 -15.88
CA LEU B 52 8.20 8.80 -14.80
C LEU B 52 9.25 8.59 -13.69
N ASP B 53 9.83 9.69 -13.15
CA ASP B 53 10.76 9.64 -11.99
C ASP B 53 9.99 9.26 -10.70
N ILE B 54 10.43 8.11 -10.11
CA ILE B 54 9.86 7.47 -8.87
C ILE B 54 9.80 8.42 -7.61
N GLU B 55 10.87 9.22 -7.32
CA GLU B 55 10.90 10.21 -6.17
C GLU B 55 9.83 11.37 -6.31
N THR B 56 9.69 11.99 -7.53
CA THR B 56 8.67 13.05 -7.81
C THR B 56 7.24 12.43 -7.90
N ALA B 57 7.18 11.11 -8.31
CA ALA B 57 5.93 10.32 -8.35
C ALA B 57 5.47 9.92 -6.90
N THR B 58 6.44 9.81 -5.87
CA THR B 58 6.02 9.53 -4.42
C THR B 58 5.26 10.73 -3.75
N ARG B 59 5.42 11.91 -4.46
CA ARG B 59 4.90 13.26 -3.99
C ARG B 59 3.62 13.64 -4.80
N ALA B 60 3.71 13.32 -6.14
CA ALA B 60 2.62 13.44 -7.15
C ALA B 60 1.44 12.50 -6.77
N GLY B 61 1.71 11.18 -6.44
CA GLY B 61 0.64 10.29 -5.96
C GLY B 61 0.16 10.56 -4.53
N LYS B 62 1.06 11.10 -3.63
CA LYS B 62 0.64 11.61 -2.27
C LYS B 62 -0.63 12.54 -2.35
N GLN B 63 -0.60 13.56 -3.30
CA GLN B 63 -1.70 14.56 -3.54
C GLN B 63 -2.99 13.92 -4.16
N ILE B 64 -2.76 12.89 -5.05
CA ILE B 64 -3.85 12.12 -5.74
C ILE B 64 -4.68 11.26 -4.74
N VAL B 65 -4.06 10.30 -3.93
CA VAL B 65 -4.78 9.47 -2.84
C VAL B 65 -5.61 10.39 -1.87
N GLU B 66 -4.88 11.45 -1.39
CA GLU B 66 -5.39 12.53 -0.48
C GLU B 66 -6.68 13.15 -1.11
N ARG B 67 -6.46 14.13 -2.06
CA ARG B 67 -7.56 14.76 -2.88
C ARG B 67 -8.61 13.80 -3.57
N ILE B 68 -8.27 12.59 -4.19
CA ILE B 68 -9.33 11.69 -4.85
C ILE B 68 -10.36 11.01 -3.85
N LEU B 69 -10.09 11.11 -2.51
CA LEU B 69 -10.98 10.53 -1.46
C LEU B 69 -11.89 11.68 -0.87
N LYS B 70 -11.37 12.96 -0.98
CA LYS B 70 -12.11 14.22 -0.58
C LYS B 70 -13.07 14.73 -1.76
N GLU B 71 -12.74 14.12 -2.95
CA GLU B 71 -13.37 14.28 -4.31
C GLU B 71 -14.56 13.30 -4.57
N GLU B 72 -15.09 12.67 -3.48
CA GLU B 72 -16.14 11.61 -3.60
C GLU B 72 -17.60 12.13 -3.32
N SER B 73 -17.73 13.35 -2.69
CA SER B 73 -19.05 13.97 -2.35
C SER B 73 -19.38 15.17 -3.26
N MET A 1 3.31 -13.54 21.80
CA MET A 1 2.06 -12.91 21.29
C MET A 1 2.26 -12.32 19.86
N ASP A 2 3.57 -11.95 19.50
CA ASP A 2 4.01 -11.35 18.18
C ASP A 2 3.47 -9.91 17.94
N SER A 3 4.42 -8.95 18.06
CA SER A 3 4.25 -7.47 17.89
C SER A 3 4.69 -6.91 16.50
N ASN A 4 5.86 -7.33 15.90
CA ASN A 4 6.31 -6.79 14.56
C ASN A 4 5.67 -7.52 13.31
N THR A 5 5.02 -8.69 13.57
CA THR A 5 4.28 -9.51 12.55
C THR A 5 2.75 -9.07 12.55
N VAL A 6 2.31 -8.45 13.69
CA VAL A 6 0.91 -7.98 13.88
C VAL A 6 0.78 -6.52 13.33
N SER A 7 1.84 -5.66 13.55
CA SER A 7 1.94 -4.29 13.00
C SER A 7 2.14 -4.30 11.45
N SER A 8 2.87 -5.34 10.87
CA SER A 8 3.02 -5.55 9.39
C SER A 8 1.71 -6.12 8.72
N PHE A 9 0.77 -6.64 9.59
CA PHE A 9 -0.54 -7.13 9.12
C PHE A 9 -1.57 -5.94 9.11
N GLN A 10 -1.49 -5.05 10.17
CA GLN A 10 -2.37 -3.85 10.37
C GLN A 10 -2.15 -2.77 9.25
N VAL A 11 -0.87 -2.59 8.76
CA VAL A 11 -0.57 -1.68 7.60
C VAL A 11 -1.08 -2.29 6.28
N ASP A 12 -0.98 -3.65 6.08
CA ASP A 12 -1.51 -4.33 4.88
C ASP A 12 -3.07 -4.23 4.81
N CYS A 13 -3.78 -4.18 6.00
CA CYS A 13 -5.27 -4.04 6.06
C CYS A 13 -5.74 -2.62 5.60
N PHE A 14 -4.98 -1.53 6.05
CA PHE A 14 -5.23 -0.11 5.64
C PHE A 14 -4.83 0.12 4.17
N LEU A 15 -3.58 -0.31 3.78
CA LEU A 15 -3.04 -0.15 2.40
C LEU A 15 -3.88 -0.87 1.35
N TRP A 16 -4.42 -2.09 1.66
CA TRP A 16 -5.37 -2.79 0.77
C TRP A 16 -6.80 -2.12 0.72
N HIS A 17 -7.23 -1.35 1.80
CA HIS A 17 -8.55 -0.63 1.84
C HIS A 17 -8.40 0.71 1.03
N VAL A 18 -7.11 1.15 0.93
CA VAL A 18 -6.66 2.31 0.13
C VAL A 18 -6.72 1.90 -1.40
N ARG A 19 -6.31 0.63 -1.71
CA ARG A 19 -6.37 0.04 -3.09
C ARG A 19 -7.85 -0.37 -3.51
N LYS A 20 -8.73 -0.72 -2.49
CA LYS A 20 -10.17 -1.10 -2.73
C LYS A 20 -11.13 0.17 -2.79
N ARG A 21 -10.61 1.34 -2.33
CA ARG A 21 -11.24 2.72 -2.37
C ARG A 21 -10.85 3.35 -3.73
N PHE A 22 -9.75 2.81 -4.32
CA PHE A 22 -9.21 3.12 -5.67
C PHE A 22 -9.92 2.25 -6.78
N ALA A 23 -10.07 0.91 -6.53
CA ALA A 23 -10.79 -0.04 -7.45
C ALA A 23 -12.34 0.24 -7.55
N ASP A 24 -12.98 0.56 -6.37
CA ASP A 24 -14.45 0.89 -6.25
C ASP A 24 -14.87 2.29 -6.83
N GLN A 25 -13.86 3.15 -7.19
CA GLN A 25 -13.97 4.52 -7.80
C GLN A 25 -13.64 4.47 -9.34
N GLU A 26 -13.13 3.28 -9.84
CA GLU A 26 -12.71 2.98 -11.27
C GLU A 26 -11.54 3.85 -11.81
N LEU A 27 -10.40 3.73 -11.06
CA LEU A 27 -9.07 4.41 -11.31
C LEU A 27 -8.02 3.34 -11.81
N GLY A 28 -8.66 2.26 -12.24
CA GLY A 28 -8.03 1.07 -12.80
C GLY A 28 -8.90 0.32 -13.79
N ASP A 29 -8.27 -0.65 -14.51
CA ASP A 29 -8.91 -1.49 -15.56
C ASP A 29 -8.99 -2.95 -15.04
N ALA A 30 -8.96 -3.99 -15.94
CA ALA A 30 -8.94 -5.43 -15.55
C ALA A 30 -7.66 -5.83 -14.68
N PRO A 31 -6.29 -5.38 -15.01
CA PRO A 31 -5.06 -5.69 -14.15
C PRO A 31 -5.14 -5.39 -12.61
N PHE A 32 -5.77 -4.23 -12.15
CA PHE A 32 -5.86 -3.94 -10.68
C PHE A 32 -6.88 -4.89 -9.95
N LEU A 33 -8.09 -5.08 -10.59
CA LEU A 33 -9.19 -6.03 -10.15
C LEU A 33 -8.70 -7.53 -10.14
N ASP A 34 -7.84 -7.92 -11.14
CA ASP A 34 -7.13 -9.27 -11.27
C ASP A 34 -6.20 -9.55 -10.04
N ARG A 35 -5.31 -8.53 -9.75
CA ARG A 35 -4.34 -8.48 -8.62
C ARG A 35 -5.06 -8.50 -7.25
N LEU A 36 -6.18 -7.68 -7.10
CA LEU A 36 -7.04 -7.60 -5.90
C LEU A 36 -7.63 -8.94 -5.41
N ARG A 37 -8.23 -9.80 -6.33
CA ARG A 37 -8.92 -11.10 -5.99
C ARG A 37 -8.01 -12.19 -5.34
N ARG A 38 -6.77 -12.29 -5.97
CA ARG A 38 -5.73 -13.32 -5.62
C ARG A 38 -5.20 -13.15 -4.16
N ASP A 39 -4.83 -11.86 -3.88
CA ASP A 39 -4.32 -11.40 -2.59
C ASP A 39 -5.44 -11.13 -1.54
N GLN A 40 -6.77 -10.98 -1.99
CA GLN A 40 -7.87 -10.70 -1.02
C GLN A 40 -8.09 -11.93 -0.09
N LYS A 41 -8.06 -13.19 -0.69
CA LYS A 41 -8.25 -14.49 0.03
C LYS A 41 -7.03 -14.85 0.93
N SER A 42 -5.86 -14.23 0.50
CA SER A 42 -4.53 -14.38 1.14
C SER A 42 -4.43 -13.48 2.41
N LEU A 43 -4.91 -12.18 2.29
CA LEU A 43 -4.95 -11.17 3.38
C LEU A 43 -5.98 -11.50 4.51
N ARG A 44 -7.23 -11.91 4.08
CA ARG A 44 -8.36 -12.33 4.97
C ARG A 44 -8.09 -13.71 5.62
N GLY A 45 -7.45 -14.71 4.89
CA GLY A 45 -7.05 -16.02 5.48
C GLY A 45 -5.89 -15.91 6.50
N ARG A 46 -5.08 -14.79 6.32
CA ARG A 46 -3.99 -14.36 7.24
C ARG A 46 -4.64 -13.72 8.51
N GLY A 47 -5.89 -13.08 8.37
CA GLY A 47 -6.66 -12.53 9.51
C GLY A 47 -7.11 -13.57 10.52
N SER A 48 -7.51 -14.78 9.98
CA SER A 48 -7.97 -15.99 10.75
C SER A 48 -6.90 -16.54 11.75
N THR A 49 -5.61 -16.72 11.21
CA THR A 49 -4.38 -17.18 11.95
C THR A 49 -3.99 -16.30 13.19
N LEU A 50 -3.69 -14.96 12.97
CA LEU A 50 -3.34 -14.05 14.12
C LEU A 50 -4.61 -13.56 14.92
N GLY A 51 -5.81 -13.80 14.33
CA GLY A 51 -7.13 -13.58 14.94
C GLY A 51 -7.62 -12.16 15.09
N LEU A 52 -7.53 -11.29 14.04
CA LEU A 52 -7.94 -9.87 14.14
C LEU A 52 -9.01 -9.59 13.06
N ASP A 53 -10.12 -8.91 13.43
CA ASP A 53 -11.19 -8.50 12.48
C ASP A 53 -10.64 -7.36 11.57
N ILE A 54 -10.66 -7.71 10.25
CA ILE A 54 -10.14 -6.91 9.09
C ILE A 54 -10.75 -5.46 8.94
N GLU A 55 -12.08 -5.26 9.14
CA GLU A 55 -12.71 -3.89 9.09
C GLU A 55 -12.17 -2.92 10.21
N THR A 56 -11.97 -3.46 11.45
CA THR A 56 -11.43 -2.71 12.62
C THR A 56 -9.91 -2.52 12.44
N ALA A 57 -9.24 -3.52 11.77
CA ALA A 57 -7.80 -3.49 11.44
C ALA A 57 -7.49 -2.46 10.30
N THR A 58 -8.49 -2.16 9.34
CA THR A 58 -8.30 -1.08 8.29
C THR A 58 -8.28 0.37 8.94
N ARG A 59 -8.84 0.37 10.21
CA ARG A 59 -9.06 1.61 11.05
C ARG A 59 -7.91 1.78 12.10
N ALA A 60 -7.58 0.61 12.74
CA ALA A 60 -6.45 0.41 13.70
C ALA A 60 -5.10 0.66 12.99
N GLY A 61 -4.88 0.10 11.74
CA GLY A 61 -3.68 0.43 10.99
C GLY A 61 -3.69 1.84 10.37
N LYS A 62 -4.90 2.43 10.05
CA LYS A 62 -5.02 3.87 9.63
C LYS A 62 -4.23 4.84 10.60
N GLN A 63 -4.40 4.65 11.96
CA GLN A 63 -3.70 5.44 13.04
C GLN A 63 -2.15 5.19 13.06
N ILE A 64 -1.77 3.91 12.76
CA ILE A 64 -0.34 3.42 12.71
C ILE A 64 0.42 3.87 11.42
N VAL A 65 -0.33 4.33 10.39
CA VAL A 65 0.22 4.85 9.09
C VAL A 65 0.39 6.41 9.22
N GLU A 66 -0.80 7.06 9.48
CA GLU A 66 -0.96 8.53 9.67
C GLU A 66 0.01 9.03 10.79
N ARG A 67 -0.33 8.65 12.09
CA ARG A 67 0.55 8.94 13.27
C ARG A 67 2.04 8.44 13.19
N ILE A 68 2.38 7.19 12.63
CA ILE A 68 3.83 6.73 12.56
C ILE A 68 4.76 7.59 11.58
N LEU A 69 4.13 8.39 10.65
CA LEU A 69 4.89 9.24 9.68
C LEU A 69 5.12 10.70 10.27
N LYS A 70 4.16 11.16 11.15
CA LYS A 70 4.26 12.49 11.91
C LYS A 70 5.16 12.35 13.23
N GLU A 71 5.42 11.04 13.50
CA GLU A 71 6.25 10.43 14.62
C GLU A 71 7.78 10.27 14.26
N GLU A 72 8.26 11.00 13.20
CA GLU A 72 9.65 10.85 12.68
C GLU A 72 10.64 11.95 13.15
N SER A 73 10.09 13.14 13.61
CA SER A 73 10.90 14.30 14.06
C SER A 73 10.75 14.55 15.57
N MET B 1 -1.72 7.87 -24.56
CA MET B 1 -0.77 8.33 -23.49
C MET B 1 -0.91 7.49 -22.19
N ASP B 2 -2.14 6.87 -21.97
CA ASP B 2 -2.51 6.00 -20.77
C ASP B 2 -2.60 6.80 -19.44
N SER B 3 -3.87 6.98 -19.01
CA SER B 3 -4.32 7.70 -17.76
C SER B 3 -4.67 6.76 -16.56
N ASN B 4 -5.36 5.59 -16.75
CA ASN B 4 -5.72 4.69 -15.59
C ASN B 4 -4.60 3.63 -15.22
N THR B 5 -3.55 3.55 -16.08
CA THR B 5 -2.35 2.68 -15.90
C THR B 5 -1.17 3.54 -15.29
N VAL B 6 -1.31 4.89 -15.42
CA VAL B 6 -0.30 5.87 -14.91
C VAL B 6 -0.70 6.26 -13.46
N SER B 7 -2.05 6.42 -13.19
CA SER B 7 -2.61 6.68 -11.83
C SER B 7 -2.45 5.42 -10.90
N SER B 8 -2.53 4.15 -11.47
CA SER B 8 -2.27 2.88 -10.70
C SER B 8 -0.74 2.64 -10.44
N PHE B 9 0.14 3.42 -11.16
CA PHE B 9 1.59 3.38 -10.96
C PHE B 9 2.00 4.43 -9.87
N GLN B 10 1.33 5.63 -9.89
CA GLN B 10 1.56 6.77 -8.92
C GLN B 10 1.14 6.40 -7.47
N VAL B 11 0.04 5.58 -7.29
CA VAL B 11 -0.37 5.06 -5.94
C VAL B 11 0.61 3.98 -5.46
N ASP B 12 1.14 3.08 -6.37
CA ASP B 12 2.15 2.07 -6.00
C ASP B 12 3.49 2.72 -5.55
N CYS B 13 3.85 3.94 -6.12
CA CYS B 13 5.09 4.68 -5.75
C CYS B 13 5.00 5.28 -4.30
N PHE B 14 3.78 5.85 -3.93
CA PHE B 14 3.49 6.39 -2.56
C PHE B 14 3.33 5.24 -1.55
N LEU B 15 2.50 4.19 -1.88
CA LEU B 15 2.24 3.03 -0.99
C LEU B 15 3.51 2.22 -0.68
N TRP B 16 4.43 2.05 -1.68
CA TRP B 16 5.74 1.44 -1.45
C TRP B 16 6.73 2.35 -0.61
N HIS B 17 6.57 3.73 -0.64
CA HIS B 17 7.42 4.69 0.16
C HIS B 17 6.88 4.71 1.64
N VAL B 18 5.60 4.32 1.75
CA VAL B 18 4.87 4.14 3.03
C VAL B 18 5.42 2.82 3.71
N ARG B 19 5.65 1.75 2.87
CA ARG B 19 6.24 0.45 3.32
C ARG B 19 7.79 0.55 3.59
N LYS B 20 8.52 1.51 2.87
CA LYS B 20 10.00 1.75 3.05
C LYS B 20 10.33 2.79 4.19
N ARG B 21 9.27 3.46 4.72
CA ARG B 21 9.24 4.41 5.88
C ARG B 21 8.91 3.56 7.15
N PHE B 22 8.30 2.36 6.88
CA PHE B 22 7.97 1.30 7.85
C PHE B 22 9.19 0.32 8.05
N ALA B 23 9.85 -0.12 6.92
CA ALA B 23 11.07 -0.98 6.95
C ALA B 23 12.35 -0.25 7.54
N ASP B 24 12.52 1.07 7.17
CA ASP B 24 13.66 1.94 7.64
C ASP B 24 13.56 2.42 9.14
N GLN B 25 12.38 2.16 9.80
CA GLN B 25 12.02 2.46 11.23
C GLN B 25 12.07 1.15 12.10
N GLU B 26 12.22 -0.06 11.43
CA GLU B 26 12.29 -1.46 12.02
C GLU B 26 10.98 -1.90 12.77
N LEU B 27 9.88 -1.90 11.97
CA LEU B 27 8.48 -2.29 12.35
C LEU B 27 8.10 -3.65 11.66
N GLY B 28 9.21 -4.27 11.26
CA GLY B 28 9.27 -5.56 10.59
C GLY B 28 10.57 -6.32 10.85
N ASP B 29 10.57 -7.62 10.44
CA ASP B 29 11.70 -8.57 10.62
C ASP B 29 12.30 -8.89 9.22
N ALA B 30 12.89 -10.11 9.01
CA ALA B 30 13.39 -10.57 7.68
C ALA B 30 12.25 -10.68 6.57
N PRO B 31 10.93 -11.27 6.82
CA PRO B 31 9.80 -11.31 5.80
C PRO B 31 9.42 -9.97 5.06
N PHE B 32 9.38 -8.77 5.76
CA PHE B 32 9.05 -7.48 5.06
C PHE B 32 10.20 -6.99 4.11
N LEU B 33 11.47 -7.06 4.63
CA LEU B 33 12.75 -6.75 3.87
C LEU B 33 12.96 -7.73 2.64
N ASP B 34 12.57 -9.05 2.81
CA ASP B 34 12.54 -10.13 1.74
C ASP B 34 11.58 -9.75 0.56
N ARG B 35 10.30 -9.39 0.96
CA ARG B 35 9.19 -8.93 0.08
C ARG B 35 9.55 -7.62 -0.66
N LEU B 36 10.16 -6.61 0.08
CA LEU B 36 10.64 -5.31 -0.44
C LEU B 36 11.63 -5.39 -1.63
N ARG B 37 12.71 -6.26 -1.57
CA ARG B 37 13.80 -6.38 -2.61
C ARG B 37 13.33 -6.85 -4.02
N ARG B 38 12.40 -7.89 -3.95
CA ARG B 38 11.84 -8.61 -5.15
C ARG B 38 11.00 -7.65 -6.05
N ASP B 39 10.08 -6.93 -5.35
CA ASP B 39 9.15 -5.95 -5.94
C ASP B 39 9.81 -4.56 -6.16
N GLN B 40 11.02 -4.27 -5.50
CA GLN B 40 11.67 -2.93 -5.68
C GLN B 40 12.19 -2.78 -7.13
N LYS B 41 12.81 -3.88 -7.70
CA LYS B 41 13.39 -3.93 -9.08
C LYS B 41 12.28 -3.96 -10.17
N SER B 42 11.07 -4.46 -9.68
CA SER B 42 9.83 -4.63 -10.48
C SER B 42 9.10 -3.26 -10.63
N LEU B 43 9.00 -2.48 -9.49
CA LEU B 43 8.38 -1.12 -9.43
C LEU B 43 9.20 -0.03 -10.17
N ARG B 44 10.56 -0.02 -9.94
CA ARG B 44 11.55 0.89 -10.59
C ARG B 44 11.76 0.55 -12.08
N GLY B 45 11.76 -0.77 -12.49
CA GLY B 45 11.85 -1.18 -13.92
C GLY B 45 10.57 -0.85 -14.73
N ARG B 46 9.42 -0.75 -13.95
CA ARG B 46 8.09 -0.30 -14.45
C ARG B 46 8.13 1.25 -14.63
N GLY B 47 8.98 2.00 -13.81
CA GLY B 47 9.21 3.46 -13.97
C GLY B 47 9.86 3.87 -15.29
N SER B 48 10.83 3.01 -15.77
CA SER B 48 11.59 3.15 -17.05
C SER B 48 10.66 3.17 -18.32
N THR B 49 9.72 2.13 -18.39
CA THR B 49 8.64 1.93 -19.43
C THR B 49 7.72 3.16 -19.64
N LEU B 50 6.85 3.50 -18.64
CA LEU B 50 5.92 4.68 -18.75
C LEU B 50 6.68 6.07 -18.62
N GLY B 51 7.95 6.02 -18.14
CA GLY B 51 8.90 7.15 -18.09
C GLY B 51 8.69 8.22 -17.03
N LEU B 52 8.49 7.84 -15.73
CA LEU B 52 8.24 8.83 -14.65
C LEU B 52 9.29 8.61 -13.54
N ASP B 53 9.90 9.72 -13.04
CA ASP B 53 10.86 9.68 -11.91
C ASP B 53 10.09 9.34 -10.60
N ILE B 54 10.53 8.19 -10.01
CA ILE B 54 9.97 7.52 -8.78
C ILE B 54 9.91 8.42 -7.49
N GLU B 55 10.97 9.23 -7.18
CA GLU B 55 10.95 10.17 -6.00
C GLU B 55 9.83 11.27 -6.10
N THR B 56 9.64 11.84 -7.34
CA THR B 56 8.59 12.86 -7.64
C THR B 56 7.21 12.19 -7.69
N ALA B 57 7.19 10.89 -8.14
CA ALA B 57 5.98 10.05 -8.20
C ALA B 57 5.52 9.59 -6.76
N THR B 58 6.47 9.47 -5.74
CA THR B 58 6.08 9.16 -4.30
C THR B 58 5.33 10.39 -3.61
N ARG B 59 5.45 11.55 -4.35
CA ARG B 59 4.97 12.91 -3.89
C ARG B 59 3.68 13.33 -4.70
N ALA B 60 3.77 13.05 -6.05
CA ALA B 60 2.67 13.18 -7.04
C ALA B 60 1.51 12.21 -6.68
N GLY B 61 1.81 10.88 -6.35
CA GLY B 61 0.78 9.99 -5.86
C GLY B 61 0.33 10.26 -4.43
N LYS B 62 1.22 10.84 -3.54
CA LYS B 62 0.80 11.33 -2.16
C LYS B 62 -0.51 12.20 -2.22
N GLN B 63 -0.58 13.18 -3.21
CA GLN B 63 -1.75 14.09 -3.44
C GLN B 63 -3.02 13.31 -3.95
N ILE B 64 -2.75 12.27 -4.80
CA ILE B 64 -3.81 11.38 -5.43
C ILE B 64 -4.36 10.26 -4.46
N VAL B 65 -3.77 10.17 -3.24
CA VAL B 65 -4.19 9.21 -2.16
C VAL B 65 -4.99 10.04 -1.09
N GLU B 66 -4.25 11.06 -0.55
CA GLU B 66 -4.76 12.05 0.44
C GLU B 66 -6.07 12.69 -0.13
N ARG B 67 -5.88 13.67 -1.11
CA ARG B 67 -7.02 14.30 -1.85
C ARG B 67 -8.08 13.33 -2.49
N ILE B 68 -7.74 12.12 -3.13
CA ILE B 68 -8.82 11.22 -3.74
C ILE B 68 -9.78 10.50 -2.68
N LEU B 69 -9.44 10.58 -1.34
CA LEU B 69 -10.25 9.96 -0.26
C LEU B 69 -11.18 11.04 0.42
N LYS B 70 -10.72 12.34 0.40
CA LYS B 70 -11.52 13.55 0.87
C LYS B 70 -12.53 14.08 -0.26
N GLU B 71 -12.25 13.47 -1.46
CA GLU B 71 -12.95 13.65 -2.79
C GLU B 71 -14.15 12.66 -3.00
N GLU B 72 -14.68 12.07 -1.88
CA GLU B 72 -15.75 11.01 -1.95
C GLU B 72 -17.20 11.51 -1.63
N SER B 73 -17.31 12.71 -0.93
CA SER B 73 -18.61 13.31 -0.52
C SER B 73 -18.89 14.62 -1.27
N MET A 1 3.63 -13.29 22.84
CA MET A 1 2.90 -12.11 22.30
C MET A 1 3.62 -11.49 21.08
N ASP A 2 2.85 -11.26 19.98
CA ASP A 2 3.34 -10.67 18.71
C ASP A 2 2.81 -9.22 18.49
N SER A 3 3.80 -8.29 18.56
CA SER A 3 3.67 -6.81 18.36
C SER A 3 4.14 -6.28 16.96
N ASN A 4 5.33 -6.73 16.40
CA ASN A 4 5.81 -6.21 15.07
C ASN A 4 5.22 -6.97 13.82
N THR A 5 4.61 -8.17 14.08
CA THR A 5 3.92 -9.02 13.05
C THR A 5 2.40 -8.64 12.98
N VAL A 6 1.91 -8.04 14.12
CA VAL A 6 0.49 -7.60 14.27
C VAL A 6 0.38 -6.14 13.73
N SER A 7 1.40 -5.26 14.00
CA SER A 7 1.48 -3.87 13.45
C SER A 7 1.74 -3.89 11.91
N SER A 8 2.47 -4.95 11.38
CA SER A 8 2.69 -5.16 9.91
C SER A 8 1.43 -5.75 9.21
N PHE A 9 0.48 -6.33 10.03
CA PHE A 9 -0.79 -6.88 9.53
C PHE A 9 -1.87 -5.75 9.51
N GLN A 10 -1.95 -4.93 10.63
CA GLN A 10 -2.92 -3.80 10.82
C GLN A 10 -2.67 -2.64 9.79
N VAL A 11 -1.37 -2.32 9.49
CA VAL A 11 -0.95 -1.29 8.48
C VAL A 11 -1.22 -1.81 7.03
N ASP A 12 -0.98 -3.14 6.75
CA ASP A 12 -1.32 -3.76 5.43
C ASP A 12 -2.87 -3.82 5.20
N CYS A 13 -3.68 -3.90 6.32
CA CYS A 13 -5.18 -3.85 6.29
C CYS A 13 -5.68 -2.45 5.83
N PHE A 14 -4.99 -1.35 6.32
CA PHE A 14 -5.23 0.07 5.94
C PHE A 14 -4.85 0.27 4.45
N LEU A 15 -3.63 -0.23 4.02
CA LEU A 15 -3.13 -0.11 2.62
C LEU A 15 -3.99 -0.95 1.61
N TRP A 16 -4.70 -1.95 2.18
CA TRP A 16 -5.63 -2.82 1.45
C TRP A 16 -7.03 -2.13 1.25
N HIS A 17 -7.47 -1.25 2.20
CA HIS A 17 -8.73 -0.48 2.10
C HIS A 17 -8.48 0.81 1.24
N VAL A 18 -7.18 1.20 1.16
CA VAL A 18 -6.68 2.32 0.33
C VAL A 18 -6.70 1.85 -1.18
N ARG A 19 -6.26 0.55 -1.43
CA ARG A 19 -6.24 -0.07 -2.78
C ARG A 19 -7.68 -0.51 -3.28
N LYS A 20 -8.61 -0.88 -2.32
CA LYS A 20 -10.03 -1.28 -2.65
C LYS A 20 -11.01 -0.03 -2.77
N ARG A 21 -10.50 1.16 -2.35
CA ARG A 21 -11.11 2.53 -2.48
C ARG A 21 -10.71 3.06 -3.89
N PHE A 22 -9.65 2.44 -4.48
CA PHE A 22 -9.16 2.68 -5.86
C PHE A 22 -9.89 1.76 -6.90
N ALA A 23 -10.02 0.41 -6.61
CA ALA A 23 -10.70 -0.60 -7.47
C ALA A 23 -12.26 -0.37 -7.64
N ASP A 24 -12.94 -0.07 -6.47
CA ASP A 24 -14.43 0.22 -6.40
C ASP A 24 -14.88 1.61 -6.99
N GLN A 25 -13.88 2.45 -7.39
CA GLN A 25 -13.98 3.79 -8.04
C GLN A 25 -13.68 3.67 -9.59
N GLU A 26 -13.29 2.41 -10.09
CA GLU A 26 -12.92 2.05 -11.54
C GLU A 26 -11.74 2.90 -12.08
N LEU A 27 -10.74 3.01 -11.18
CA LEU A 27 -9.48 3.77 -11.31
C LEU A 27 -8.23 2.89 -11.42
N GLY A 28 -8.32 1.53 -11.56
CA GLY A 28 -7.13 0.73 -11.65
C GLY A 28 -7.29 -0.24 -12.82
N ASP A 29 -6.15 -0.63 -13.39
CA ASP A 29 -6.13 -1.54 -14.58
C ASP A 29 -5.93 -3.02 -14.18
N ALA A 30 -5.71 -3.97 -15.16
CA ALA A 30 -5.51 -5.43 -14.91
C ALA A 30 -4.40 -5.77 -13.84
N PRO A 31 -3.12 -5.09 -13.76
CA PRO A 31 -2.13 -5.36 -12.66
C PRO A 31 -2.68 -5.17 -11.20
N PHE A 32 -3.59 -4.15 -10.96
CA PHE A 32 -4.22 -3.87 -9.63
C PHE A 32 -5.12 -5.01 -9.06
N LEU A 33 -6.14 -5.47 -9.88
CA LEU A 33 -7.16 -6.50 -9.49
C LEU A 33 -6.59 -7.96 -9.46
N ASP A 34 -5.64 -8.29 -10.41
CA ASP A 34 -4.91 -9.61 -10.46
C ASP A 34 -4.12 -9.91 -9.16
N ARG A 35 -3.29 -8.87 -8.75
CA ARG A 35 -2.46 -8.84 -7.51
C ARG A 35 -3.34 -8.82 -6.23
N LEU A 36 -4.48 -8.01 -6.23
CA LEU A 36 -5.47 -7.91 -5.14
C LEU A 36 -6.20 -9.23 -4.73
N ARG A 37 -6.78 -10.05 -5.71
CA ARG A 37 -7.56 -11.31 -5.44
C ARG A 37 -6.76 -12.45 -4.76
N ARG A 38 -5.48 -12.58 -5.30
CA ARG A 38 -4.49 -13.64 -4.90
C ARG A 38 -4.07 -13.45 -3.40
N ASP A 39 -3.72 -12.15 -3.10
CA ASP A 39 -3.29 -11.68 -1.78
C ASP A 39 -4.48 -11.41 -0.81
N GLN A 40 -5.79 -11.26 -1.33
CA GLN A 40 -6.94 -10.98 -0.41
C GLN A 40 -7.22 -12.20 0.50
N LYS A 41 -7.19 -13.45 -0.11
CA LYS A 41 -7.44 -14.75 0.59
C LYS A 41 -6.27 -15.11 1.54
N SER A 42 -5.08 -14.49 1.18
CA SER A 42 -3.78 -14.65 1.89
C SER A 42 -3.77 -13.74 3.17
N LEU A 43 -4.27 -12.44 3.02
CA LEU A 43 -4.38 -11.44 4.10
C LEU A 43 -5.48 -11.81 5.16
N ARG A 44 -6.72 -12.17 4.67
CA ARG A 44 -7.89 -12.59 5.50
C ARG A 44 -7.66 -13.98 6.14
N GLY A 45 -6.99 -14.96 5.42
CA GLY A 45 -6.62 -16.28 6.01
C GLY A 45 -5.54 -16.18 7.12
N ARG A 46 -4.70 -15.08 7.00
CA ARG A 46 -3.66 -14.66 7.98
C ARG A 46 -4.35 -13.98 9.20
N GLY A 47 -5.56 -13.29 9.00
CA GLY A 47 -6.35 -12.72 10.11
C GLY A 47 -6.89 -13.76 11.08
N SER A 48 -7.28 -14.96 10.51
CA SER A 48 -7.79 -16.16 11.23
C SER A 48 -6.76 -16.74 12.27
N THR A 49 -5.46 -16.93 11.78
CA THR A 49 -4.25 -17.42 12.55
C THR A 49 -3.88 -16.52 13.80
N LEU A 50 -3.58 -15.20 13.58
CA LEU A 50 -3.28 -14.29 14.75
C LEU A 50 -4.58 -13.79 15.50
N GLY A 51 -5.75 -14.00 14.85
CA GLY A 51 -7.09 -13.76 15.42
C GLY A 51 -7.58 -12.32 15.52
N LEU A 52 -7.45 -11.47 14.45
CA LEU A 52 -7.88 -10.06 14.52
C LEU A 52 -8.91 -9.78 13.39
N ASP A 53 -10.03 -9.10 13.73
CA ASP A 53 -11.06 -8.66 12.74
C ASP A 53 -10.49 -7.54 11.84
N ILE A 54 -10.53 -7.85 10.52
CA ILE A 54 -9.99 -7.04 9.37
C ILE A 54 -10.55 -5.58 9.21
N GLU A 55 -11.90 -5.36 9.36
CA GLU A 55 -12.52 -3.98 9.29
C GLU A 55 -12.03 -3.01 10.43
N THR A 56 -11.88 -3.54 11.68
CA THR A 56 -11.37 -2.79 12.87
C THR A 56 -9.84 -2.57 12.73
N ALA A 57 -9.18 -3.54 12.04
CA ALA A 57 -7.74 -3.50 11.72
C ALA A 57 -7.42 -2.45 10.62
N THR A 58 -8.39 -2.14 9.65
CA THR A 58 -8.16 -1.04 8.63
C THR A 58 -8.12 0.40 9.28
N ARG A 59 -8.72 0.40 10.55
CA ARG A 59 -8.92 1.65 11.39
C ARG A 59 -7.79 1.81 12.48
N ALA A 60 -7.50 0.63 13.13
CA ALA A 60 -6.40 0.40 14.13
C ALA A 60 -5.02 0.68 13.49
N GLY A 61 -4.75 0.13 12.25
CA GLY A 61 -3.52 0.48 11.52
C GLY A 61 -3.50 1.88 10.93
N LYS A 62 -4.68 2.47 10.48
CA LYS A 62 -4.80 3.92 10.05
C LYS A 62 -4.09 4.91 11.06
N GLN A 63 -4.42 4.75 12.40
CA GLN A 63 -3.86 5.54 13.54
C GLN A 63 -2.32 5.29 13.75
N ILE A 64 -1.93 3.97 13.52
CA ILE A 64 -0.51 3.50 13.67
C ILE A 64 0.43 4.20 12.62
N VAL A 65 0.11 4.15 11.26
CA VAL A 65 0.92 4.88 10.15
C VAL A 65 1.07 6.43 10.45
N GLU A 66 -0.11 7.04 10.80
CA GLU A 66 -0.24 8.50 11.11
C GLU A 66 0.69 8.91 12.32
N ARG A 67 0.27 8.50 13.59
CA ARG A 67 1.10 8.67 14.84
C ARG A 67 2.58 8.12 14.83
N ILE A 68 2.92 6.91 14.20
CA ILE A 68 4.36 6.41 14.18
C ILE A 68 5.32 7.26 13.26
N LEU A 69 4.74 8.09 12.32
CA LEU A 69 5.55 8.93 11.37
C LEU A 69 5.80 10.36 12.00
N LYS A 70 4.91 10.74 12.96
CA LYS A 70 5.06 12.00 13.79
C LYS A 70 5.96 11.73 15.08
N GLU A 71 6.22 10.39 15.26
CA GLU A 71 7.06 9.79 16.37
C GLU A 71 8.56 9.58 15.97
N GLU A 72 8.76 8.93 14.76
CA GLU A 72 10.07 8.68 14.08
C GLU A 72 9.82 8.74 12.55
N SER A 73 10.64 9.43 11.70
CA SER A 73 10.36 9.47 10.23
C SER A 73 11.48 8.79 9.41
N MET B 1 -2.34 8.63 -25.09
CA MET B 1 -2.07 9.14 -23.72
C MET B 1 -2.73 8.25 -22.64
N ASP B 2 -1.91 7.88 -21.61
CA ASP B 2 -2.34 7.03 -20.46
C ASP B 2 -2.43 7.84 -19.14
N SER B 3 -3.71 7.96 -18.69
CA SER B 3 -4.18 8.64 -17.45
C SER B 3 -4.54 7.67 -16.27
N ASN B 4 -5.27 6.52 -16.50
CA ASN B 4 -5.64 5.59 -15.37
C ASN B 4 -4.55 4.51 -15.04
N THR B 5 -3.53 4.37 -15.93
CA THR B 5 -2.36 3.43 -15.77
C THR B 5 -1.15 4.24 -15.16
N VAL B 6 -1.23 5.59 -15.30
CA VAL B 6 -0.20 6.53 -14.79
C VAL B 6 -0.59 6.93 -13.34
N SER B 7 -1.93 7.15 -13.08
CA SER B 7 -2.48 7.43 -11.70
C SER B 7 -2.38 6.15 -10.79
N SER B 8 -2.45 4.90 -11.39
CA SER B 8 -2.26 3.61 -10.66
C SER B 8 -0.76 3.30 -10.41
N PHE B 9 0.15 4.04 -11.14
CA PHE B 9 1.62 3.92 -10.96
C PHE B 9 2.10 4.95 -9.89
N GLN B 10 1.59 6.24 -9.98
CA GLN B 10 1.92 7.38 -9.06
C GLN B 10 1.43 7.10 -7.60
N VAL B 11 0.20 6.50 -7.45
CA VAL B 11 -0.39 6.09 -6.13
C VAL B 11 0.36 4.86 -5.53
N ASP B 12 0.78 3.85 -6.40
CA ASP B 12 1.61 2.70 -5.96
C ASP B 12 3.06 3.15 -5.53
N CYS B 13 3.57 4.30 -6.13
CA CYS B 13 4.88 4.93 -5.77
C CYS B 13 4.83 5.53 -4.33
N PHE B 14 3.65 6.17 -3.97
CA PHE B 14 3.34 6.70 -2.62
C PHE B 14 3.22 5.55 -1.60
N LEU B 15 2.46 4.46 -1.95
CA LEU B 15 2.25 3.26 -1.08
C LEU B 15 3.56 2.43 -0.89
N TRP B 16 4.50 2.65 -1.85
CA TRP B 16 5.84 2.06 -1.83
C TRP B 16 6.83 2.85 -0.91
N HIS B 17 6.64 4.20 -0.77
CA HIS B 17 7.46 5.06 0.14
C HIS B 17 6.87 4.97 1.60
N VAL B 18 5.59 4.58 1.66
CA VAL B 18 4.83 4.31 2.92
C VAL B 18 5.36 2.96 3.53
N ARG B 19 5.58 1.93 2.63
CA ARG B 19 6.11 0.59 3.01
C ARG B 19 7.66 0.61 3.31
N LYS B 20 8.46 1.52 2.61
CA LYS B 20 9.95 1.67 2.83
C LYS B 20 10.31 2.68 4.02
N ARG B 21 9.25 3.31 4.58
CA ARG B 21 9.22 4.19 5.80
C ARG B 21 8.93 3.26 7.01
N PHE B 22 8.41 2.04 6.68
CA PHE B 22 8.16 0.93 7.64
C PHE B 22 9.40 -0.02 7.76
N ALA B 23 10.02 -0.42 6.59
CA ALA B 23 11.24 -1.30 6.53
C ALA B 23 12.53 -0.65 7.13
N ASP B 24 12.77 0.67 6.76
CA ASP B 24 13.95 1.50 7.24
C ASP B 24 13.88 1.99 8.74
N GLN B 25 12.74 1.67 9.41
CA GLN B 25 12.39 1.92 10.85
C GLN B 25 12.50 0.59 11.68
N GLU B 26 12.80 -0.59 10.98
CA GLU B 26 12.92 -2.02 11.55
C GLU B 26 11.62 -2.49 12.28
N LEU B 27 10.52 -2.19 11.58
CA LEU B 27 9.12 -2.42 11.97
C LEU B 27 8.39 -3.48 11.13
N GLY B 28 9.08 -4.24 10.22
CA GLY B 28 8.39 -5.22 9.42
C GLY B 28 9.18 -6.53 9.49
N ASP B 29 8.46 -7.64 9.33
CA ASP B 29 9.08 -9.01 9.40
C ASP B 29 9.43 -9.56 8.00
N ALA B 30 9.85 -10.88 7.88
CA ALA B 30 10.23 -11.54 6.58
C ALA B 30 9.19 -11.38 5.42
N PRO B 31 7.75 -11.51 5.62
CA PRO B 31 6.76 -11.25 4.50
C PRO B 31 6.86 -9.82 3.84
N PHE B 32 7.18 -8.73 4.63
CA PHE B 32 7.35 -7.34 4.13
C PHE B 32 8.50 -7.13 3.09
N LEU B 33 9.76 -7.54 3.48
CA LEU B 33 11.03 -7.35 2.69
C LEU B 33 11.12 -8.32 1.46
N ASP B 34 10.62 -9.60 1.63
CA ASP B 34 10.55 -10.64 0.52
C ASP B 34 9.70 -10.14 -0.69
N ARG B 35 8.45 -9.66 -0.35
CA ARG B 35 7.45 -9.07 -1.29
C ARG B 35 7.96 -7.74 -1.90
N LEU B 36 8.61 -6.83 -1.06
CA LEU B 36 9.23 -5.55 -1.48
C LEU B 36 10.33 -5.63 -2.56
N ARG B 37 11.39 -6.53 -2.43
CA ARG B 37 12.57 -6.66 -3.38
C ARG B 37 12.19 -7.09 -4.83
N ARG B 38 11.23 -8.09 -4.84
CA ARG B 38 10.72 -8.74 -6.09
C ARG B 38 9.96 -7.71 -6.99
N ASP B 39 9.03 -6.97 -6.28
CA ASP B 39 8.19 -5.92 -6.87
C ASP B 39 8.92 -4.55 -7.02
N GLN B 40 10.13 -4.32 -6.32
CA GLN B 40 10.82 -3.01 -6.46
C GLN B 40 11.42 -2.84 -7.88
N LYS B 41 12.03 -3.95 -8.42
CA LYS B 41 12.65 -4.00 -9.79
C LYS B 41 11.58 -3.97 -10.91
N SER B 42 10.34 -4.42 -10.47
CA SER B 42 9.12 -4.51 -11.30
C SER B 42 8.47 -3.11 -11.44
N LEU B 43 8.38 -2.33 -10.27
CA LEU B 43 7.83 -0.96 -10.18
C LEU B 43 8.73 0.09 -10.90
N ARG B 44 10.08 0.07 -10.61
CA ARG B 44 11.13 0.97 -11.20
C ARG B 44 11.38 0.63 -12.69
N GLY B 45 11.35 -0.69 -13.11
CA GLY B 45 11.46 -1.10 -14.54
C GLY B 45 10.23 -0.68 -15.39
N ARG B 46 9.05 -0.56 -14.66
CA ARG B 46 7.77 -0.04 -15.20
C ARG B 46 7.82 1.51 -15.33
N GLY B 47 8.65 2.23 -14.44
CA GLY B 47 8.89 3.68 -14.56
C GLY B 47 9.61 4.08 -15.84
N SER B 48 10.57 3.21 -16.27
CA SER B 48 11.39 3.33 -17.52
C SER B 48 10.50 3.37 -18.83
N THR B 49 9.54 2.37 -18.92
CA THR B 49 8.49 2.18 -20.01
C THR B 49 7.58 3.44 -20.23
N LEU B 50 6.71 3.80 -19.21
CA LEU B 50 5.82 5.03 -19.34
C LEU B 50 6.61 6.38 -19.16
N GLY B 51 7.86 6.29 -18.63
CA GLY B 51 8.83 7.39 -18.53
C GLY B 51 8.61 8.42 -17.43
N LEU B 52 8.41 8.03 -16.14
CA LEU B 52 8.17 8.98 -15.04
C LEU B 52 9.21 8.73 -13.91
N ASP B 53 9.84 9.80 -13.38
CA ASP B 53 10.76 9.73 -12.22
C ASP B 53 9.97 9.40 -10.92
N ILE B 54 10.40 8.26 -10.32
CA ILE B 54 9.82 7.60 -9.10
C ILE B 54 9.73 8.48 -7.79
N GLU B 55 10.80 9.27 -7.45
CA GLU B 55 10.78 10.20 -6.24
C GLU B 55 9.70 11.34 -6.34
N THR B 56 9.54 11.94 -7.56
CA THR B 56 8.53 13.00 -7.88
C THR B 56 7.12 12.37 -7.94
N ALA B 57 7.08 11.06 -8.35
CA ALA B 57 5.86 10.24 -8.41
C ALA B 57 5.37 9.83 -6.98
N THR B 58 6.31 9.68 -5.94
CA THR B 58 5.86 9.39 -4.52
C THR B 58 5.10 10.61 -3.84
N ARG B 59 5.24 11.79 -4.57
CA ARG B 59 4.74 13.15 -4.11
C ARG B 59 3.48 13.58 -4.95
N ALA B 60 3.60 13.32 -6.30
CA ALA B 60 2.53 13.49 -7.33
C ALA B 60 1.32 12.56 -7.01
N GLY B 61 1.58 11.25 -6.68
CA GLY B 61 0.50 10.35 -6.21
C GLY B 61 0.02 10.63 -4.79
N LYS B 62 0.91 11.11 -3.83
CA LYS B 62 0.49 11.58 -2.45
C LYS B 62 -0.77 12.54 -2.50
N GLN B 63 -0.69 13.60 -3.40
CA GLN B 63 -1.77 14.62 -3.65
C GLN B 63 -3.06 13.99 -4.28
N ILE B 64 -2.81 12.97 -5.20
CA ILE B 64 -3.89 12.24 -5.94
C ILE B 64 -4.78 11.41 -4.94
N VAL B 65 -4.20 10.51 -4.05
CA VAL B 65 -4.99 9.72 -2.96
C VAL B 65 -5.84 10.66 -2.05
N GLU B 66 -5.14 11.74 -1.58
CA GLU B 66 -5.68 12.83 -0.71
C GLU B 66 -6.95 13.48 -1.40
N ARG B 67 -6.68 14.51 -2.30
CA ARG B 67 -7.75 15.16 -3.16
C ARG B 67 -8.80 14.22 -3.86
N ILE B 68 -8.45 12.97 -4.39
CA ILE B 68 -9.52 12.09 -5.03
C ILE B 68 -10.48 11.41 -3.98
N LEU B 69 -10.11 11.48 -2.63
CA LEU B 69 -10.92 10.87 -1.53
C LEU B 69 -11.70 11.97 -0.74
N LYS B 70 -11.70 13.18 -1.37
CA LYS B 70 -12.41 14.42 -0.88
C LYS B 70 -13.38 14.91 -2.04
N GLU B 71 -13.14 14.18 -3.19
CA GLU B 71 -13.83 14.30 -4.51
C GLU B 71 -15.02 13.28 -4.58
N GLU B 72 -14.63 11.95 -4.62
CA GLU B 72 -15.50 10.74 -4.62
C GLU B 72 -14.97 9.75 -3.54
N SER B 73 -15.80 9.14 -2.63
CA SER B 73 -15.26 8.19 -1.60
C SER B 73 -15.79 6.77 -1.78
N MET A 1 5.92 -15.58 19.04
CA MET A 1 4.98 -14.62 18.38
C MET A 1 5.09 -13.21 19.01
N ASP A 2 5.37 -12.19 18.13
CA ASP A 2 5.51 -10.75 18.51
C ASP A 2 4.35 -9.89 17.90
N SER A 3 4.09 -8.67 18.51
CA SER A 3 3.00 -7.74 18.04
C SER A 3 3.43 -6.77 16.89
N ASN A 4 4.70 -6.94 16.37
CA ASN A 4 5.22 -6.19 15.19
C ASN A 4 4.78 -6.90 13.85
N THR A 5 4.34 -8.20 13.99
CA THR A 5 3.79 -9.06 12.88
C THR A 5 2.25 -8.80 12.80
N VAL A 6 1.69 -8.27 13.92
CA VAL A 6 0.26 -7.91 14.05
C VAL A 6 0.13 -6.45 13.50
N SER A 7 1.15 -5.54 13.77
CA SER A 7 1.23 -4.15 13.23
C SER A 7 1.48 -4.14 11.69
N SER A 8 2.29 -5.13 11.12
CA SER A 8 2.52 -5.31 9.64
C SER A 8 1.27 -5.92 8.93
N PHE A 9 0.34 -6.51 9.76
CA PHE A 9 -0.94 -7.05 9.27
C PHE A 9 -2.01 -5.90 9.29
N GLN A 10 -2.03 -5.07 10.39
CA GLN A 10 -2.96 -3.91 10.60
C GLN A 10 -2.73 -2.77 9.54
N VAL A 11 -1.41 -2.53 9.17
CA VAL A 11 -0.97 -1.58 8.11
C VAL A 11 -1.36 -2.15 6.71
N ASP A 12 -1.20 -3.50 6.47
CA ASP A 12 -1.65 -4.16 5.22
C ASP A 12 -3.21 -4.13 5.09
N CYS A 13 -3.97 -4.14 6.26
CA CYS A 13 -5.46 -4.02 6.29
C CYS A 13 -5.89 -2.59 5.84
N PHE A 14 -5.09 -1.55 6.28
CA PHE A 14 -5.26 -0.13 5.89
C PHE A 14 -4.85 0.09 4.42
N LEU A 15 -3.64 -0.41 3.99
CA LEU A 15 -3.12 -0.28 2.60
C LEU A 15 -3.99 -1.02 1.54
N TRP A 16 -4.54 -2.25 1.86
CA TRP A 16 -5.52 -2.91 0.97
C TRP A 16 -6.89 -2.14 0.94
N HIS A 17 -7.29 -1.39 2.04
CA HIS A 17 -8.59 -0.62 2.09
C HIS A 17 -8.42 0.73 1.30
N VAL A 18 -7.13 1.21 1.25
CA VAL A 18 -6.69 2.42 0.47
C VAL A 18 -6.75 2.02 -1.06
N ARG A 19 -6.38 0.73 -1.37
CA ARG A 19 -6.43 0.12 -2.73
C ARG A 19 -7.90 -0.34 -3.14
N LYS A 20 -8.78 -0.73 -2.13
CA LYS A 20 -10.22 -1.15 -2.39
C LYS A 20 -11.20 0.08 -2.49
N ARG A 21 -10.68 1.27 -2.06
CA ARG A 21 -11.29 2.64 -2.11
C ARG A 21 -10.89 3.25 -3.49
N PHE A 22 -9.76 2.73 -4.06
CA PHE A 22 -9.23 3.05 -5.40
C PHE A 22 -9.94 2.15 -6.50
N ALA A 23 -10.04 0.79 -6.26
CA ALA A 23 -10.73 -0.20 -7.17
C ALA A 23 -12.29 0.03 -7.28
N ASP A 24 -12.96 0.30 -6.09
CA ASP A 24 -14.45 0.58 -5.98
C ASP A 24 -14.92 1.97 -6.56
N GLN A 25 -13.93 2.82 -6.96
CA GLN A 25 -14.05 4.17 -7.60
C GLN A 25 -13.73 4.07 -9.13
N GLU A 26 -13.24 2.86 -9.62
CA GLU A 26 -12.82 2.53 -11.05
C GLU A 26 -11.61 3.37 -11.55
N LEU A 27 -10.53 3.28 -10.74
CA LEU A 27 -9.21 3.94 -10.93
C LEU A 27 -8.13 2.92 -11.30
N GLY A 28 -7.48 3.25 -12.43
CA GLY A 28 -6.49 2.39 -13.07
C GLY A 28 -7.14 1.66 -14.22
N ASP A 29 -6.51 0.60 -14.78
CA ASP A 29 -7.15 -0.19 -15.85
C ASP A 29 -7.61 -1.55 -15.27
N ALA A 30 -8.06 -2.50 -16.15
CA ALA A 30 -8.53 -3.86 -15.76
C ALA A 30 -7.48 -4.79 -15.00
N PRO A 31 -6.05 -4.81 -15.27
CA PRO A 31 -5.11 -5.74 -14.52
C PRO A 31 -5.03 -5.54 -12.94
N PHE A 32 -5.47 -4.30 -12.43
CA PHE A 32 -5.50 -3.95 -10.97
C PHE A 32 -6.57 -4.78 -10.16
N LEU A 33 -7.66 -5.25 -10.87
CA LEU A 33 -8.75 -6.13 -10.37
C LEU A 33 -8.26 -7.62 -10.38
N ASP A 34 -7.37 -7.98 -11.39
CA ASP A 34 -6.66 -9.31 -11.50
C ASP A 34 -5.74 -9.57 -10.26
N ARG A 35 -4.88 -8.51 -9.95
CA ARG A 35 -3.92 -8.43 -8.82
C ARG A 35 -4.64 -8.38 -7.43
N LEU A 36 -5.74 -7.53 -7.29
CA LEU A 36 -6.57 -7.41 -6.05
C LEU A 36 -7.18 -8.74 -5.52
N ARG A 37 -7.76 -9.61 -6.45
CA ARG A 37 -8.46 -10.91 -6.13
C ARG A 37 -7.55 -12.01 -5.48
N ARG A 38 -6.30 -12.11 -6.10
CA ARG A 38 -5.27 -13.14 -5.77
C ARG A 38 -4.74 -12.98 -4.32
N ASP A 39 -4.32 -11.69 -4.04
CA ASP A 39 -3.79 -11.23 -2.75
C ASP A 39 -4.91 -10.92 -1.71
N GLN A 40 -6.22 -10.74 -2.16
CA GLN A 40 -7.33 -10.44 -1.21
C GLN A 40 -7.62 -11.66 -0.29
N LYS A 41 -7.64 -12.93 -0.89
CA LYS A 41 -7.88 -14.23 -0.18
C LYS A 41 -6.68 -14.63 0.72
N SER A 42 -5.49 -14.04 0.31
CA SER A 42 -4.16 -14.22 0.95
C SER A 42 -4.08 -13.32 2.22
N LEU A 43 -4.57 -12.03 2.10
CA LEU A 43 -4.64 -11.01 3.18
C LEU A 43 -5.68 -11.38 4.29
N ARG A 44 -6.93 -11.79 3.86
CA ARG A 44 -8.07 -12.23 4.72
C ARG A 44 -7.81 -13.62 5.37
N GLY A 45 -7.15 -14.61 4.63
CA GLY A 45 -6.77 -15.93 5.22
C GLY A 45 -5.69 -15.82 6.33
N ARG A 46 -4.86 -14.73 6.18
CA ARG A 46 -3.83 -14.29 7.17
C ARG A 46 -4.53 -13.66 8.41
N GLY A 47 -5.79 -13.05 8.25
CA GLY A 47 -6.60 -12.56 9.38
C GLY A 47 -7.07 -13.61 10.36
N SER A 48 -7.44 -14.82 9.79
CA SER A 48 -7.90 -16.03 10.54
C SER A 48 -6.84 -16.59 11.56
N THR A 49 -5.54 -16.75 11.03
CA THR A 49 -4.31 -17.21 11.79
C THR A 49 -3.94 -16.33 13.03
N LEU A 50 -3.66 -15.00 12.82
CA LEU A 50 -3.33 -14.09 13.99
C LEU A 50 -4.62 -13.63 14.77
N GLY A 51 -5.82 -13.89 14.17
CA GLY A 51 -7.15 -13.68 14.78
C GLY A 51 -7.64 -12.25 14.91
N LEU A 52 -7.51 -11.38 13.86
CA LEU A 52 -7.93 -9.98 13.94
C LEU A 52 -8.97 -9.67 12.84
N ASP A 53 -10.08 -8.98 13.19
CA ASP A 53 -11.11 -8.53 12.22
C ASP A 53 -10.54 -7.37 11.36
N ILE A 54 -10.51 -7.64 10.03
CA ILE A 54 -9.95 -6.76 8.93
C ILE A 54 -10.50 -5.26 8.90
N GLU A 55 -11.84 -5.04 9.08
CA GLU A 55 -12.46 -3.65 9.14
C GLU A 55 -11.97 -2.78 10.37
N THR A 56 -11.95 -3.40 11.60
CA THR A 56 -11.46 -2.77 12.87
C THR A 56 -9.88 -2.62 12.91
N ALA A 57 -9.17 -3.65 12.32
CA ALA A 57 -7.68 -3.67 12.20
C ALA A 57 -7.17 -2.55 11.24
N THR A 58 -7.98 -2.23 10.16
CA THR A 58 -7.69 -1.12 9.20
C THR A 58 -7.52 0.26 9.96
N ARG A 59 -8.59 0.56 10.79
CA ARG A 59 -8.70 1.80 11.67
C ARG A 59 -7.55 1.88 12.75
N ALA A 60 -7.25 0.68 13.35
CA ALA A 60 -6.12 0.44 14.32
C ALA A 60 -4.72 0.70 13.67
N GLY A 61 -4.43 0.15 12.44
CA GLY A 61 -3.17 0.46 11.73
C GLY A 61 -3.12 1.85 11.10
N LYS A 62 -4.31 2.45 10.71
CA LYS A 62 -4.43 3.88 10.25
C LYS A 62 -3.72 4.88 11.24
N GLN A 63 -4.01 4.74 12.60
CA GLN A 63 -3.41 5.55 13.72
C GLN A 63 -1.88 5.29 13.85
N ILE A 64 -1.53 3.99 13.59
CA ILE A 64 -0.14 3.44 13.61
C ILE A 64 0.70 3.90 12.33
N VAL A 65 0.01 4.42 11.26
CA VAL A 65 0.67 4.97 9.99
C VAL A 65 0.88 6.52 10.19
N GLU A 66 -0.28 7.18 10.51
CA GLU A 66 -0.40 8.65 10.77
C GLU A 66 0.56 9.13 11.92
N ARG A 67 0.18 8.76 13.22
CA ARG A 67 1.06 9.01 14.43
C ARG A 67 2.54 8.51 14.39
N ILE A 68 2.92 7.30 13.78
CA ILE A 68 4.39 6.87 13.73
C ILE A 68 5.28 7.73 12.78
N LEU A 69 4.64 8.47 11.81
CA LEU A 69 5.38 9.29 10.81
C LEU A 69 5.63 10.74 11.33
N LYS A 70 4.68 11.24 12.20
CA LYS A 70 4.80 12.56 12.92
C LYS A 70 5.75 12.44 14.20
N GLU A 71 6.10 11.12 14.42
CA GLU A 71 7.05 10.64 15.49
C GLU A 71 8.41 10.17 14.91
N GLU A 72 8.47 9.43 13.75
CA GLU A 72 9.77 9.09 13.06
C GLU A 72 9.48 9.12 11.54
N SER A 73 10.22 9.88 10.68
CA SER A 73 9.89 9.90 9.21
C SER A 73 10.95 9.17 8.38
N MET B 1 -2.55 3.67 -24.88
CA MET B 1 -1.99 4.07 -23.55
C MET B 1 -2.82 5.23 -22.92
N ASP B 2 -3.31 4.96 -21.68
CA ASP B 2 -4.12 5.92 -20.86
C ASP B 2 -3.34 6.41 -19.60
N SER B 3 -3.76 7.59 -19.02
CA SER B 3 -3.09 8.21 -17.81
C SER B 3 -3.64 7.66 -16.44
N ASN B 4 -4.59 6.65 -16.52
CA ASN B 4 -5.13 5.92 -15.33
C ASN B 4 -4.17 4.74 -14.92
N THR B 5 -3.25 4.37 -15.87
CA THR B 5 -2.17 3.34 -15.71
C THR B 5 -0.91 4.06 -15.14
N VAL B 6 -0.86 5.40 -15.35
CA VAL B 6 0.21 6.29 -14.86
C VAL B 6 -0.18 6.67 -13.40
N SER B 7 -1.52 6.92 -13.11
CA SER B 7 -2.05 7.19 -11.74
C SER B 7 -1.96 5.93 -10.81
N SER B 8 -2.14 4.66 -11.36
CA SER B 8 -1.97 3.38 -10.60
C SER B 8 -0.46 3.03 -10.36
N PHE B 9 0.43 3.79 -11.09
CA PHE B 9 1.90 3.68 -10.92
C PHE B 9 2.36 4.75 -9.86
N GLN B 10 1.78 6.01 -9.93
CA GLN B 10 2.07 7.15 -9.01
C GLN B 10 1.59 6.85 -7.55
N VAL B 11 0.41 6.14 -7.41
CA VAL B 11 -0.16 5.65 -6.12
C VAL B 11 0.72 4.48 -5.58
N ASP B 12 1.21 3.53 -6.46
CA ASP B 12 2.14 2.45 -6.07
C ASP B 12 3.54 3.02 -5.63
N CYS B 13 3.95 4.21 -6.23
CA CYS B 13 5.22 4.94 -5.84
C CYS B 13 5.08 5.51 -4.39
N PHE B 14 3.84 6.03 -4.07
CA PHE B 14 3.46 6.55 -2.74
C PHE B 14 3.32 5.39 -1.72
N LEU B 15 2.55 4.30 -2.08
CA LEU B 15 2.33 3.12 -1.21
C LEU B 15 3.62 2.31 -0.91
N TRP B 16 4.57 2.15 -1.91
CA TRP B 16 5.89 1.56 -1.63
C TRP B 16 6.79 2.52 -0.75
N HIS B 17 6.58 3.89 -0.80
CA HIS B 17 7.39 4.88 0.00
C HIS B 17 6.84 4.91 1.48
N VAL B 18 5.51 4.57 1.60
CA VAL B 18 4.78 4.43 2.90
C VAL B 18 5.32 3.11 3.58
N ARG B 19 5.59 2.05 2.73
CA ARG B 19 6.19 0.75 3.16
C ARG B 19 7.75 0.84 3.38
N LYS B 20 8.50 1.77 2.63
CA LYS B 20 9.99 1.96 2.80
C LYS B 20 10.36 2.98 3.95
N ARG B 21 9.29 3.63 4.50
CA ARG B 21 9.26 4.56 5.68
C ARG B 21 8.94 3.68 6.91
N PHE B 22 8.28 2.51 6.65
CA PHE B 22 7.96 1.43 7.62
C PHE B 22 9.19 0.45 7.79
N ALA B 23 9.81 -0.02 6.64
CA ALA B 23 11.03 -0.91 6.63
C ALA B 23 12.33 -0.22 7.20
N ASP B 24 12.55 1.10 6.80
CA ASP B 24 13.73 1.96 7.24
C ASP B 24 13.66 2.44 8.75
N GLN B 25 12.53 2.15 9.42
CA GLN B 25 12.19 2.41 10.86
C GLN B 25 12.26 1.07 11.69
N GLU B 26 12.44 -0.11 10.99
CA GLU B 26 12.53 -1.53 11.55
C GLU B 26 11.20 -1.99 12.25
N LEU B 27 10.12 -1.86 11.43
CA LEU B 27 8.71 -2.22 11.78
C LEU B 27 8.27 -3.48 11.02
N GLY B 28 7.79 -4.44 11.84
CA GLY B 28 7.40 -5.77 11.39
C GLY B 28 8.53 -6.73 11.72
N ASP B 29 8.54 -7.97 11.16
CA ASP B 29 9.67 -8.89 11.38
C ASP B 29 10.54 -8.97 10.10
N ALA B 30 11.52 -9.92 10.04
CA ALA B 30 12.42 -10.13 8.89
C ALA B 30 11.72 -10.49 7.49
N PRO B 31 10.53 -11.31 7.35
CA PRO B 31 9.94 -11.62 5.99
C PRO B 31 9.46 -10.37 5.11
N PHE B 32 9.23 -9.18 5.81
CA PHE B 32 8.79 -7.89 5.15
C PHE B 32 9.92 -7.25 4.24
N LEU B 33 11.22 -7.58 4.57
CA LEU B 33 12.45 -7.19 3.83
C LEU B 33 12.66 -8.16 2.61
N ASP B 34 12.24 -9.47 2.80
CA ASP B 34 12.20 -10.54 1.72
C ASP B 34 11.25 -10.13 0.56
N ARG B 35 9.97 -9.73 0.98
CA ARG B 35 8.85 -9.26 0.11
C ARG B 35 9.18 -7.90 -0.57
N LEU B 36 9.76 -6.88 0.20
CA LEU B 36 10.19 -5.55 -0.31
C LEU B 36 11.16 -5.59 -1.51
N ARG B 37 12.25 -6.47 -1.46
CA ARG B 37 13.34 -6.60 -2.48
C ARG B 37 12.88 -7.07 -3.90
N ARG B 38 11.97 -8.12 -3.85
CA ARG B 38 11.42 -8.83 -5.05
C ARG B 38 10.57 -7.89 -5.95
N ASP B 39 9.61 -7.21 -5.26
CA ASP B 39 8.68 -6.23 -5.84
C ASP B 39 9.31 -4.82 -6.03
N GLN B 40 10.49 -4.53 -5.35
CA GLN B 40 11.13 -3.18 -5.48
C GLN B 40 11.72 -3.00 -6.90
N LYS B 41 12.40 -4.09 -7.48
CA LYS B 41 13.01 -4.12 -8.84
C LYS B 41 11.93 -4.14 -9.96
N SER B 42 10.73 -4.68 -9.52
CA SER B 42 9.51 -4.85 -10.33
C SER B 42 8.78 -3.47 -10.49
N LEU B 43 8.69 -2.70 -9.34
CA LEU B 43 8.09 -1.33 -9.26
C LEU B 43 8.94 -0.26 -10.01
N ARG B 44 10.31 -0.26 -9.78
CA ARG B 44 11.32 0.65 -10.42
C ARG B 44 11.55 0.30 -11.92
N GLY B 45 11.55 -1.03 -12.33
CA GLY B 45 11.65 -1.43 -13.76
C GLY B 45 10.42 -1.01 -14.61
N ARG B 46 9.26 -0.91 -13.88
CA ARG B 46 7.96 -0.39 -14.40
C ARG B 46 8.05 1.16 -14.57
N GLY B 47 8.94 1.87 -13.75
CA GLY B 47 9.22 3.33 -13.91
C GLY B 47 9.88 3.71 -15.23
N SER B 48 10.84 2.83 -15.69
CA SER B 48 11.60 2.96 -16.97
C SER B 48 10.69 2.99 -18.25
N THR B 49 9.74 1.96 -18.32
CA THR B 49 8.66 1.76 -19.37
C THR B 49 7.75 3.02 -19.59
N LEU B 50 6.89 3.37 -18.58
CA LEU B 50 5.98 4.57 -18.69
C LEU B 50 6.76 5.95 -18.57
N GLY B 51 8.05 5.88 -18.12
CA GLY B 51 9.00 7.01 -18.06
C GLY B 51 8.80 8.05 -16.97
N LEU B 52 8.57 7.66 -15.70
CA LEU B 52 8.33 8.61 -14.60
C LEU B 52 9.35 8.38 -13.46
N ASP B 53 9.96 9.49 -12.94
CA ASP B 53 10.88 9.43 -11.77
C ASP B 53 10.05 9.14 -10.49
N ILE B 54 10.43 7.99 -9.84
CA ILE B 54 9.79 7.39 -8.61
C ILE B 54 9.65 8.37 -7.37
N GLU B 55 10.69 9.20 -7.04
CA GLU B 55 10.63 10.21 -5.91
C GLU B 55 9.57 11.36 -6.13
N THR B 56 9.56 11.95 -7.38
CA THR B 56 8.59 13.03 -7.80
C THR B 56 7.14 12.46 -8.06
N ALA B 57 7.06 11.19 -8.61
CA ALA B 57 5.79 10.45 -8.86
C ALA B 57 5.07 10.11 -7.53
N THR B 58 5.88 9.81 -6.43
CA THR B 58 5.34 9.54 -5.06
C THR B 58 4.45 10.74 -4.54
N ARG B 59 5.09 11.97 -4.62
CA ARG B 59 4.47 13.31 -4.24
C ARG B 59 3.19 13.67 -5.09
N ALA B 60 3.31 13.37 -6.43
CA ALA B 60 2.23 13.49 -7.46
C ALA B 60 1.03 12.54 -7.15
N GLY B 61 1.27 11.21 -6.84
CA GLY B 61 0.18 10.31 -6.42
C GLY B 61 -0.34 10.54 -5.00
N LYS B 62 0.53 11.06 -4.05
CA LYS B 62 0.13 11.51 -2.67
C LYS B 62 -1.13 12.44 -2.70
N GLN B 63 -1.11 13.51 -3.61
CA GLN B 63 -2.21 14.50 -3.84
C GLN B 63 -3.48 13.80 -4.44
N ILE B 64 -3.18 12.79 -5.32
CA ILE B 64 -4.18 11.93 -6.02
C ILE B 64 -4.81 10.79 -5.09
N VAL B 65 -4.31 10.67 -3.81
CA VAL B 65 -4.82 9.71 -2.74
C VAL B 65 -5.66 10.55 -1.74
N GLU B 66 -4.98 11.63 -1.24
CA GLU B 66 -5.52 12.65 -0.30
C GLU B 66 -6.81 13.29 -0.90
N ARG B 67 -6.62 14.31 -1.83
CA ARG B 67 -7.73 14.96 -2.61
C ARG B 67 -8.79 14.02 -3.29
N ILE B 68 -8.47 12.79 -3.90
CA ILE B 68 -9.59 11.91 -4.50
C ILE B 68 -10.54 11.24 -3.46
N LEU B 69 -10.16 11.25 -2.14
CA LEU B 69 -10.96 10.61 -1.06
C LEU B 69 -11.90 11.63 -0.34
N LYS B 70 -11.46 12.93 -0.32
CA LYS B 70 -12.27 14.11 0.21
C LYS B 70 -13.31 14.62 -0.89
N GLU B 71 -13.11 13.96 -2.06
CA GLU B 71 -13.87 14.07 -3.35
C GLU B 71 -14.99 12.97 -3.46
N GLU B 72 -14.51 11.66 -3.58
CA GLU B 72 -15.34 10.41 -3.60
C GLU B 72 -14.75 9.42 -2.56
N SER B 73 -15.53 8.82 -1.59
CA SER B 73 -14.91 7.88 -0.59
C SER B 73 -15.34 6.42 -0.84
N MET A 1 -2.26 -3.77 20.29
CA MET A 1 -0.79 -3.79 20.04
C MET A 1 -0.10 -4.92 20.86
N ASP A 2 0.56 -5.85 20.11
CA ASP A 2 1.30 -7.02 20.67
C ASP A 2 2.81 -7.00 20.27
N SER A 3 3.10 -7.45 19.00
CA SER A 3 4.46 -7.54 18.37
C SER A 3 4.44 -6.96 16.93
N ASN A 4 5.66 -6.99 16.25
CA ASN A 4 5.91 -6.41 14.89
C ASN A 4 5.28 -7.24 13.70
N THR A 5 4.80 -8.48 14.01
CA THR A 5 4.11 -9.40 13.04
C THR A 5 2.59 -9.01 13.00
N VAL A 6 2.14 -8.36 14.11
CA VAL A 6 0.74 -7.91 14.29
C VAL A 6 0.63 -6.47 13.69
N SER A 7 1.68 -5.59 13.89
CA SER A 7 1.76 -4.22 13.28
C SER A 7 1.94 -4.28 11.72
N SER A 8 2.69 -5.31 11.16
CA SER A 8 2.84 -5.52 9.68
C SER A 8 1.56 -6.13 9.05
N PHE A 9 0.67 -6.73 9.91
CA PHE A 9 -0.62 -7.27 9.46
C PHE A 9 -1.70 -6.15 9.48
N GLN A 10 -1.76 -5.35 10.61
CA GLN A 10 -2.73 -4.22 10.82
C GLN A 10 -2.52 -3.07 9.80
N VAL A 11 -1.22 -2.74 9.47
CA VAL A 11 -0.82 -1.73 8.46
C VAL A 11 -1.12 -2.23 7.02
N ASP A 12 -0.88 -3.57 6.70
CA ASP A 12 -1.27 -4.18 5.38
C ASP A 12 -2.81 -4.24 5.21
N CYS A 13 -3.58 -4.30 6.36
CA CYS A 13 -5.08 -4.25 6.37
C CYS A 13 -5.56 -2.83 5.93
N PHE A 14 -4.82 -1.75 6.43
CA PHE A 14 -5.04 -0.32 6.06
C PHE A 14 -4.64 -0.09 4.58
N LEU A 15 -3.41 -0.55 4.15
CA LEU A 15 -2.92 -0.41 2.76
C LEU A 15 -3.79 -1.17 1.75
N TRP A 16 -4.35 -2.36 2.13
CA TRP A 16 -5.31 -3.08 1.31
C TRP A 16 -6.72 -2.37 1.25
N HIS A 17 -7.10 -1.54 2.29
CA HIS A 17 -8.39 -0.79 2.31
C HIS A 17 -8.22 0.55 1.53
N VAL A 18 -6.94 0.98 1.42
CA VAL A 18 -6.50 2.17 0.62
C VAL A 18 -6.58 1.73 -0.89
N ARG A 19 -6.18 0.44 -1.20
CA ARG A 19 -6.29 -0.18 -2.55
C ARG A 19 -7.77 -0.55 -2.93
N LYS A 20 -8.65 -0.90 -1.91
CA LYS A 20 -10.09 -1.26 -2.14
C LYS A 20 -11.05 0.01 -2.16
N ARG A 21 -10.52 1.16 -1.68
CA ARG A 21 -11.12 2.54 -1.66
C ARG A 21 -10.76 3.20 -3.03
N PHE A 22 -9.69 2.60 -3.65
CA PHE A 22 -9.20 2.88 -5.02
C PHE A 22 -9.98 1.98 -6.07
N ALA A 23 -10.14 0.65 -5.78
CA ALA A 23 -10.89 -0.35 -6.61
C ALA A 23 -12.43 -0.08 -6.73
N ASP A 24 -13.06 0.23 -5.55
CA ASP A 24 -14.54 0.54 -5.43
C ASP A 24 -14.95 1.92 -6.06
N GLN A 25 -13.93 2.70 -6.50
CA GLN A 25 -13.99 4.02 -7.19
C GLN A 25 -13.68 3.86 -8.73
N GLU A 26 -13.21 2.62 -9.17
CA GLU A 26 -12.81 2.24 -10.60
C GLU A 26 -11.58 3.05 -11.11
N LEU A 27 -10.51 2.92 -10.30
CA LEU A 27 -9.18 3.56 -10.49
C LEU A 27 -8.12 2.50 -10.88
N GLY A 28 -7.49 2.79 -12.04
CA GLY A 28 -6.52 1.91 -12.70
C GLY A 28 -7.19 1.18 -13.85
N ASP A 29 -6.58 0.13 -14.44
CA ASP A 29 -7.20 -0.64 -15.53
C ASP A 29 -7.66 -2.02 -14.99
N ALA A 30 -8.10 -2.96 -15.90
CA ALA A 30 -8.56 -4.32 -15.55
C ALA A 30 -7.49 -5.27 -14.82
N PRO A 31 -6.07 -5.29 -15.13
CA PRO A 31 -5.12 -6.23 -14.42
C PRO A 31 -5.00 -6.04 -12.84
N PHE A 32 -5.43 -4.81 -12.35
CA PHE A 32 -5.44 -4.45 -10.90
C PHE A 32 -6.46 -5.32 -10.09
N LEU A 33 -7.61 -5.70 -10.76
CA LEU A 33 -8.70 -6.58 -10.24
C LEU A 33 -8.23 -8.06 -10.20
N ASP A 34 -7.34 -8.44 -11.19
CA ASP A 34 -6.64 -9.78 -11.27
C ASP A 34 -5.74 -10.01 -10.00
N ARG A 35 -4.88 -8.94 -9.69
CA ARG A 35 -3.95 -8.86 -8.53
C ARG A 35 -4.67 -8.83 -7.16
N LEU A 36 -5.79 -8.00 -7.03
CA LEU A 36 -6.61 -7.88 -5.80
C LEU A 36 -7.27 -9.17 -5.28
N ARG A 37 -7.87 -10.04 -6.19
CA ARG A 37 -8.58 -11.31 -5.85
C ARG A 37 -7.70 -12.40 -5.18
N ARG A 38 -6.45 -12.51 -5.79
CA ARG A 38 -5.41 -13.53 -5.43
C ARG A 38 -4.92 -13.34 -3.96
N ASP A 39 -4.55 -12.04 -3.67
CA ASP A 39 -4.05 -11.58 -2.37
C ASP A 39 -5.19 -11.26 -1.36
N GLN A 40 -6.50 -11.10 -1.83
CA GLN A 40 -7.62 -10.80 -0.87
C GLN A 40 -7.88 -12.01 0.07
N LYS A 41 -7.86 -13.25 -0.51
CA LYS A 41 -8.09 -14.55 0.20
C LYS A 41 -6.87 -14.94 1.10
N SER A 42 -5.70 -14.32 0.68
CA SER A 42 -4.37 -14.48 1.33
C SER A 42 -4.28 -13.58 2.59
N LEU A 43 -4.77 -12.27 2.47
CA LEU A 43 -4.82 -11.28 3.57
C LEU A 43 -5.84 -11.65 4.69
N ARG A 44 -7.08 -12.10 4.26
CA ARG A 44 -8.20 -12.57 5.13
C ARG A 44 -7.90 -13.96 5.77
N GLY A 45 -7.24 -14.92 5.02
CA GLY A 45 -6.83 -16.24 5.59
C GLY A 45 -5.72 -16.13 6.66
N ARG A 46 -4.88 -15.05 6.49
CA ARG A 46 -3.82 -14.61 7.45
C ARG A 46 -4.50 -13.98 8.70
N GLY A 47 -5.74 -13.34 8.55
CA GLY A 47 -6.53 -12.81 9.69
C GLY A 47 -7.00 -13.86 10.68
N SER A 48 -7.39 -15.06 10.13
CA SER A 48 -7.86 -16.27 10.88
C SER A 48 -6.79 -16.81 11.90
N THR A 49 -5.50 -16.98 11.37
CA THR A 49 -4.27 -17.43 12.14
C THR A 49 -3.91 -16.55 13.38
N LEU A 50 -3.64 -15.21 13.17
CA LEU A 50 -3.35 -14.30 14.33
C LEU A 50 -4.64 -13.85 15.11
N GLY A 51 -5.82 -14.13 14.50
CA GLY A 51 -7.16 -13.93 15.10
C GLY A 51 -7.66 -12.51 15.25
N LEU A 52 -7.56 -11.65 14.21
CA LEU A 52 -7.97 -10.25 14.30
C LEU A 52 -9.01 -9.94 13.19
N ASP A 53 -10.10 -9.22 13.53
CA ASP A 53 -11.11 -8.76 12.54
C ASP A 53 -10.48 -7.70 11.61
N ILE A 54 -10.49 -8.04 10.29
CA ILE A 54 -9.92 -7.25 9.14
C ILE A 54 -10.44 -5.76 9.08
N GLU A 55 -11.79 -5.51 9.21
CA GLU A 55 -12.39 -4.11 9.23
C GLU A 55 -11.86 -3.24 10.43
N THR A 56 -11.81 -3.84 11.66
CA THR A 56 -11.26 -3.17 12.88
C THR A 56 -9.71 -2.99 12.78
N ALA A 57 -9.02 -3.96 12.07
CA ALA A 57 -7.57 -3.90 11.77
C ALA A 57 -7.23 -2.83 10.68
N THR A 58 -8.17 -2.55 9.67
CA THR A 58 -7.96 -1.46 8.62
C THR A 58 -7.91 -0.01 9.27
N ARG A 59 -8.51 -0.01 10.54
CA ARG A 59 -8.75 1.25 11.36
C ARG A 59 -7.64 1.41 12.46
N ALA A 60 -7.33 0.23 13.10
CA ALA A 60 -6.23 0.02 14.10
C ALA A 60 -4.85 0.29 13.45
N GLY A 61 -4.55 -0.27 12.22
CA GLY A 61 -3.30 0.06 11.50
C GLY A 61 -3.30 1.44 10.86
N LYS A 62 -4.51 2.02 10.51
CA LYS A 62 -4.63 3.47 10.09
C LYS A 62 -3.88 4.42 11.08
N GLN A 63 -4.11 4.19 12.43
CA GLN A 63 -3.49 4.93 13.55
C GLN A 63 -1.95 4.63 13.65
N ILE A 64 -1.56 3.34 13.33
CA ILE A 64 -0.13 2.83 13.33
C ILE A 64 0.71 3.39 12.09
N VAL A 65 0.02 3.96 11.05
CA VAL A 65 0.69 4.58 9.82
C VAL A 65 0.90 6.11 10.09
N GLU A 66 -0.26 6.75 10.42
CA GLU A 66 -0.43 8.20 10.73
C GLU A 66 0.54 8.64 11.89
N ARG A 67 0.31 7.91 13.04
CA ARG A 67 1.04 8.07 14.34
C ARG A 67 2.54 7.61 14.29
N ILE A 68 2.95 6.47 13.60
CA ILE A 68 4.41 6.06 13.52
C ILE A 68 5.34 6.97 12.56
N LEU A 69 4.74 7.80 11.64
CA LEU A 69 5.56 8.66 10.68
C LEU A 69 5.85 10.09 11.25
N LYS A 70 4.90 10.63 12.08
CA LYS A 70 5.04 11.94 12.83
C LYS A 70 5.98 11.77 14.10
N GLU A 71 6.12 10.45 14.42
CA GLU A 71 6.88 9.87 15.55
C GLU A 71 8.43 9.80 15.34
N GLU A 72 8.94 9.36 14.08
CA GLU A 72 10.42 9.21 13.76
C GLU A 72 10.93 8.08 14.69
N SER A 73 10.81 6.80 14.22
CA SER A 73 11.03 5.63 15.11
C SER A 73 11.72 4.47 14.36
N MET B 1 -0.61 14.10 -15.15
CA MET B 1 -1.85 13.29 -15.32
C MET B 1 -2.17 13.03 -16.83
N ASP B 2 -2.19 11.72 -17.19
CA ASP B 2 -2.47 11.22 -18.57
C ASP B 2 -3.72 10.30 -18.62
N SER B 3 -3.52 9.00 -18.23
CA SER B 3 -4.55 7.91 -18.19
C SER B 3 -4.50 7.14 -16.84
N ASN B 4 -5.41 6.11 -16.69
CA ASN B 4 -5.59 5.28 -15.45
C ASN B 4 -4.45 4.23 -15.19
N THR B 5 -3.54 4.04 -16.20
CA THR B 5 -2.34 3.13 -16.12
C THR B 5 -1.15 3.94 -15.50
N VAL B 6 -1.28 5.30 -15.60
CA VAL B 6 -0.28 6.25 -15.09
C VAL B 6 -0.66 6.61 -13.62
N SER B 7 -2.01 6.76 -13.31
CA SER B 7 -2.53 6.98 -11.92
C SER B 7 -2.34 5.71 -11.03
N SER B 8 -2.44 4.45 -11.60
CA SER B 8 -2.18 3.18 -10.83
C SER B 8 -0.66 2.91 -10.65
N PHE B 9 0.20 3.66 -11.41
CA PHE B 9 1.65 3.57 -11.27
C PHE B 9 2.14 4.64 -10.23
N GLN B 10 1.61 5.91 -10.33
CA GLN B 10 1.94 7.06 -9.43
C GLN B 10 1.48 6.80 -7.97
N VAL B 11 0.27 6.17 -7.79
CA VAL B 11 -0.31 5.77 -6.48
C VAL B 11 0.47 4.55 -5.88
N ASP B 12 0.89 3.54 -6.73
CA ASP B 12 1.76 2.40 -6.27
C ASP B 12 3.19 2.89 -5.87
N CYS B 13 3.66 4.04 -6.50
CA CYS B 13 4.95 4.71 -6.15
C CYS B 13 4.86 5.33 -4.70
N PHE B 14 3.64 5.94 -4.37
CA PHE B 14 3.30 6.49 -3.03
C PHE B 14 3.17 5.34 -2.01
N LEU B 15 2.37 4.26 -2.34
CA LEU B 15 2.16 3.09 -1.46
C LEU B 15 3.47 2.31 -1.20
N TRP B 16 4.38 2.22 -2.22
CA TRP B 16 5.71 1.65 -2.02
C TRP B 16 6.66 2.56 -1.16
N HIS B 17 6.44 3.93 -1.12
CA HIS B 17 7.26 4.88 -0.31
C HIS B 17 6.70 4.90 1.15
N VAL B 18 5.40 4.51 1.27
CA VAL B 18 4.67 4.33 2.57
C VAL B 18 5.25 3.02 3.22
N ARG B 19 5.51 1.96 2.37
CA ARG B 19 6.14 0.68 2.79
C ARG B 19 7.69 0.83 3.05
N LYS B 20 8.40 1.81 2.34
CA LYS B 20 9.88 2.05 2.54
C LYS B 20 10.20 3.11 3.66
N ARG B 21 9.13 3.80 4.14
CA ARG B 21 9.06 4.78 5.27
C ARG B 21 8.74 3.95 6.55
N PHE B 22 8.21 2.72 6.28
CA PHE B 22 7.93 1.64 7.25
C PHE B 22 9.22 0.73 7.40
N ALA B 23 9.86 0.32 6.26
CA ALA B 23 11.12 -0.49 6.19
C ALA B 23 12.38 0.21 6.78
N ASP B 24 12.56 1.53 6.40
CA ASP B 24 13.71 2.40 6.87
C ASP B 24 13.61 2.83 8.38
N GLN B 25 12.48 2.44 9.04
CA GLN B 25 12.12 2.63 10.46
C GLN B 25 12.24 1.28 11.26
N GLU B 26 12.44 0.10 10.52
CA GLU B 26 12.55 -1.32 11.06
C GLU B 26 11.23 -1.81 11.73
N LEU B 27 10.16 -1.72 10.89
CA LEU B 27 8.77 -2.11 11.21
C LEU B 27 8.36 -3.38 10.45
N GLY B 28 7.92 -4.36 11.27
CA GLY B 28 7.58 -5.71 10.83
C GLY B 28 8.72 -6.66 11.16
N ASP B 29 8.74 -7.91 10.62
CA ASP B 29 9.85 -8.86 10.86
C ASP B 29 10.72 -8.97 9.59
N ALA B 30 11.69 -9.93 9.56
CA ALA B 30 12.60 -10.19 8.41
C ALA B 30 11.92 -10.58 7.02
N PRO B 31 10.73 -11.43 6.91
CA PRO B 31 10.15 -11.79 5.56
C PRO B 31 9.63 -10.56 4.68
N PHE B 32 9.39 -9.38 5.37
CA PHE B 32 8.95 -8.10 4.73
C PHE B 32 10.04 -7.51 3.77
N LEU B 33 11.36 -7.71 4.15
CA LEU B 33 12.59 -7.32 3.40
C LEU B 33 12.79 -8.27 2.17
N ASP B 34 12.38 -9.57 2.33
CA ASP B 34 12.33 -10.61 1.23
C ASP B 34 11.38 -10.17 0.07
N ARG B 35 10.11 -9.75 0.49
CA ARG B 35 9.01 -9.24 -0.38
C ARG B 35 9.35 -7.90 -1.07
N LEU B 36 9.96 -6.91 -0.31
CA LEU B 36 10.37 -5.58 -0.81
C LEU B 36 11.39 -5.57 -1.98
N ARG B 37 12.48 -6.45 -1.91
CA ARG B 37 13.58 -6.54 -2.93
C ARG B 37 13.13 -6.99 -4.35
N ARG B 38 12.19 -8.01 -4.30
CA ARG B 38 11.62 -8.71 -5.52
C ARG B 38 10.81 -7.73 -6.41
N ASP B 39 9.87 -7.00 -5.69
CA ASP B 39 8.97 -6.01 -6.28
C ASP B 39 9.61 -4.60 -6.44
N GLN B 40 10.82 -4.32 -5.77
CA GLN B 40 11.48 -2.99 -5.90
C GLN B 40 12.01 -2.79 -7.34
N LYS B 41 12.66 -3.87 -7.91
CA LYS B 41 13.25 -3.92 -9.29
C LYS B 41 12.16 -3.96 -10.38
N SER B 42 10.95 -4.45 -9.91
CA SER B 42 9.71 -4.61 -10.72
C SER B 42 8.99 -3.24 -10.86
N LEU B 43 8.89 -2.45 -9.72
CA LEU B 43 8.27 -1.10 -9.66
C LEU B 43 9.11 -0.04 -10.43
N ARG B 44 10.49 -0.05 -10.23
CA ARG B 44 11.49 0.83 -10.90
C ARG B 44 11.68 0.46 -12.39
N GLY B 45 11.66 -0.88 -12.80
CA GLY B 45 11.74 -1.30 -14.22
C GLY B 45 10.49 -0.91 -15.05
N ARG B 46 9.34 -0.84 -14.30
CA ARG B 46 8.01 -0.36 -14.81
C ARG B 46 8.08 1.19 -14.99
N GLY B 47 8.94 1.93 -14.16
CA GLY B 47 9.18 3.39 -14.33
C GLY B 47 9.84 3.78 -15.64
N SER B 48 10.81 2.93 -16.09
CA SER B 48 11.58 3.06 -17.38
C SER B 48 10.66 3.09 -18.64
N THR B 49 9.71 2.08 -18.71
CA THR B 49 8.63 1.88 -19.76
C THR B 49 7.73 3.15 -19.98
N LEU B 50 6.88 3.51 -18.95
CA LEU B 50 6.00 4.73 -19.07
C LEU B 50 6.79 6.09 -18.95
N GLY B 51 8.08 6.00 -18.50
CA GLY B 51 9.05 7.11 -18.45
C GLY B 51 8.85 8.17 -17.39
N LEU B 52 8.64 7.80 -16.10
CA LEU B 52 8.39 8.76 -15.03
C LEU B 52 9.41 8.54 -13.88
N ASP B 53 9.99 9.63 -13.33
CA ASP B 53 10.89 9.55 -12.16
C ASP B 53 10.08 9.13 -10.90
N ILE B 54 10.51 7.97 -10.32
CA ILE B 54 9.91 7.29 -9.13
C ILE B 54 9.75 8.22 -7.85
N GLU B 55 10.80 9.03 -7.48
CA GLU B 55 10.73 10.02 -6.33
C GLU B 55 9.65 11.13 -6.54
N THR B 56 9.61 11.72 -7.79
CA THR B 56 8.58 12.74 -8.18
C THR B 56 7.16 12.10 -8.29
N ALA B 57 7.12 10.79 -8.70
CA ALA B 57 5.88 9.98 -8.76
C ALA B 57 5.36 9.57 -7.34
N THR B 58 6.29 9.37 -6.30
CA THR B 58 5.86 9.05 -4.88
C THR B 58 5.10 10.27 -4.18
N ARG B 59 5.24 11.45 -4.90
CA ARG B 59 4.77 12.81 -4.44
C ARG B 59 3.53 13.27 -5.27
N ALA B 60 3.63 12.99 -6.62
CA ALA B 60 2.55 13.17 -7.64
C ALA B 60 1.35 12.25 -7.30
N GLY B 61 1.58 10.91 -7.01
CA GLY B 61 0.49 10.01 -6.56
C GLY B 61 0.03 10.24 -5.12
N LYS B 62 0.93 10.79 -4.21
CA LYS B 62 0.52 11.27 -2.84
C LYS B 62 -0.75 12.18 -2.92
N GLN B 63 -0.73 13.16 -3.91
CA GLN B 63 -1.83 14.11 -4.20
C GLN B 63 -3.08 13.35 -4.80
N ILE B 64 -2.80 12.29 -5.64
CA ILE B 64 -3.86 11.43 -6.32
C ILE B 64 -4.55 10.38 -5.30
N VAL B 65 -4.07 10.33 -4.03
CA VAL B 65 -4.65 9.42 -2.92
C VAL B 65 -5.50 10.32 -1.98
N GLU B 66 -4.80 11.39 -1.48
CA GLU B 66 -5.32 12.43 -0.57
C GLU B 66 -6.60 13.10 -1.18
N ARG B 67 -6.32 13.65 -2.42
CA ARG B 67 -7.30 14.39 -3.29
C ARG B 67 -8.40 13.47 -3.92
N ILE B 68 -8.13 12.18 -4.41
CA ILE B 68 -9.24 11.31 -4.97
C ILE B 68 -10.25 10.67 -3.89
N LEU B 69 -9.94 10.74 -2.55
CA LEU B 69 -10.82 10.10 -1.48
C LEU B 69 -11.79 11.14 -0.80
N LYS B 70 -11.33 12.43 -0.73
CA LYS B 70 -12.17 13.61 -0.25
C LYS B 70 -13.20 14.08 -1.38
N GLU B 71 -12.83 13.55 -2.58
CA GLU B 71 -13.49 13.73 -3.90
C GLU B 71 -14.81 12.93 -4.05
N GLU B 72 -14.77 11.52 -3.88
CA GLU B 72 -15.95 10.58 -4.07
C GLU B 72 -16.12 10.50 -5.60
N SER B 73 -15.40 9.53 -6.23
CA SER B 73 -15.28 9.49 -7.72
C SER B 73 -15.25 8.05 -8.24
N MET A 1 4.02 -13.47 22.85
CA MET A 1 3.28 -12.27 22.34
C MET A 1 3.96 -11.70 21.05
N ASP A 2 3.10 -11.46 20.01
CA ASP A 2 3.51 -10.89 18.69
C ASP A 2 2.99 -9.45 18.50
N SER A 3 4.00 -8.51 18.54
CA SER A 3 3.85 -7.03 18.34
C SER A 3 4.27 -6.53 16.93
N ASN A 4 5.44 -7.00 16.34
CA ASN A 4 5.87 -6.52 14.98
C ASN A 4 5.22 -7.32 13.78
N THR A 5 4.64 -8.52 14.07
CA THR A 5 3.92 -9.37 13.07
C THR A 5 2.42 -8.94 13.01
N VAL A 6 1.97 -8.25 14.10
CA VAL A 6 0.58 -7.74 14.23
C VAL A 6 0.50 -6.32 13.60
N SER A 7 1.59 -5.47 13.76
CA SER A 7 1.71 -4.13 13.11
C SER A 7 1.86 -4.24 11.55
N SER A 8 2.54 -5.33 11.02
CA SER A 8 2.64 -5.61 9.55
C SER A 8 1.31 -6.17 8.97
N PHE A 9 0.37 -6.66 9.86
CA PHE A 9 -0.95 -7.11 9.42
C PHE A 9 -1.95 -5.90 9.42
N GLN A 10 -1.91 -5.02 10.50
CA GLN A 10 -2.81 -3.82 10.68
C GLN A 10 -2.56 -2.73 9.60
N VAL A 11 -1.24 -2.49 9.25
CA VAL A 11 -0.81 -1.53 8.18
C VAL A 11 -1.16 -2.09 6.76
N ASP A 12 -0.97 -3.44 6.51
CA ASP A 12 -1.40 -4.09 5.23
C ASP A 12 -2.96 -4.11 5.06
N CYS A 13 -3.73 -4.15 6.23
CA CYS A 13 -5.23 -4.04 6.26
C CYS A 13 -5.69 -2.62 5.80
N PHE A 14 -4.93 -1.56 6.26
CA PHE A 14 -5.14 -0.14 5.86
C PHE A 14 -4.77 0.03 4.37
N LEU A 15 -3.58 -0.48 3.93
CA LEU A 15 -3.08 -0.40 2.53
C LEU A 15 -3.99 -1.16 1.55
N TRP A 16 -4.57 -2.32 1.97
CA TRP A 16 -5.61 -3.03 1.22
C TRP A 16 -6.94 -2.19 1.08
N HIS A 17 -7.39 -1.41 2.13
CA HIS A 17 -8.64 -0.61 2.08
C HIS A 17 -8.43 0.67 1.20
N VAL A 18 -7.12 1.03 1.08
CA VAL A 18 -6.61 2.12 0.22
C VAL A 18 -6.68 1.61 -1.27
N ARG A 19 -6.35 0.29 -1.48
CA ARG A 19 -6.39 -0.37 -2.83
C ARG A 19 -7.85 -0.82 -3.23
N LYS A 20 -8.74 -1.15 -2.20
CA LYS A 20 -10.18 -1.52 -2.43
C LYS A 20 -11.11 -0.24 -2.51
N ARG A 21 -10.50 0.94 -2.19
CA ARG A 21 -11.04 2.34 -2.31
C ARG A 21 -10.68 2.82 -3.75
N PHE A 22 -9.61 2.19 -4.33
CA PHE A 22 -9.13 2.41 -5.71
C PHE A 22 -9.88 1.48 -6.73
N ALA A 23 -10.02 0.14 -6.41
CA ALA A 23 -10.75 -0.87 -7.24
C ALA A 23 -12.31 -0.61 -7.36
N ASP A 24 -12.95 -0.27 -6.17
CA ASP A 24 -14.43 0.04 -6.04
C ASP A 24 -14.87 1.43 -6.64
N GLN A 25 -13.87 2.27 -7.06
CA GLN A 25 -13.97 3.61 -7.71
C GLN A 25 -13.64 3.51 -9.24
N GLU A 26 -13.11 2.31 -9.70
CA GLU A 26 -12.66 1.96 -11.11
C GLU A 26 -11.43 2.81 -11.57
N LEU A 27 -10.50 2.98 -10.59
CA LEU A 27 -9.21 3.70 -10.71
C LEU A 27 -8.08 2.71 -10.99
N GLY A 28 -7.34 3.06 -12.07
CA GLY A 28 -6.30 2.23 -12.64
C GLY A 28 -6.93 1.46 -13.79
N ASP A 29 -6.29 0.43 -14.39
CA ASP A 29 -6.96 -0.32 -15.47
C ASP A 29 -7.60 -1.61 -14.88
N ALA A 30 -8.22 -2.47 -15.75
CA ALA A 30 -8.86 -3.76 -15.36
C ALA A 30 -7.94 -4.79 -14.56
N PRO A 31 -6.52 -4.98 -14.83
CA PRO A 31 -5.69 -5.95 -14.03
C PRO A 31 -5.58 -5.69 -12.47
N PHE A 32 -5.97 -4.42 -12.01
CA PHE A 32 -5.96 -4.05 -10.56
C PHE A 32 -7.04 -4.87 -9.74
N LEU A 33 -8.17 -5.25 -10.44
CA LEU A 33 -9.29 -6.11 -9.94
C LEU A 33 -8.83 -7.61 -9.93
N ASP A 34 -7.98 -8.01 -10.96
CA ASP A 34 -7.29 -9.37 -11.06
C ASP A 34 -6.35 -9.64 -9.83
N ARG A 35 -5.47 -8.60 -9.55
CA ARG A 35 -4.50 -8.53 -8.42
C ARG A 35 -5.19 -8.53 -7.04
N LEU A 36 -6.28 -7.69 -6.86
CA LEU A 36 -7.08 -7.59 -5.63
C LEU A 36 -7.72 -8.89 -5.10
N ARG A 37 -8.41 -9.72 -6.00
CA ARG A 37 -9.16 -10.99 -5.67
C ARG A 37 -8.29 -12.11 -5.04
N ARG A 38 -7.05 -12.21 -5.66
CA ARG A 38 -6.01 -13.24 -5.32
C ARG A 38 -5.52 -13.04 -3.86
N ASP A 39 -5.17 -11.74 -3.58
CA ASP A 39 -4.68 -11.26 -2.28
C ASP A 39 -5.84 -10.96 -1.28
N GLN A 40 -7.16 -10.84 -1.74
CA GLN A 40 -8.29 -10.54 -0.76
C GLN A 40 -8.52 -11.74 0.18
N LYS A 41 -8.47 -12.99 -0.40
CA LYS A 41 -8.66 -14.29 0.34
C LYS A 41 -7.44 -14.68 1.21
N SER A 42 -6.25 -14.10 0.75
CA SER A 42 -4.90 -14.30 1.36
C SER A 42 -4.73 -13.40 2.62
N LEU A 43 -5.16 -12.10 2.54
CA LEU A 43 -5.14 -11.11 3.66
C LEU A 43 -6.11 -11.47 4.82
N ARG A 44 -7.37 -11.90 4.42
CA ARG A 44 -8.48 -12.38 5.29
C ARG A 44 -8.16 -13.78 5.90
N GLY A 45 -7.51 -14.74 5.14
CA GLY A 45 -7.07 -16.06 5.69
C GLY A 45 -5.94 -15.94 6.73
N ARG A 46 -5.11 -14.85 6.53
CA ARG A 46 -4.03 -14.41 7.45
C ARG A 46 -4.68 -13.76 8.72
N GLY A 47 -5.92 -13.12 8.57
CA GLY A 47 -6.69 -12.59 9.73
C GLY A 47 -7.16 -13.64 10.74
N SER A 48 -7.56 -14.84 10.20
CA SER A 48 -8.02 -16.03 10.97
C SER A 48 -6.95 -16.58 11.98
N THR A 49 -5.67 -16.77 11.45
CA THR A 49 -4.43 -17.22 12.19
C THR A 49 -4.06 -16.33 13.44
N LEU A 50 -3.78 -15.01 13.21
CA LEU A 50 -3.47 -14.08 14.36
C LEU A 50 -4.76 -13.62 15.13
N GLY A 51 -5.95 -13.86 14.51
CA GLY A 51 -7.29 -13.64 15.11
C GLY A 51 -7.74 -12.21 15.31
N LEU A 52 -7.60 -11.32 14.28
CA LEU A 52 -7.97 -9.90 14.40
C LEU A 52 -9.02 -9.56 13.32
N ASP A 53 -10.10 -8.83 13.68
CA ASP A 53 -11.13 -8.36 12.72
C ASP A 53 -10.52 -7.32 11.74
N ILE A 54 -10.59 -7.70 10.43
CA ILE A 54 -10.07 -6.93 9.24
C ILE A 54 -10.65 -5.47 9.13
N GLU A 55 -11.99 -5.26 9.31
CA GLU A 55 -12.66 -3.91 9.29
C GLU A 55 -12.12 -2.94 10.41
N THR A 56 -11.95 -3.45 11.67
CA THR A 56 -11.39 -2.66 12.80
C THR A 56 -9.83 -2.48 12.61
N ALA A 57 -9.17 -3.47 11.91
CA ALA A 57 -7.73 -3.41 11.57
C ALA A 57 -7.42 -2.37 10.44
N THR A 58 -8.39 -2.14 9.45
CA THR A 58 -8.22 -1.07 8.39
C THR A 58 -8.18 0.39 8.99
N ARG A 59 -8.73 0.42 10.27
CA ARG A 59 -8.96 1.67 11.10
C ARG A 59 -7.79 1.87 12.14
N ALA A 60 -7.44 0.68 12.78
CA ALA A 60 -6.32 0.49 13.75
C ALA A 60 -4.96 0.79 13.08
N GLY A 61 -4.70 0.24 11.83
CA GLY A 61 -3.49 0.59 11.06
C GLY A 61 -3.52 1.99 10.44
N LYS A 62 -4.75 2.54 10.08
CA LYS A 62 -4.92 3.98 9.63
C LYS A 62 -4.22 4.98 10.60
N GLN A 63 -4.49 4.81 11.95
CA GLN A 63 -3.94 5.63 13.07
C GLN A 63 -2.40 5.40 13.26
N ILE A 64 -1.98 4.09 13.06
CA ILE A 64 -0.55 3.64 13.19
C ILE A 64 0.36 4.32 12.11
N VAL A 65 0.03 4.22 10.76
CA VAL A 65 0.77 4.90 9.59
C VAL A 65 0.91 6.46 9.78
N GLU A 66 -0.28 7.06 10.12
CA GLU A 66 -0.44 8.52 10.37
C GLU A 66 0.55 8.97 11.50
N ARG A 67 0.20 8.58 12.79
CA ARG A 67 1.11 8.78 13.98
C ARG A 67 2.59 8.25 13.88
N ILE A 68 2.94 7.05 13.26
CA ILE A 68 4.40 6.55 13.18
C ILE A 68 5.34 7.40 12.24
N LEU A 69 4.73 8.24 11.33
CA LEU A 69 5.50 9.11 10.39
C LEU A 69 5.75 10.51 11.06
N LYS A 70 4.88 10.82 12.07
CA LYS A 70 4.98 12.07 12.95
C LYS A 70 5.90 11.84 14.24
N GLU A 71 6.07 10.49 14.51
CA GLU A 71 6.83 9.91 15.68
C GLU A 71 8.36 9.66 15.51
N GLU A 72 8.81 8.99 14.39
CA GLU A 72 10.25 8.65 14.14
C GLU A 72 10.65 8.61 12.64
N SER A 73 9.74 8.79 11.63
CA SER A 73 10.17 8.77 10.21
C SER A 73 10.13 10.17 9.56
N MET B 1 -2.61 8.34 -25.31
CA MET B 1 -2.36 8.89 -23.94
C MET B 1 -2.93 7.95 -22.84
N ASP B 2 -2.06 7.65 -21.83
CA ASP B 2 -2.39 6.78 -20.67
C ASP B 2 -2.50 7.61 -19.36
N SER B 3 -3.78 7.71 -18.91
CA SER B 3 -4.25 8.40 -17.66
C SER B 3 -4.53 7.41 -16.47
N ASN B 4 -5.23 6.24 -16.70
CA ASN B 4 -5.53 5.29 -15.58
C ASN B 4 -4.37 4.27 -15.29
N THR B 5 -3.41 4.11 -16.24
CA THR B 5 -2.21 3.22 -16.08
C THR B 5 -1.04 4.04 -15.43
N VAL B 6 -1.19 5.40 -15.48
CA VAL B 6 -0.19 6.33 -14.90
C VAL B 6 -0.61 6.65 -13.43
N SER B 7 -1.96 6.73 -13.13
CA SER B 7 -2.50 6.90 -11.74
C SER B 7 -2.27 5.61 -10.87
N SER B 8 -2.26 4.36 -11.49
CA SER B 8 -1.94 3.08 -10.79
C SER B 8 -0.40 2.92 -10.57
N PHE B 9 0.43 3.75 -11.27
CA PHE B 9 1.89 3.75 -11.07
C PHE B 9 2.25 4.80 -9.96
N GLN B 10 1.62 6.03 -10.01
CA GLN B 10 1.85 7.17 -9.04
C GLN B 10 1.41 6.81 -7.59
N VAL B 11 0.23 6.11 -7.46
CA VAL B 11 -0.33 5.63 -6.16
C VAL B 11 0.50 4.43 -5.61
N ASP B 12 0.97 3.47 -6.50
CA ASP B 12 1.88 2.36 -6.09
C ASP B 12 3.29 2.90 -5.67
N CYS B 13 3.74 4.07 -6.27
CA CYS B 13 5.02 4.77 -5.90
C CYS B 13 4.93 5.37 -4.45
N PHE B 14 3.71 5.93 -4.11
CA PHE B 14 3.37 6.45 -2.76
C PHE B 14 3.29 5.28 -1.75
N LEU B 15 2.54 4.18 -2.13
CA LEU B 15 2.37 2.97 -1.28
C LEU B 15 3.68 2.23 -1.02
N TRP B 16 4.61 2.19 -2.04
CA TRP B 16 5.99 1.72 -1.87
C TRP B 16 6.83 2.61 -0.89
N HIS B 17 6.67 3.99 -0.88
CA HIS B 17 7.45 4.89 0.03
C HIS B 17 6.89 4.80 1.49
N VAL B 18 5.62 4.35 1.55
CA VAL B 18 4.89 4.06 2.82
C VAL B 18 5.48 2.72 3.38
N ARG B 19 5.79 1.73 2.46
CA ARG B 19 6.39 0.41 2.83
C ARG B 19 7.95 0.51 3.05
N LYS B 20 8.67 1.49 2.34
CA LYS B 20 10.14 1.72 2.53
C LYS B 20 10.44 2.75 3.69
N ARG B 21 9.33 3.26 4.31
CA ARG B 21 9.24 4.13 5.52
C ARG B 21 9.01 3.15 6.71
N PHE B 22 8.46 1.95 6.38
CA PHE B 22 8.23 0.82 7.31
C PHE B 22 9.51 -0.09 7.41
N ALA B 23 10.12 -0.46 6.24
CA ALA B 23 11.37 -1.29 6.16
C ALA B 23 12.66 -0.57 6.74
N ASP B 24 12.82 0.76 6.38
CA ASP B 24 13.97 1.64 6.84
C ASP B 24 13.90 2.10 8.35
N GLN B 25 12.76 1.78 9.03
CA GLN B 25 12.43 2.03 10.47
C GLN B 25 12.49 0.70 11.29
N GLU B 26 12.62 -0.49 10.57
CA GLU B 26 12.66 -1.91 11.12
C GLU B 26 11.32 -2.34 11.79
N LEU B 27 10.22 -1.92 11.10
CA LEU B 27 8.80 -2.18 11.45
C LEU B 27 8.29 -3.39 10.66
N GLY B 28 7.71 -4.32 11.45
CA GLY B 28 7.26 -5.62 10.97
C GLY B 28 8.38 -6.61 11.27
N ASP B 29 8.39 -7.84 10.73
CA ASP B 29 9.53 -8.76 11.00
C ASP B 29 10.51 -8.71 9.81
N ALA B 30 11.60 -9.53 9.83
CA ALA B 30 12.63 -9.62 8.76
C ALA B 30 12.09 -9.95 7.30
N PRO B 31 10.98 -10.86 7.02
CA PRO B 31 10.51 -11.12 5.61
C PRO B 31 9.95 -9.86 4.81
N PHE B 32 9.69 -8.69 5.54
CA PHE B 32 9.22 -7.42 4.90
C PHE B 32 10.33 -6.79 4.00
N LEU B 33 11.64 -7.03 4.38
CA LEU B 33 12.89 -6.63 3.66
C LEU B 33 13.10 -7.58 2.44
N ASP B 34 12.75 -8.91 2.61
CA ASP B 34 12.73 -9.98 1.52
C ASP B 34 11.77 -9.59 0.35
N ARG B 35 10.48 -9.22 0.76
CA ARG B 35 9.36 -8.77 -0.10
C ARG B 35 9.68 -7.45 -0.83
N LEU B 36 10.24 -6.40 -0.10
CA LEU B 36 10.65 -5.10 -0.62
C LEU B 36 11.66 -5.12 -1.80
N ARG B 37 12.80 -5.92 -1.71
CA ARG B 37 13.93 -6.00 -2.71
C ARG B 37 13.51 -6.48 -4.12
N ARG B 38 12.59 -7.52 -4.07
CA ARG B 38 12.04 -8.23 -5.26
C ARG B 38 11.21 -7.25 -6.14
N ASP B 39 10.29 -6.52 -5.42
CA ASP B 39 9.39 -5.51 -5.99
C ASP B 39 10.06 -4.11 -6.15
N GLN B 40 11.30 -3.85 -5.51
CA GLN B 40 11.95 -2.49 -5.67
C GLN B 40 12.46 -2.31 -7.10
N LYS B 41 13.07 -3.40 -7.69
CA LYS B 41 13.63 -3.44 -9.08
C LYS B 41 12.53 -3.51 -10.18
N SER B 42 11.34 -4.06 -9.70
CA SER B 42 10.10 -4.27 -10.51
C SER B 42 9.31 -2.95 -10.69
N LEU B 43 9.16 -2.15 -9.56
CA LEU B 43 8.48 -0.82 -9.55
C LEU B 43 9.25 0.27 -10.33
N ARG B 44 10.62 0.28 -10.16
CA ARG B 44 11.61 1.16 -10.83
C ARG B 44 11.80 0.76 -12.32
N GLY B 45 11.81 -0.58 -12.69
CA GLY B 45 11.86 -1.03 -14.11
C GLY B 45 10.60 -0.69 -14.93
N ARG B 46 9.45 -0.64 -14.15
CA ARG B 46 8.11 -0.17 -14.64
C ARG B 46 8.16 1.38 -14.82
N GLY B 47 9.00 2.14 -13.99
CA GLY B 47 9.23 3.59 -14.17
C GLY B 47 9.87 4.01 -15.49
N SER B 48 10.84 3.15 -15.96
CA SER B 48 11.61 3.30 -17.24
C SER B 48 10.68 3.32 -18.51
N THR B 49 9.73 2.29 -18.58
CA THR B 49 8.66 2.09 -19.62
C THR B 49 7.74 3.35 -19.83
N LEU B 50 6.90 3.69 -18.81
CA LEU B 50 5.99 4.90 -18.92
C LEU B 50 6.77 6.26 -18.78
N GLY B 51 8.04 6.19 -18.29
CA GLY B 51 9.01 7.31 -18.22
C GLY B 51 8.76 8.39 -17.20
N LEU B 52 8.50 8.03 -15.91
CA LEU B 52 8.21 9.00 -14.84
C LEU B 52 9.21 8.82 -13.69
N ASP B 53 9.78 9.92 -13.15
CA ASP B 53 10.69 9.89 -11.98
C ASP B 53 9.92 9.43 -10.70
N ILE B 54 10.41 8.28 -10.15
CA ILE B 54 9.88 7.58 -8.94
C ILE B 54 9.79 8.49 -7.65
N GLU B 55 10.85 9.31 -7.33
CA GLU B 55 10.86 10.26 -6.16
C GLU B 55 9.74 11.37 -6.27
N THR B 56 9.56 11.98 -7.49
CA THR B 56 8.48 12.98 -7.74
C THR B 56 7.08 12.28 -7.81
N ALA B 57 7.06 10.97 -8.22
CA ALA B 57 5.84 10.14 -8.27
C ALA B 57 5.37 9.70 -6.83
N THR B 58 6.34 9.50 -5.83
CA THR B 58 5.97 9.17 -4.39
C THR B 58 5.22 10.36 -3.66
N ARG B 59 5.30 11.55 -4.39
CA ARG B 59 4.81 12.90 -3.92
C ARG B 59 3.52 13.32 -4.70
N ALA B 60 3.59 13.02 -6.06
CA ALA B 60 2.48 13.16 -7.06
C ALA B 60 1.30 12.24 -6.68
N GLY B 61 1.57 10.92 -6.35
CA GLY B 61 0.51 10.01 -5.85
C GLY B 61 0.09 10.27 -4.41
N LYS B 62 1.02 10.80 -3.51
CA LYS B 62 0.64 11.29 -2.13
C LYS B 62 -0.62 12.24 -2.14
N GLN B 63 -0.59 13.27 -3.06
CA GLN B 63 -1.65 14.29 -3.27
C GLN B 63 -2.95 13.66 -3.87
N ILE B 64 -2.72 12.64 -4.80
CA ILE B 64 -3.81 11.89 -5.52
C ILE B 64 -4.68 11.08 -4.49
N VAL B 65 -4.07 10.11 -3.69
CA VAL B 65 -4.76 9.27 -2.59
C VAL B 65 -5.59 10.17 -1.59
N GLU B 66 -4.88 11.24 -1.11
CA GLU B 66 -5.41 12.28 -0.19
C GLU B 66 -6.73 12.88 -0.80
N ARG B 67 -6.54 13.88 -1.73
CA ARG B 67 -7.65 14.49 -2.55
C ARG B 67 -8.70 13.50 -3.20
N ILE B 68 -8.36 12.24 -3.73
CA ILE B 68 -9.41 11.30 -4.31
C ILE B 68 -10.32 10.60 -3.22
N LEU B 69 -9.94 10.73 -1.90
CA LEU B 69 -10.69 10.14 -0.76
C LEU B 69 -11.50 11.26 -0.02
N LYS B 70 -11.54 12.45 -0.70
CA LYS B 70 -12.25 13.71 -0.24
C LYS B 70 -13.24 14.19 -1.39
N GLU B 71 -12.90 13.61 -2.60
CA GLU B 71 -13.54 13.80 -3.95
C GLU B 71 -14.81 12.94 -4.19
N GLU B 72 -14.60 11.60 -4.45
CA GLU B 72 -15.65 10.59 -4.78
C GLU B 72 -15.68 9.31 -3.90
N SER B 73 -14.75 9.05 -2.92
CA SER B 73 -14.83 7.82 -2.09
C SER B 73 -15.28 8.11 -0.65
N MET A 1 4.06 -13.58 22.35
CA MET A 1 3.36 -12.33 21.90
C MET A 1 4.04 -11.71 20.65
N ASP A 2 3.20 -11.42 19.61
CA ASP A 2 3.64 -10.81 18.33
C ASP A 2 3.10 -9.36 18.15
N SER A 3 4.08 -8.42 18.19
CA SER A 3 3.92 -6.95 18.00
C SER A 3 4.34 -6.43 16.58
N ASN A 4 5.51 -6.86 15.98
CA ASN A 4 5.93 -6.34 14.62
C ASN A 4 5.31 -7.11 13.40
N THR A 5 4.73 -8.32 13.68
CA THR A 5 4.04 -9.19 12.67
C THR A 5 2.50 -8.84 12.65
N VAL A 6 2.01 -8.29 13.80
CA VAL A 6 0.58 -7.88 13.97
C VAL A 6 0.42 -6.43 13.43
N SER A 7 1.45 -5.53 13.68
CA SER A 7 1.48 -4.14 13.12
C SER A 7 1.68 -4.17 11.56
N SER A 8 2.43 -5.20 11.00
CA SER A 8 2.59 -5.41 9.53
C SER A 8 1.30 -6.01 8.88
N PHE A 9 0.38 -6.58 9.75
CA PHE A 9 -0.90 -7.12 9.29
C PHE A 9 -1.98 -5.98 9.31
N GLN A 10 -2.01 -5.17 10.44
CA GLN A 10 -2.97 -4.03 10.68
C GLN A 10 -2.77 -2.87 9.66
N VAL A 11 -1.47 -2.56 9.32
CA VAL A 11 -1.07 -1.54 8.29
C VAL A 11 -1.44 -2.05 6.86
N ASP A 12 -1.28 -3.39 6.57
CA ASP A 12 -1.70 -4.00 5.29
C ASP A 12 -3.28 -4.07 5.15
N CYS A 13 -4.03 -4.15 6.32
CA CYS A 13 -5.53 -4.13 6.37
C CYS A 13 -6.10 -2.73 5.96
N PHE A 14 -5.43 -1.62 6.47
CA PHE A 14 -5.72 -0.20 6.08
C PHE A 14 -5.40 -0.08 4.60
N LEU A 15 -4.24 -0.67 4.19
CA LEU A 15 -3.80 -0.66 2.80
C LEU A 15 -4.73 -1.40 1.84
N TRP A 16 -5.32 -2.58 2.23
CA TRP A 16 -6.34 -3.23 1.40
C TRP A 16 -7.62 -2.33 1.25
N HIS A 17 -7.92 -1.39 2.21
CA HIS A 17 -9.10 -0.49 2.10
C HIS A 17 -8.75 0.76 1.19
N VAL A 18 -7.41 1.07 1.12
CA VAL A 18 -6.81 2.16 0.28
C VAL A 18 -6.81 1.69 -1.23
N ARG A 19 -6.42 0.40 -1.49
CA ARG A 19 -6.40 -0.21 -2.85
C ARG A 19 -7.84 -0.59 -3.34
N LYS A 20 -8.79 -0.92 -2.38
CA LYS A 20 -10.23 -1.20 -2.69
C LYS A 20 -11.09 0.11 -2.85
N ARG A 21 -10.49 1.28 -2.44
CA ARG A 21 -11.03 2.68 -2.56
C ARG A 21 -10.63 3.22 -3.97
N PHE A 22 -9.52 2.63 -4.54
CA PHE A 22 -8.99 2.91 -5.89
C PHE A 22 -9.74 2.03 -6.98
N ALA A 23 -9.94 0.72 -6.70
CA ALA A 23 -10.70 -0.23 -7.58
C ALA A 23 -12.23 0.08 -7.73
N ASP A 24 -12.87 0.41 -6.55
CA ASP A 24 -14.35 0.75 -6.45
C ASP A 24 -14.74 2.16 -7.04
N GLN A 25 -13.72 2.97 -7.43
CA GLN A 25 -13.79 4.33 -8.06
C GLN A 25 -13.44 4.25 -9.58
N GLU A 26 -12.95 3.02 -10.05
CA GLU A 26 -12.52 2.67 -11.46
C GLU A 26 -11.25 3.42 -11.96
N LEU A 27 -10.25 3.44 -11.02
CA LEU A 27 -8.86 3.97 -11.19
C LEU A 27 -7.87 2.74 -11.26
N GLY A 28 -8.51 1.59 -10.97
CA GLY A 28 -7.94 0.23 -10.98
C GLY A 28 -8.51 -0.53 -12.17
N ASP A 29 -7.66 -1.26 -12.95
CA ASP A 29 -8.07 -1.94 -14.20
C ASP A 29 -7.86 -3.48 -14.08
N ALA A 30 -7.65 -4.17 -15.25
CA ALA A 30 -7.34 -5.63 -15.32
C ALA A 30 -6.08 -6.03 -14.42
N PRO A 31 -4.81 -5.33 -14.48
CA PRO A 31 -3.65 -5.63 -13.57
C PRO A 31 -3.88 -5.37 -12.02
N PHE A 32 -4.65 -4.26 -11.62
CA PHE A 32 -4.91 -3.95 -10.19
C PHE A 32 -5.84 -4.98 -9.46
N LEU A 33 -6.93 -5.42 -10.20
CA LEU A 33 -8.00 -6.38 -9.74
C LEU A 33 -7.49 -7.88 -9.74
N ASP A 34 -6.58 -8.23 -10.71
CA ASP A 34 -5.86 -9.56 -10.81
C ASP A 34 -5.02 -9.85 -9.52
N ARG A 35 -4.18 -8.79 -9.16
CA ARG A 35 -3.32 -8.73 -7.96
C ARG A 35 -4.14 -8.72 -6.65
N LEU A 36 -5.27 -7.91 -6.59
CA LEU A 36 -6.22 -7.83 -5.47
C LEU A 36 -6.93 -9.13 -5.08
N ARG A 37 -7.46 -9.95 -6.07
CA ARG A 37 -8.22 -11.21 -5.84
C ARG A 37 -7.44 -12.31 -5.11
N ARG A 38 -6.21 -12.72 -5.67
CA ARG A 38 -5.34 -13.77 -5.06
C ARG A 38 -4.90 -13.48 -3.61
N ASP A 39 -4.48 -12.17 -3.41
CA ASP A 39 -3.98 -11.66 -2.14
C ASP A 39 -5.13 -11.31 -1.15
N GLN A 40 -6.43 -11.16 -1.64
CA GLN A 40 -7.55 -10.85 -0.72
C GLN A 40 -7.85 -12.06 0.20
N LYS A 41 -7.85 -13.33 -0.40
CA LYS A 41 -8.08 -14.62 0.33
C LYS A 41 -6.88 -15.00 1.25
N SER A 42 -5.71 -14.36 0.88
CA SER A 42 -4.41 -14.49 1.55
C SER A 42 -4.36 -13.56 2.79
N LEU A 43 -4.87 -12.27 2.63
CA LEU A 43 -4.98 -11.24 3.70
C LEU A 43 -6.00 -11.63 4.80
N ARG A 44 -7.24 -12.04 4.35
CA ARG A 44 -8.37 -12.50 5.21
C ARG A 44 -8.08 -13.89 5.86
N GLY A 45 -7.40 -14.84 5.12
CA GLY A 45 -6.98 -16.15 5.68
C GLY A 45 -5.85 -16.03 6.74
N ARG A 46 -5.01 -14.94 6.57
CA ARG A 46 -3.94 -14.52 7.52
C ARG A 46 -4.61 -13.88 8.77
N GLY A 47 -5.86 -13.24 8.63
CA GLY A 47 -6.64 -12.73 9.77
C GLY A 47 -7.11 -13.80 10.76
N SER A 48 -7.50 -15.00 10.19
CA SER A 48 -7.97 -16.20 10.95
C SER A 48 -6.90 -16.74 11.96
N THR A 49 -5.61 -16.91 11.45
CA THR A 49 -4.38 -17.35 12.21
C THR A 49 -3.99 -16.45 13.44
N LEU A 50 -3.68 -15.14 13.21
CA LEU A 50 -3.33 -14.22 14.35
C LEU A 50 -4.61 -13.72 15.13
N GLY A 51 -5.80 -13.92 14.52
CA GLY A 51 -7.11 -13.68 15.13
C GLY A 51 -7.59 -12.25 15.26
N LEU A 52 -7.53 -11.40 14.19
CA LEU A 52 -7.96 -10.00 14.27
C LEU A 52 -9.04 -9.75 13.19
N ASP A 53 -10.18 -9.12 13.57
CA ASP A 53 -11.25 -8.72 12.61
C ASP A 53 -10.73 -7.59 11.69
N ILE A 54 -10.78 -7.92 10.37
CA ILE A 54 -10.28 -7.11 9.21
C ILE A 54 -10.88 -5.66 9.05
N GLU A 55 -12.23 -5.45 9.21
CA GLU A 55 -12.87 -4.07 9.13
C GLU A 55 -12.38 -3.09 10.25
N THR A 56 -12.21 -3.62 11.51
CA THR A 56 -11.70 -2.85 12.69
C THR A 56 -10.17 -2.64 12.55
N ALA A 57 -9.51 -3.62 11.86
CA ALA A 57 -8.07 -3.57 11.54
C ALA A 57 -7.76 -2.53 10.43
N THR A 58 -8.76 -2.23 9.46
CA THR A 58 -8.56 -1.13 8.44
C THR A 58 -8.49 0.30 9.10
N ARG A 59 -9.03 0.28 10.39
CA ARG A 59 -9.24 1.51 11.25
C ARG A 59 -8.08 1.67 12.31
N ALA A 60 -7.76 0.49 12.93
CA ALA A 60 -6.64 0.25 13.91
C ALA A 60 -5.28 0.54 13.23
N GLY A 61 -5.02 -0.01 11.99
CA GLY A 61 -3.79 0.32 11.25
C GLY A 61 -3.80 1.71 10.61
N LYS A 62 -5.03 2.29 10.26
CA LYS A 62 -5.17 3.73 9.83
C LYS A 62 -4.45 4.72 10.80
N GLN A 63 -4.68 4.54 12.15
CA GLN A 63 -4.07 5.34 13.25
C GLN A 63 -2.52 5.10 13.36
N ILE A 64 -2.12 3.82 13.08
CA ILE A 64 -0.69 3.38 13.15
C ILE A 64 0.15 4.06 12.00
N VAL A 65 -0.29 4.02 10.68
CA VAL A 65 0.43 4.72 9.50
C VAL A 65 0.54 6.28 9.70
N GLU A 66 -0.65 6.88 10.03
CA GLU A 66 -0.81 8.34 10.27
C GLU A 66 0.15 8.82 11.40
N ARG A 67 -0.18 8.38 12.68
CA ARG A 67 0.73 8.62 13.87
C ARG A 67 2.23 8.15 13.73
N ILE A 68 2.60 6.96 13.08
CA ILE A 68 4.08 6.57 12.96
C ILE A 68 4.96 7.47 12.01
N LEU A 69 4.30 8.29 11.10
CA LEU A 69 5.06 9.17 10.16
C LEU A 69 5.29 10.60 10.80
N LYS A 70 4.33 11.00 11.71
CA LYS A 70 4.39 12.29 12.52
C LYS A 70 5.35 12.11 13.79
N GLU A 71 5.71 10.81 13.93
CA GLU A 71 6.61 10.20 14.98
C GLU A 71 8.11 10.10 14.53
N GLU A 72 8.46 10.79 13.39
CA GLU A 72 9.80 10.63 12.74
C GLU A 72 10.83 11.76 13.08
N SER A 73 10.31 13.01 13.37
CA SER A 73 11.13 14.22 13.63
C SER A 73 11.15 14.59 15.13
N MET B 1 -2.54 7.89 -25.07
CA MET B 1 -2.36 8.51 -23.72
C MET B 1 -2.96 7.61 -22.60
N ASP B 2 -2.12 7.33 -21.56
CA ASP B 2 -2.50 6.51 -20.38
C ASP B 2 -2.60 7.35 -19.08
N SER B 3 -3.87 7.46 -18.61
CA SER B 3 -4.30 8.14 -17.36
C SER B 3 -4.60 7.17 -16.17
N ASN B 4 -5.31 6.02 -16.36
CA ASN B 4 -5.62 5.09 -15.20
C ASN B 4 -4.50 4.03 -14.88
N THR B 5 -3.51 3.89 -15.82
CA THR B 5 -2.33 2.98 -15.67
C THR B 5 -1.11 3.80 -15.11
N VAL B 6 -1.16 5.15 -15.31
CA VAL B 6 -0.10 6.09 -14.83
C VAL B 6 -0.46 6.52 -13.39
N SER B 7 -1.80 6.72 -13.07
CA SER B 7 -2.29 7.00 -11.69
C SER B 7 -2.14 5.75 -10.78
N SER B 8 -2.23 4.48 -11.35
CA SER B 8 -1.98 3.19 -10.61
C SER B 8 -0.46 2.95 -10.38
N PHE B 9 0.40 3.71 -11.13
CA PHE B 9 1.86 3.64 -10.98
C PHE B 9 2.34 4.72 -9.93
N GLN B 10 1.78 5.98 -10.03
CA GLN B 10 2.09 7.15 -9.15
C GLN B 10 1.64 6.90 -7.67
N VAL B 11 0.44 6.25 -7.49
CA VAL B 11 -0.13 5.84 -6.16
C VAL B 11 0.71 4.66 -5.57
N ASP B 12 1.19 3.69 -6.42
CA ASP B 12 2.09 2.60 -5.98
C ASP B 12 3.53 3.13 -5.61
N CYS B 13 3.98 4.29 -6.26
CA CYS B 13 5.29 4.96 -5.95
C CYS B 13 5.30 5.62 -4.54
N PHE B 14 4.13 6.29 -4.18
CA PHE B 14 3.87 6.86 -2.81
C PHE B 14 3.84 5.68 -1.85
N LEU B 15 3.15 4.57 -2.27
CA LEU B 15 3.05 3.38 -1.47
C LEU B 15 4.39 2.66 -1.22
N TRP B 16 5.32 2.60 -2.22
CA TRP B 16 6.67 2.07 -1.98
C TRP B 16 7.46 2.97 -0.95
N HIS B 17 7.11 4.30 -0.79
CA HIS B 17 7.81 5.19 0.19
C HIS B 17 7.16 4.99 1.63
N VAL B 18 5.87 4.55 1.63
CA VAL B 18 5.06 4.24 2.85
C VAL B 18 5.57 2.87 3.46
N ARG B 19 5.83 1.85 2.57
CA ARG B 19 6.35 0.51 2.97
C ARG B 19 7.89 0.55 3.29
N LYS B 20 8.66 1.52 2.64
CA LYS B 20 10.12 1.73 2.94
C LYS B 20 10.36 2.70 4.17
N ARG B 21 9.24 3.29 4.70
CA ARG B 21 9.15 4.16 5.92
C ARG B 21 8.84 3.21 7.13
N PHE B 22 8.25 2.02 6.82
CA PHE B 22 7.95 0.92 7.76
C PHE B 22 9.20 -0.01 7.97
N ALA B 23 9.89 -0.38 6.84
CA ALA B 23 11.14 -1.21 6.84
C ALA B 23 12.39 -0.49 7.48
N ASP B 24 12.57 0.84 7.12
CA ASP B 24 13.70 1.69 7.62
C ASP B 24 13.59 2.15 9.13
N GLN B 25 12.41 1.85 9.76
CA GLN B 25 12.03 2.10 11.19
C GLN B 25 12.08 0.77 12.01
N GLU B 26 12.26 -0.41 11.30
CA GLU B 26 12.34 -1.82 11.83
C GLU B 26 10.99 -2.35 12.45
N LEU B 27 9.92 -2.06 11.67
CA LEU B 27 8.51 -2.51 11.89
C LEU B 27 8.17 -3.61 10.81
N GLY B 28 9.18 -3.72 9.90
CA GLY B 28 9.25 -4.66 8.78
C GLY B 28 10.31 -5.70 9.08
N ASP B 29 10.03 -7.01 8.86
CA ASP B 29 10.94 -8.12 9.23
C ASP B 29 11.37 -8.92 7.96
N ALA B 30 11.72 -10.24 8.15
CA ALA B 30 12.09 -11.17 7.05
C ALA B 30 10.96 -11.25 5.92
N PRO B 31 9.56 -11.48 6.22
CA PRO B 31 8.46 -11.44 5.17
C PRO B 31 8.24 -10.05 4.44
N PHE B 32 8.36 -8.87 5.17
CA PHE B 32 8.17 -7.53 4.54
C PHE B 32 9.27 -7.13 3.51
N LEU B 33 10.58 -7.45 3.86
CA LEU B 33 11.81 -7.15 3.08
C LEU B 33 12.01 -8.12 1.86
N ASP B 34 11.55 -9.42 2.02
CA ASP B 34 11.49 -10.48 0.95
C ASP B 34 10.59 -10.02 -0.26
N ARG B 35 9.34 -9.56 0.13
CA ARG B 35 8.29 -9.00 -0.76
C ARG B 35 8.75 -7.68 -1.42
N LEU B 36 9.39 -6.74 -0.62
CA LEU B 36 9.96 -5.46 -1.08
C LEU B 36 11.05 -5.53 -2.15
N ARG B 37 12.08 -6.48 -2.02
CA ARG B 37 13.23 -6.63 -2.95
C ARG B 37 12.85 -6.98 -4.40
N ARG B 38 12.05 -8.13 -4.60
CA ARG B 38 11.60 -8.60 -5.95
C ARG B 38 10.78 -7.54 -6.73
N ASP B 39 9.81 -6.90 -5.97
CA ASP B 39 8.89 -5.90 -6.50
C ASP B 39 9.55 -4.50 -6.64
N GLN B 40 10.74 -4.24 -5.94
CA GLN B 40 11.40 -2.91 -6.05
C GLN B 40 11.99 -2.73 -7.49
N LYS B 41 12.64 -3.83 -8.05
CA LYS B 41 13.24 -3.86 -9.42
C LYS B 41 12.15 -3.86 -10.54
N SER B 42 10.92 -4.31 -10.07
CA SER B 42 9.69 -4.43 -10.88
C SER B 42 8.99 -3.05 -10.98
N LEU B 43 8.93 -2.29 -9.80
CA LEU B 43 8.36 -0.93 -9.70
C LEU B 43 9.20 0.13 -10.46
N ARG B 44 10.56 0.11 -10.24
CA ARG B 44 11.57 1.00 -10.90
C ARG B 44 11.77 0.64 -12.39
N GLY B 45 11.72 -0.69 -12.78
CA GLY B 45 11.79 -1.13 -14.20
C GLY B 45 10.52 -0.77 -15.02
N ARG B 46 9.35 -0.69 -14.26
CA ARG B 46 8.03 -0.22 -14.77
C ARG B 46 8.09 1.33 -14.95
N GLY B 47 8.95 2.08 -14.14
CA GLY B 47 9.19 3.52 -14.31
C GLY B 47 9.86 3.91 -15.62
N SER B 48 10.83 3.03 -16.09
CA SER B 48 11.59 3.16 -17.37
C SER B 48 10.67 3.21 -18.64
N THR B 49 9.71 2.20 -18.69
CA THR B 49 8.63 2.01 -19.73
C THR B 49 7.71 3.26 -19.94
N LEU B 50 6.82 3.57 -18.94
CA LEU B 50 5.89 4.76 -19.04
C LEU B 50 6.64 6.14 -18.90
N GLY B 51 7.90 6.08 -18.38
CA GLY B 51 8.83 7.21 -18.30
C GLY B 51 8.61 8.26 -17.24
N LEU B 52 8.47 7.88 -15.93
CA LEU B 52 8.24 8.84 -14.85
C LEU B 52 9.32 8.64 -13.75
N ASP B 53 9.98 9.72 -13.29
CA ASP B 53 10.96 9.67 -12.16
C ASP B 53 10.21 9.35 -10.85
N ILE B 54 10.67 8.21 -10.25
CA ILE B 54 10.13 7.55 -9.02
C ILE B 54 10.06 8.44 -7.71
N GLU B 55 11.13 9.23 -7.36
CA GLU B 55 11.14 10.16 -6.17
C GLU B 55 10.05 11.30 -6.26
N THR B 56 9.88 11.90 -7.47
CA THR B 56 8.87 12.96 -7.77
C THR B 56 7.45 12.32 -7.82
N ALA B 57 7.42 11.01 -8.25
CA ALA B 57 6.20 10.20 -8.30
C ALA B 57 5.74 9.77 -6.86
N THR B 58 6.70 9.64 -5.84
CA THR B 58 6.28 9.35 -4.40
C THR B 58 5.51 10.56 -3.75
N ARG B 59 5.60 11.71 -4.51
CA ARG B 59 5.11 13.07 -4.07
C ARG B 59 3.84 13.48 -4.91
N ALA B 60 3.94 13.18 -6.25
CA ALA B 60 2.84 13.32 -7.26
C ALA B 60 1.65 12.39 -6.89
N GLY B 61 1.91 11.06 -6.58
CA GLY B 61 0.84 10.17 -6.09
C GLY B 61 0.41 10.42 -4.65
N LYS B 62 1.33 10.98 -3.76
CA LYS B 62 0.94 11.46 -2.36
C LYS B 62 -0.34 12.36 -2.40
N GLN B 63 -0.37 13.35 -3.37
CA GLN B 63 -1.50 14.29 -3.60
C GLN B 63 -2.78 13.55 -4.16
N ILE B 64 -2.52 12.49 -5.02
CA ILE B 64 -3.59 11.64 -5.69
C ILE B 64 -4.26 10.57 -4.70
N VAL B 65 -3.68 10.35 -3.50
CA VAL B 65 -4.25 9.38 -2.46
C VAL B 65 -5.10 10.22 -1.46
N GLU B 66 -4.40 11.30 -0.98
CA GLU B 66 -4.93 12.32 -0.06
C GLU B 66 -6.24 12.92 -0.68
N ARG B 67 -6.04 13.85 -1.68
CA ARG B 67 -7.17 14.45 -2.48
C ARG B 67 -8.24 13.46 -3.08
N ILE B 68 -7.94 12.19 -3.60
CA ILE B 68 -9.07 11.28 -4.14
C ILE B 68 -10.01 10.65 -3.04
N LEU B 69 -9.65 10.76 -1.71
CA LEU B 69 -10.49 10.18 -0.61
C LEU B 69 -11.40 11.28 0.02
N LYS B 70 -10.91 12.58 -0.08
CA LYS B 70 -11.68 13.82 0.35
C LYS B 70 -12.71 14.26 -0.79
N GLU B 71 -12.51 13.53 -1.92
CA GLU B 71 -13.27 13.61 -3.23
C GLU B 71 -14.45 12.59 -3.32
N GLU B 72 -14.82 11.95 -2.14
CA GLU B 72 -15.80 10.83 -2.13
C GLU B 72 -17.27 11.22 -1.72
N SER B 73 -17.39 12.31 -0.86
CA SER B 73 -18.69 12.79 -0.30
C SER B 73 -19.18 14.09 -0.98
N MET A 1 1.89 -12.27 22.14
CA MET A 1 3.38 -12.25 22.20
C MET A 1 4.00 -11.53 20.97
N ASP A 2 3.17 -11.37 19.89
CA ASP A 2 3.57 -10.70 18.61
C ASP A 2 3.05 -9.25 18.50
N SER A 3 4.05 -8.33 18.63
CA SER A 3 3.90 -6.83 18.53
C SER A 3 4.35 -6.26 17.15
N ASN A 4 5.54 -6.65 16.58
CA ASN A 4 6.00 -6.11 15.25
C ASN A 4 5.43 -6.89 14.01
N THR A 5 4.94 -8.14 14.23
CA THR A 5 4.36 -9.01 13.14
C THR A 5 2.83 -8.71 12.98
N VAL A 6 2.14 -8.23 14.06
CA VAL A 6 0.71 -7.86 14.02
C VAL A 6 0.62 -6.39 13.48
N SER A 7 1.67 -5.51 13.73
CA SER A 7 1.78 -4.13 13.15
C SER A 7 1.99 -4.18 11.60
N SER A 8 2.73 -5.25 11.06
CA SER A 8 2.90 -5.51 9.60
C SER A 8 1.58 -6.05 8.97
N PHE A 9 0.65 -6.54 9.85
CA PHE A 9 -0.66 -7.00 9.39
C PHE A 9 -1.69 -5.80 9.42
N GLN A 10 -1.67 -4.97 10.52
CA GLN A 10 -2.57 -3.80 10.75
C GLN A 10 -2.37 -2.66 9.70
N VAL A 11 -1.06 -2.35 9.36
CA VAL A 11 -0.68 -1.34 8.33
C VAL A 11 -0.99 -1.88 6.89
N ASP A 12 -0.77 -3.23 6.61
CA ASP A 12 -1.17 -3.88 5.32
C ASP A 12 -2.73 -3.89 5.12
N CYS A 13 -3.51 -3.95 6.25
CA CYS A 13 -5.02 -3.86 6.26
C CYS A 13 -5.51 -2.44 5.81
N PHE A 14 -4.78 -1.35 6.28
CA PHE A 14 -5.03 0.05 5.87
C PHE A 14 -4.68 0.22 4.38
N LEU A 15 -3.46 -0.26 3.95
CA LEU A 15 -2.96 -0.16 2.55
C LEU A 15 -3.83 -0.92 1.54
N TRP A 16 -4.37 -2.12 1.94
CA TRP A 16 -5.38 -2.84 1.16
C TRP A 16 -6.73 -2.03 1.02
N HIS A 17 -7.18 -1.24 2.07
CA HIS A 17 -8.45 -0.43 2.01
C HIS A 17 -8.19 0.85 1.13
N VAL A 18 -6.89 1.21 1.01
CA VAL A 18 -6.42 2.32 0.15
C VAL A 18 -6.45 1.81 -1.34
N ARG A 19 -6.17 0.47 -1.54
CA ARG A 19 -6.23 -0.20 -2.88
C ARG A 19 -7.70 -0.63 -3.26
N LYS A 20 -8.58 -0.94 -2.21
CA LYS A 20 -10.02 -1.30 -2.41
C LYS A 20 -10.97 -0.04 -2.48
N ARG A 21 -10.39 1.16 -2.14
CA ARG A 21 -10.97 2.53 -2.27
C ARG A 21 -10.64 3.01 -3.70
N PHE A 22 -9.56 2.41 -4.28
CA PHE A 22 -9.09 2.61 -5.67
C PHE A 22 -9.87 1.68 -6.66
N ALA A 23 -9.99 0.35 -6.35
CA ALA A 23 -10.72 -0.68 -7.17
C ALA A 23 -12.27 -0.44 -7.27
N ASP A 24 -12.90 -0.13 -6.07
CA ASP A 24 -14.40 0.16 -5.93
C ASP A 24 -14.87 1.54 -6.51
N GLN A 25 -13.88 2.37 -6.96
CA GLN A 25 -14.02 3.71 -7.62
C GLN A 25 -13.75 3.56 -9.16
N GLU A 26 -13.27 2.34 -9.61
CA GLU A 26 -12.89 1.97 -11.03
C GLU A 26 -11.70 2.81 -11.59
N LEU A 27 -10.69 2.95 -10.67
CA LEU A 27 -9.41 3.66 -10.87
C LEU A 27 -8.35 2.66 -11.33
N GLY A 28 -7.79 2.98 -12.51
CA GLY A 28 -6.83 2.11 -13.20
C GLY A 28 -7.52 1.41 -14.34
N ASP A 29 -6.90 0.38 -14.96
CA ASP A 29 -7.55 -0.38 -16.04
C ASP A 29 -8.04 -1.73 -15.46
N ALA A 30 -8.51 -2.68 -16.32
CA ALA A 30 -9.00 -4.03 -15.92
C ALA A 30 -7.97 -4.94 -15.10
N PRO A 31 -6.53 -4.99 -15.39
CA PRO A 31 -5.61 -5.91 -14.60
C PRO A 31 -5.49 -5.64 -13.03
N PHE A 32 -5.89 -4.39 -12.56
CA PHE A 32 -5.87 -4.02 -11.10
C PHE A 32 -6.95 -4.81 -10.25
N LEU A 33 -8.06 -5.24 -10.95
CA LEU A 33 -9.18 -6.09 -10.41
C LEU A 33 -8.72 -7.59 -10.39
N ASP A 34 -7.86 -7.97 -11.40
CA ASP A 34 -7.14 -9.31 -11.50
C ASP A 34 -6.19 -9.56 -10.28
N ARG A 35 -5.30 -8.51 -10.02
CA ARG A 35 -4.32 -8.42 -8.90
C ARG A 35 -4.98 -8.39 -7.51
N LEU A 36 -6.07 -7.54 -7.34
CA LEU A 36 -6.87 -7.44 -6.10
C LEU A 36 -7.49 -8.73 -5.57
N ARG A 37 -8.18 -9.57 -6.47
CA ARG A 37 -8.92 -10.83 -6.12
C ARG A 37 -8.04 -11.94 -5.47
N ARG A 38 -6.80 -12.03 -6.07
CA ARG A 38 -5.76 -13.04 -5.71
C ARG A 38 -5.27 -12.82 -4.24
N ASP A 39 -4.90 -11.52 -3.98
CA ASP A 39 -4.42 -11.04 -2.68
C ASP A 39 -5.53 -10.71 -1.66
N GLN A 40 -6.85 -10.55 -2.11
CA GLN A 40 -7.96 -10.21 -1.13
C GLN A 40 -8.19 -11.40 -0.17
N LYS A 41 -8.17 -12.66 -0.76
CA LYS A 41 -8.36 -13.96 -0.01
C LYS A 41 -7.12 -14.36 0.85
N SER A 42 -5.94 -13.80 0.38
CA SER A 42 -4.58 -13.99 0.98
C SER A 42 -4.42 -13.11 2.24
N LEU A 43 -4.87 -11.80 2.17
CA LEU A 43 -4.85 -10.82 3.28
C LEU A 43 -5.84 -11.19 4.43
N ARG A 44 -7.09 -11.61 4.02
CA ARG A 44 -8.22 -12.06 4.90
C ARG A 44 -7.93 -13.46 5.52
N GLY A 45 -7.29 -14.44 4.77
CA GLY A 45 -6.89 -15.77 5.34
C GLY A 45 -5.74 -15.67 6.38
N ARG A 46 -4.90 -14.58 6.18
CA ARG A 46 -3.80 -14.16 7.10
C ARG A 46 -4.45 -13.51 8.37
N GLY A 47 -5.71 -12.91 8.25
CA GLY A 47 -6.48 -12.40 9.41
C GLY A 47 -6.95 -13.46 10.39
N SER A 48 -7.34 -14.66 9.84
CA SER A 48 -7.81 -15.87 10.60
C SER A 48 -6.74 -16.42 11.60
N THR A 49 -5.46 -16.58 11.08
CA THR A 49 -4.24 -17.02 11.84
C THR A 49 -3.84 -16.11 13.07
N LEU A 50 -3.64 -14.77 12.84
CA LEU A 50 -3.32 -13.85 13.99
C LEU A 50 -4.58 -13.40 14.79
N GLY A 51 -5.78 -13.64 14.19
CA GLY A 51 -7.10 -13.43 14.82
C GLY A 51 -7.57 -12.00 14.99
N LEU A 52 -7.43 -11.13 13.96
CA LEU A 52 -7.81 -9.71 14.05
C LEU A 52 -8.88 -9.41 12.97
N ASP A 53 -9.99 -8.73 13.35
CA ASP A 53 -11.03 -8.28 12.39
C ASP A 53 -10.44 -7.22 11.43
N ILE A 54 -10.50 -7.57 10.12
CA ILE A 54 -9.98 -6.77 8.96
C ILE A 54 -10.52 -5.28 8.88
N GLU A 55 -11.87 -5.05 9.02
CA GLU A 55 -12.48 -3.65 9.03
C GLU A 55 -11.96 -2.77 10.23
N THR A 56 -11.89 -3.37 11.47
CA THR A 56 -11.33 -2.67 12.68
C THR A 56 -9.78 -2.47 12.54
N ALA A 57 -9.10 -3.44 11.83
CA ALA A 57 -7.65 -3.37 11.53
C ALA A 57 -7.34 -2.29 10.44
N THR A 58 -8.28 -2.04 9.42
CA THR A 58 -8.09 -0.95 8.37
C THR A 58 -8.07 0.51 9.00
N ARG A 59 -8.66 0.51 10.27
CA ARG A 59 -8.92 1.75 11.09
C ARG A 59 -7.80 1.95 12.17
N ALA A 60 -7.43 0.78 12.80
CA ALA A 60 -6.31 0.58 13.77
C ALA A 60 -4.96 0.91 13.09
N GLY A 61 -4.65 0.33 11.86
CA GLY A 61 -3.43 0.67 11.10
C GLY A 61 -3.43 2.08 10.50
N LYS A 62 -4.65 2.62 10.14
CA LYS A 62 -4.82 4.07 9.74
C LYS A 62 -4.13 5.04 10.77
N GLN A 63 -4.37 4.78 12.12
CA GLN A 63 -3.78 5.54 13.26
C GLN A 63 -2.24 5.29 13.40
N ILE A 64 -1.82 4.00 13.10
CA ILE A 64 -0.39 3.48 13.14
C ILE A 64 0.49 4.05 11.92
N VAL A 65 -0.19 4.64 10.89
CA VAL A 65 0.48 5.29 9.67
C VAL A 65 0.71 6.82 10.00
N GLU A 66 -0.36 7.37 10.64
CA GLU A 66 -0.43 8.79 11.15
C GLU A 66 0.70 8.98 12.25
N ARG A 67 0.72 7.93 13.13
CA ARG A 67 1.69 7.73 14.24
C ARG A 67 3.08 7.27 13.69
N ILE A 68 3.25 6.29 12.73
CA ILE A 68 4.58 5.90 12.09
C ILE A 68 5.50 7.07 11.57
N LEU A 69 4.90 8.17 10.99
CA LEU A 69 5.70 9.28 10.40
C LEU A 69 5.87 10.45 11.41
N LYS A 70 4.96 10.55 12.45
CA LYS A 70 5.05 11.65 13.47
C LYS A 70 5.93 11.27 14.73
N GLU A 71 6.09 9.89 14.89
CA GLU A 71 6.84 9.16 15.98
C GLU A 71 8.37 8.96 15.71
N GLU A 72 8.93 9.69 14.70
CA GLU A 72 10.34 9.51 14.26
C GLU A 72 11.35 10.57 14.80
N SER A 73 10.85 11.73 15.36
CA SER A 73 11.72 12.82 15.87
C SER A 73 11.73 12.88 17.40
N MET B 1 -1.09 9.34 -23.53
CA MET B 1 -2.43 8.77 -23.87
C MET B 1 -3.03 7.96 -22.68
N ASP B 2 -2.14 7.59 -21.71
CA ASP B 2 -2.50 6.80 -20.50
C ASP B 2 -2.64 7.71 -19.23
N SER B 3 -3.93 7.86 -18.85
CA SER B 3 -4.42 8.61 -17.64
C SER B 3 -4.77 7.69 -16.43
N ASN B 4 -5.53 6.56 -16.62
CA ASN B 4 -5.88 5.65 -15.47
C ASN B 4 -4.79 4.57 -15.15
N THR B 5 -3.87 4.30 -16.11
CA THR B 5 -2.77 3.29 -15.94
C THR B 5 -1.52 3.97 -15.30
N VAL B 6 -1.34 5.31 -15.49
CA VAL B 6 -0.22 6.08 -14.88
C VAL B 6 -0.66 6.48 -13.43
N SER B 7 -2.01 6.67 -13.16
CA SER B 7 -2.56 6.90 -11.79
C SER B 7 -2.41 5.63 -10.89
N SER B 8 -2.49 4.36 -11.49
CA SER B 8 -2.22 3.06 -10.79
C SER B 8 -0.70 2.88 -10.52
N PHE B 9 0.15 3.68 -11.24
CA PHE B 9 1.60 3.66 -11.02
C PHE B 9 2.00 4.74 -9.95
N GLN B 10 1.38 5.98 -10.03
CA GLN B 10 1.64 7.14 -9.11
C GLN B 10 1.19 6.85 -7.64
N VAL B 11 -0.01 6.21 -7.47
CA VAL B 11 -0.57 5.79 -6.14
C VAL B 11 0.25 4.58 -5.57
N ASP B 12 0.68 3.58 -6.43
CA ASP B 12 1.57 2.45 -6.02
C ASP B 12 3.00 2.96 -5.57
N CYS B 13 3.48 4.11 -6.18
CA CYS B 13 4.76 4.80 -5.80
C CYS B 13 4.68 5.39 -4.36
N PHE B 14 3.49 5.99 -4.00
CA PHE B 14 3.18 6.52 -2.64
C PHE B 14 3.12 5.35 -1.64
N LEU B 15 2.34 4.26 -1.98
CA LEU B 15 2.14 3.06 -1.13
C LEU B 15 3.45 2.29 -0.88
N TRP B 16 4.35 2.20 -1.90
CA TRP B 16 5.71 1.67 -1.73
C TRP B 16 6.58 2.56 -0.76
N HIS B 17 6.43 3.94 -0.75
CA HIS B 17 7.22 4.85 0.15
C HIS B 17 6.64 4.75 1.61
N VAL B 18 5.36 4.29 1.68
CA VAL B 18 4.64 4.03 2.96
C VAL B 18 5.21 2.67 3.53
N ARG B 19 5.57 1.71 2.60
CA ARG B 19 6.19 0.40 2.97
C ARG B 19 7.75 0.53 3.18
N LYS B 20 8.43 1.54 2.48
CA LYS B 20 9.91 1.80 2.64
C LYS B 20 10.22 2.84 3.79
N ARG B 21 9.12 3.38 4.41
CA ARG B 21 9.06 4.25 5.62
C ARG B 21 8.87 3.29 6.81
N PHE B 22 8.31 2.08 6.50
CA PHE B 22 8.09 0.96 7.43
C PHE B 22 9.40 0.07 7.52
N ALA B 23 9.98 -0.32 6.35
CA ALA B 23 11.24 -1.15 6.25
C ALA B 23 12.53 -0.42 6.81
N ASP B 24 12.70 0.89 6.42
CA ASP B 24 13.86 1.78 6.85
C ASP B 24 13.81 2.27 8.35
N GLN B 25 12.69 1.93 9.06
CA GLN B 25 12.38 2.16 10.50
C GLN B 25 12.53 0.84 11.30
N GLU B 26 12.72 -0.33 10.58
CA GLU B 26 12.85 -1.75 11.12
C GLU B 26 11.55 -2.23 11.86
N LEU B 27 10.42 -1.90 11.17
CA LEU B 27 9.03 -2.23 11.57
C LEU B 27 8.61 -3.55 10.90
N GLY B 28 8.22 -4.49 11.77
CA GLY B 28 7.90 -5.85 11.35
C GLY B 28 9.03 -6.78 11.71
N ASP B 29 9.05 -8.03 11.19
CA ASP B 29 10.18 -8.96 11.45
C ASP B 29 11.07 -9.00 10.17
N ALA B 30 12.06 -9.94 10.11
CA ALA B 30 12.97 -10.12 8.95
C ALA B 30 12.28 -10.42 7.54
N PRO B 31 11.10 -11.27 7.38
CA PRO B 31 10.53 -11.55 6.00
C PRO B 31 9.96 -10.30 5.19
N PHE B 32 9.71 -9.12 5.90
CA PHE B 32 9.21 -7.85 5.25
C PHE B 32 10.31 -7.18 4.35
N LEU B 33 11.62 -7.44 4.70
CA LEU B 33 12.86 -7.00 3.96
C LEU B 33 13.08 -7.96 2.73
N ASP B 34 12.70 -9.27 2.91
CA ASP B 34 12.67 -10.33 1.83
C ASP B 34 11.68 -9.96 0.66
N ARG B 35 10.39 -9.60 1.10
CA ARG B 35 9.25 -9.15 0.25
C ARG B 35 9.54 -7.81 -0.47
N LEU B 36 10.10 -6.78 0.27
CA LEU B 36 10.49 -5.46 -0.26
C LEU B 36 11.49 -5.47 -1.43
N ARG B 37 12.62 -6.28 -1.34
CA ARG B 37 13.75 -6.35 -2.36
C ARG B 37 13.30 -6.81 -3.77
N ARG B 38 12.38 -7.84 -3.71
CA ARG B 38 11.81 -8.53 -4.91
C ARG B 38 10.97 -7.54 -5.78
N ASP B 39 10.06 -6.81 -5.06
CA ASP B 39 9.13 -5.82 -5.63
C ASP B 39 9.77 -4.41 -5.79
N GLN B 40 10.97 -4.11 -5.11
CA GLN B 40 11.59 -2.73 -5.25
C GLN B 40 12.10 -2.53 -6.69
N LYS B 41 12.73 -3.62 -7.28
CA LYS B 41 13.30 -3.65 -8.66
C LYS B 41 12.20 -3.74 -9.77
N SER B 42 11.01 -4.30 -9.30
CA SER B 42 9.78 -4.54 -10.10
C SER B 42 8.98 -3.21 -10.29
N LEU B 43 8.85 -2.40 -9.17
CA LEU B 43 8.18 -1.08 -9.15
C LEU B 43 8.97 0.01 -9.94
N ARG B 44 10.33 0.03 -9.73
CA ARG B 44 11.34 0.92 -10.40
C ARG B 44 11.55 0.54 -11.89
N GLY B 45 11.56 -0.80 -12.28
CA GLY B 45 11.64 -1.22 -13.71
C GLY B 45 10.38 -0.89 -14.53
N ARG B 46 9.22 -0.84 -13.78
CA ARG B 46 7.88 -0.40 -14.28
C ARG B 46 7.92 1.15 -14.46
N GLY B 47 8.79 1.91 -13.67
CA GLY B 47 9.02 3.36 -13.87
C GLY B 47 9.68 3.75 -15.19
N SER B 48 10.65 2.88 -15.64
CA SER B 48 11.42 3.03 -16.93
C SER B 48 10.51 3.04 -18.20
N THR B 49 9.55 2.04 -18.24
CA THR B 49 8.48 1.84 -19.28
C THR B 49 7.55 3.10 -19.47
N LEU B 50 6.73 3.47 -18.43
CA LEU B 50 5.83 4.68 -18.53
C LEU B 50 6.60 6.04 -18.43
N GLY B 51 7.88 5.99 -17.96
CA GLY B 51 8.83 7.12 -17.92
C GLY B 51 8.60 8.19 -16.88
N LEU B 52 8.33 7.80 -15.59
CA LEU B 52 8.05 8.77 -14.52
C LEU B 52 9.09 8.58 -13.39
N ASP B 53 9.71 9.68 -12.89
CA ASP B 53 10.64 9.64 -11.74
C ASP B 53 9.87 9.22 -10.46
N ILE B 54 10.34 8.08 -9.88
CA ILE B 54 9.79 7.41 -8.65
C ILE B 54 9.65 8.35 -7.39
N GLU B 55 10.72 9.15 -7.02
CA GLU B 55 10.65 10.14 -5.86
C GLU B 55 9.57 11.27 -6.07
N THR B 56 9.50 11.85 -7.31
CA THR B 56 8.47 12.88 -7.66
C THR B 56 7.04 12.21 -7.76
N ALA B 57 7.00 10.90 -8.16
CA ALA B 57 5.76 10.09 -8.22
C ALA B 57 5.26 9.70 -6.78
N THR B 58 6.21 9.49 -5.76
CA THR B 58 5.80 9.17 -4.32
C THR B 58 5.06 10.39 -3.60
N ARG B 59 5.19 11.56 -4.33
CA ARG B 59 4.74 12.93 -3.86
C ARG B 59 3.48 13.38 -4.67
N ALA B 60 3.54 13.08 -6.00
CA ALA B 60 2.43 13.22 -6.99
C ALA B 60 1.24 12.31 -6.60
N GLY B 61 1.48 10.97 -6.31
CA GLY B 61 0.41 10.06 -5.83
C GLY B 61 -0.06 10.33 -4.40
N LYS B 62 0.88 10.87 -3.50
CA LYS B 62 0.50 11.39 -2.14
C LYS B 62 -0.74 12.35 -2.22
N GLN B 63 -0.71 13.30 -3.23
CA GLN B 63 -1.80 14.28 -3.50
C GLN B 63 -3.08 13.57 -4.10
N ILE B 64 -2.83 12.51 -4.96
CA ILE B 64 -3.89 11.64 -5.64
C ILE B 64 -4.51 10.52 -4.66
N VAL B 65 -4.17 10.60 -3.34
CA VAL B 65 -4.74 9.71 -2.23
C VAL B 65 -5.65 10.64 -1.34
N GLU B 66 -5.08 11.87 -1.14
CA GLU B 66 -5.74 12.99 -0.41
C GLU B 66 -7.05 13.41 -1.22
N ARG B 67 -6.76 13.56 -2.56
CA ARG B 67 -7.75 13.86 -3.63
C ARG B 67 -8.65 12.63 -3.92
N ILE B 68 -8.17 11.33 -4.06
CA ILE B 68 -9.04 10.10 -4.20
C ILE B 68 -10.20 9.89 -3.15
N LEU B 69 -10.01 10.39 -1.87
CA LEU B 69 -11.01 10.16 -0.79
C LEU B 69 -11.74 11.46 -0.40
N LYS B 70 -11.54 12.58 -1.20
CA LYS B 70 -12.22 13.87 -0.86
C LYS B 70 -13.10 14.29 -2.11
N GLU B 71 -12.70 13.64 -3.28
CA GLU B 71 -13.26 13.77 -4.70
C GLU B 71 -14.46 12.81 -4.99
N GLU B 72 -15.03 12.17 -3.93
CA GLU B 72 -16.10 11.14 -4.08
C GLU B 72 -17.56 11.63 -3.84
N SER B 73 -17.74 12.87 -3.25
CA SER B 73 -19.08 13.45 -2.95
C SER B 73 -19.43 14.62 -3.88
N MET A 1 5.44 -14.86 16.92
CA MET A 1 5.80 -14.92 18.37
C MET A 1 5.85 -13.50 19.01
N ASP A 2 6.12 -12.47 18.15
CA ASP A 2 6.21 -11.02 18.54
C ASP A 2 5.02 -10.19 17.94
N SER A 3 4.73 -8.99 18.55
CA SER A 3 3.62 -8.07 18.11
C SER A 3 4.01 -7.09 16.94
N ASN A 4 5.28 -7.24 16.41
CA ASN A 4 5.79 -6.51 15.22
C ASN A 4 5.29 -7.18 13.88
N THR A 5 4.75 -8.44 14.02
CA THR A 5 4.12 -9.25 12.93
C THR A 5 2.58 -8.90 12.90
N VAL A 6 2.11 -8.30 14.03
CA VAL A 6 0.70 -7.86 14.23
C VAL A 6 0.58 -6.41 13.64
N SER A 7 1.66 -5.55 13.83
CA SER A 7 1.77 -4.18 13.23
C SER A 7 1.97 -4.23 11.67
N SER A 8 2.70 -5.27 11.11
CA SER A 8 2.89 -5.50 9.63
C SER A 8 1.59 -6.06 8.94
N PHE A 9 0.64 -6.58 9.79
CA PHE A 9 -0.65 -7.06 9.31
C PHE A 9 -1.67 -5.84 9.29
N GLN A 10 -1.54 -4.91 10.31
CA GLN A 10 -2.39 -3.67 10.45
C GLN A 10 -2.13 -2.63 9.31
N VAL A 11 -0.83 -2.48 8.85
CA VAL A 11 -0.49 -1.58 7.69
C VAL A 11 -1.00 -2.19 6.37
N ASP A 12 -0.92 -3.56 6.18
CA ASP A 12 -1.45 -4.26 4.98
C ASP A 12 -3.01 -4.20 4.89
N CYS A 13 -3.74 -4.16 6.07
CA CYS A 13 -5.24 -4.03 6.11
C CYS A 13 -5.70 -2.61 5.63
N PHE A 14 -4.93 -1.53 6.05
CA PHE A 14 -5.15 -0.13 5.63
C PHE A 14 -4.76 0.05 4.15
N LEU A 15 -3.53 -0.46 3.75
CA LEU A 15 -3.02 -0.36 2.37
C LEU A 15 -3.90 -1.07 1.33
N TRP A 16 -4.48 -2.25 1.68
CA TRP A 16 -5.49 -2.91 0.86
C TRP A 16 -6.83 -2.08 0.75
N HIS A 17 -7.30 -1.36 1.84
CA HIS A 17 -8.58 -0.55 1.81
C HIS A 17 -8.35 0.76 0.97
N VAL A 18 -7.03 1.13 0.88
CA VAL A 18 -6.53 2.25 0.05
C VAL A 18 -6.65 1.80 -1.46
N ARG A 19 -6.31 0.49 -1.74
CA ARG A 19 -6.43 -0.12 -3.09
C ARG A 19 -7.94 -0.49 -3.43
N LYS A 20 -8.82 -0.76 -2.36
CA LYS A 20 -10.26 -1.09 -2.57
C LYS A 20 -11.18 0.22 -2.65
N ARG A 21 -10.61 1.39 -2.24
CA ARG A 21 -11.20 2.79 -2.31
C ARG A 21 -10.84 3.35 -3.72
N PHE A 22 -9.79 2.72 -4.33
CA PHE A 22 -9.34 2.95 -5.71
C PHE A 22 -10.19 2.05 -6.70
N ALA A 23 -10.44 0.75 -6.33
CA ALA A 23 -11.28 -0.20 -7.11
C ALA A 23 -12.80 0.17 -7.18
N ASP A 24 -13.40 0.54 -5.99
CA ASP A 24 -14.86 0.91 -5.84
C ASP A 24 -15.28 2.29 -6.44
N GLN A 25 -14.27 3.12 -6.85
CA GLN A 25 -14.37 4.46 -7.51
C GLN A 25 -14.06 4.34 -9.04
N GLU A 26 -13.59 3.12 -9.52
CA GLU A 26 -13.20 2.75 -10.95
C GLU A 26 -11.96 3.56 -11.45
N LEU A 27 -10.91 3.50 -10.59
CA LEU A 27 -9.59 4.15 -10.78
C LEU A 27 -8.53 3.10 -11.13
N GLY A 28 -7.86 3.40 -12.26
CA GLY A 28 -6.88 2.53 -12.89
C GLY A 28 -7.52 1.78 -14.04
N ASP A 29 -6.84 0.80 -14.67
CA ASP A 29 -7.45 0.03 -15.77
C ASP A 29 -7.86 -1.38 -15.27
N ALA A 30 -8.27 -2.31 -16.19
CA ALA A 30 -8.67 -3.71 -15.86
C ALA A 30 -7.59 -4.63 -15.13
N PRO A 31 -6.16 -4.61 -15.42
CA PRO A 31 -5.18 -5.54 -14.71
C PRO A 31 -5.08 -5.39 -13.14
N PHE A 32 -5.50 -4.17 -12.60
CA PHE A 32 -5.50 -3.84 -11.14
C PHE A 32 -6.54 -4.73 -10.36
N LEU A 33 -7.78 -4.89 -10.97
CA LEU A 33 -8.92 -5.78 -10.52
C LEU A 33 -8.50 -7.30 -10.52
N ASP A 34 -7.71 -7.72 -11.57
CA ASP A 34 -7.05 -9.09 -11.72
C ASP A 34 -6.09 -9.42 -10.51
N ARG A 35 -5.16 -8.42 -10.23
CA ARG A 35 -4.15 -8.40 -9.13
C ARG A 35 -4.82 -8.41 -7.74
N LEU A 36 -5.90 -7.56 -7.54
CA LEU A 36 -6.69 -7.47 -6.30
C LEU A 36 -7.32 -8.77 -5.78
N ARG A 37 -8.00 -9.59 -6.70
CA ARG A 37 -8.74 -10.87 -6.37
C ARG A 37 -7.88 -11.99 -5.73
N ARG A 38 -6.65 -12.09 -6.34
CA ARG A 38 -5.62 -13.12 -5.97
C ARG A 38 -5.15 -12.91 -4.49
N ASP A 39 -4.84 -11.60 -4.22
CA ASP A 39 -4.37 -11.13 -2.92
C ASP A 39 -5.51 -10.82 -1.91
N GLN A 40 -6.83 -10.64 -2.38
CA GLN A 40 -7.95 -10.30 -1.42
C GLN A 40 -8.22 -11.47 -0.45
N LYS A 41 -8.18 -12.73 -1.02
CA LYS A 41 -8.40 -14.02 -0.28
C LYS A 41 -7.19 -14.39 0.64
N SER A 42 -5.99 -13.86 0.16
CA SER A 42 -4.66 -14.06 0.79
C SER A 42 -4.51 -13.19 2.09
N LEU A 43 -4.97 -11.89 1.99
CA LEU A 43 -4.98 -10.88 3.10
C LEU A 43 -6.00 -11.21 4.22
N ARG A 44 -7.24 -11.67 3.80
CA ARG A 44 -8.37 -12.12 4.66
C ARG A 44 -8.12 -13.51 5.30
N GLY A 45 -7.47 -14.51 4.57
CA GLY A 45 -7.11 -15.83 5.17
C GLY A 45 -5.97 -15.75 6.21
N ARG A 46 -5.15 -14.66 6.04
CA ARG A 46 -4.06 -14.25 6.97
C ARG A 46 -4.71 -13.60 8.24
N GLY A 47 -5.96 -12.96 8.11
CA GLY A 47 -6.73 -12.44 9.26
C GLY A 47 -7.18 -13.50 10.25
N SER A 48 -7.57 -14.71 9.70
CA SER A 48 -8.01 -15.92 10.47
C SER A 48 -6.93 -16.45 11.48
N THR A 49 -5.65 -16.62 10.95
CA THR A 49 -4.41 -17.06 11.69
C THR A 49 -4.01 -16.18 12.92
N LEU A 50 -3.73 -14.85 12.69
CA LEU A 50 -3.39 -13.93 13.84
C LEU A 50 -4.66 -13.47 14.64
N GLY A 51 -5.86 -13.71 14.03
CA GLY A 51 -7.19 -13.49 14.66
C GLY A 51 -7.67 -12.08 14.84
N LEU A 52 -7.58 -11.20 13.80
CA LEU A 52 -7.99 -9.79 13.90
C LEU A 52 -9.06 -9.50 12.83
N ASP A 53 -10.16 -8.81 13.20
CA ASP A 53 -11.22 -8.38 12.26
C ASP A 53 -10.66 -7.26 11.34
N ILE A 54 -10.67 -7.60 10.03
CA ILE A 54 -10.14 -6.78 8.88
C ILE A 54 -10.71 -5.32 8.76
N GLU A 55 -12.05 -5.10 8.91
CA GLU A 55 -12.69 -3.72 8.85
C GLU A 55 -12.16 -2.73 9.98
N THR A 56 -12.01 -3.26 11.23
CA THR A 56 -11.48 -2.50 12.42
C THR A 56 -9.94 -2.35 12.28
N ALA A 57 -9.27 -3.36 11.63
CA ALA A 57 -7.83 -3.34 11.34
C ALA A 57 -7.47 -2.31 10.23
N THR A 58 -8.43 -2.02 9.22
CA THR A 58 -8.23 -0.95 8.17
C THR A 58 -8.20 0.51 8.81
N ARG A 59 -8.77 0.52 10.08
CA ARG A 59 -8.99 1.77 10.92
C ARG A 59 -7.86 1.94 11.98
N ALA A 60 -7.54 0.76 12.62
CA ALA A 60 -6.42 0.56 13.60
C ALA A 60 -5.06 0.84 12.91
N GLY A 61 -4.82 0.28 11.67
CA GLY A 61 -3.62 0.62 10.90
C GLY A 61 -3.62 2.01 10.28
N LYS A 62 -4.83 2.60 9.94
CA LYS A 62 -4.93 4.04 9.52
C LYS A 62 -4.14 5.00 10.49
N GLN A 63 -4.32 4.81 11.85
CA GLN A 63 -3.65 5.60 12.94
C GLN A 63 -2.10 5.32 13.02
N ILE A 64 -1.73 4.01 12.77
CA ILE A 64 -0.32 3.50 12.78
C ILE A 64 0.52 3.89 11.50
N VAL A 65 -0.19 4.39 10.46
CA VAL A 65 0.41 4.90 9.16
C VAL A 65 0.62 6.45 9.28
N GLU A 66 -0.55 7.14 9.56
CA GLU A 66 -0.65 8.62 9.76
C GLU A 66 0.35 9.08 10.88
N ARG A 67 -0.03 8.73 12.17
CA ARG A 67 0.86 8.94 13.36
C ARG A 67 2.31 8.37 13.26
N ILE A 68 2.61 7.20 12.55
CA ILE A 68 4.03 6.73 12.43
C ILE A 68 4.88 7.59 11.40
N LEU A 69 4.16 8.33 10.48
CA LEU A 69 4.80 9.21 9.45
C LEU A 69 4.94 10.65 10.09
N LYS A 70 4.36 10.77 11.33
CA LYS A 70 4.44 12.01 12.12
C LYS A 70 5.52 11.84 13.27
N GLU A 71 5.76 10.51 13.52
CA GLU A 71 6.67 10.00 14.58
C GLU A 71 8.14 10.35 14.28
N GLU A 72 8.61 10.21 12.95
CA GLU A 72 10.01 10.60 12.45
C GLU A 72 11.16 10.04 13.34
N SER A 73 10.82 8.94 14.10
CA SER A 73 11.65 8.36 15.17
C SER A 73 11.82 6.85 15.00
N MET B 1 -2.01 2.66 -22.88
CA MET B 1 -2.61 3.56 -23.93
C MET B 1 -3.39 4.75 -23.29
N ASP B 2 -3.88 4.52 -22.02
CA ASP B 2 -4.66 5.52 -21.22
C ASP B 2 -3.84 6.01 -19.98
N SER B 3 -4.23 7.20 -19.41
CA SER B 3 -3.54 7.82 -18.22
C SER B 3 -4.06 7.28 -16.84
N ASN B 4 -4.99 6.27 -16.88
CA ASN B 4 -5.53 5.53 -15.69
C ASN B 4 -4.52 4.40 -15.25
N THR B 5 -3.51 4.11 -16.14
CA THR B 5 -2.40 3.15 -15.92
C THR B 5 -1.17 3.97 -15.35
N VAL B 6 -1.26 5.32 -15.50
CA VAL B 6 -0.24 6.28 -15.01
C VAL B 6 -0.63 6.65 -13.54
N SER B 7 -1.99 6.77 -13.24
CA SER B 7 -2.55 6.98 -11.87
C SER B 7 -2.37 5.71 -10.96
N SER B 8 -2.46 4.44 -11.53
CA SER B 8 -2.22 3.15 -10.78
C SER B 8 -0.70 2.88 -10.52
N PHE B 9 0.17 3.66 -11.23
CA PHE B 9 1.64 3.61 -11.01
C PHE B 9 2.00 4.64 -9.88
N GLN B 10 1.30 5.83 -9.87
CA GLN B 10 1.48 6.92 -8.85
C GLN B 10 1.04 6.51 -7.42
N VAL B 11 -0.06 5.70 -7.27
CA VAL B 11 -0.50 5.15 -5.95
C VAL B 11 0.49 4.06 -5.44
N ASP B 12 1.03 3.18 -6.38
CA ASP B 12 2.04 2.15 -6.03
C ASP B 12 3.41 2.78 -5.60
N CYS B 13 3.79 3.99 -6.17
CA CYS B 13 5.05 4.71 -5.78
C CYS B 13 4.95 5.28 -4.32
N PHE B 14 3.73 5.83 -3.95
CA PHE B 14 3.42 6.33 -2.59
C PHE B 14 3.31 5.16 -1.61
N LEU B 15 2.53 4.08 -1.98
CA LEU B 15 2.31 2.88 -1.14
C LEU B 15 3.60 2.12 -0.81
N TRP B 16 4.55 2.02 -1.80
CA TRP B 16 5.89 1.50 -1.56
C TRP B 16 6.75 2.41 -0.61
N HIS B 17 6.61 3.80 -0.64
CA HIS B 17 7.41 4.72 0.23
C HIS B 17 6.82 4.67 1.70
N VAL B 18 5.55 4.25 1.76
CA VAL B 18 4.79 3.99 3.01
C VAL B 18 5.39 2.68 3.65
N ARG B 19 5.71 1.67 2.79
CA ARG B 19 6.35 0.40 3.22
C ARG B 19 7.90 0.59 3.47
N LYS B 20 8.57 1.61 2.78
CA LYS B 20 10.04 1.89 2.98
C LYS B 20 10.32 2.93 4.16
N ARG B 21 9.22 3.55 4.69
CA ARG B 21 9.16 4.46 5.91
C ARG B 21 8.89 3.56 7.13
N PHE B 22 8.37 2.33 6.82
CA PHE B 22 8.16 1.23 7.78
C PHE B 22 9.50 0.40 7.92
N ALA B 23 10.19 0.11 6.76
CA ALA B 23 11.50 -0.61 6.71
C ALA B 23 12.71 0.18 7.36
N ASP B 24 12.81 1.52 7.00
CA ASP B 24 13.92 2.44 7.47
C ASP B 24 13.84 2.88 8.99
N GLN B 25 12.68 2.57 9.65
CA GLN B 25 12.34 2.81 11.09
C GLN B 25 12.43 1.48 11.90
N GLU B 26 12.64 0.29 11.20
CA GLU B 26 12.73 -1.13 11.75
C GLU B 26 11.40 -1.61 12.42
N LEU B 27 10.32 -1.45 11.61
CA LEU B 27 8.93 -1.82 11.94
C LEU B 27 8.52 -3.07 11.15
N GLY B 28 8.03 -4.03 11.95
CA GLY B 28 7.65 -5.37 11.50
C GLY B 28 8.78 -6.34 11.80
N ASP B 29 8.73 -7.60 11.33
CA ASP B 29 9.81 -8.56 11.58
C ASP B 29 10.67 -8.74 10.29
N ALA B 30 11.61 -9.73 10.27
CA ALA B 30 12.49 -10.04 9.11
C ALA B 30 11.78 -10.42 7.74
N PRO B 31 10.57 -11.24 7.64
CA PRO B 31 9.95 -11.60 6.30
C PRO B 31 9.47 -10.38 5.39
N PHE B 32 9.21 -9.18 6.04
CA PHE B 32 8.77 -7.92 5.35
C PHE B 32 9.92 -7.37 4.42
N LEU B 33 11.20 -7.37 4.96
CA LEU B 33 12.48 -7.02 4.23
C LEU B 33 12.76 -7.99 3.01
N ASP B 34 12.45 -9.32 3.20
CA ASP B 34 12.48 -10.41 2.14
C ASP B 34 11.53 -10.08 0.94
N ARG B 35 10.23 -9.76 1.31
CA ARG B 35 9.10 -9.35 0.41
C ARG B 35 9.40 -8.03 -0.35
N LEU B 36 9.96 -7.00 0.38
CA LEU B 36 10.36 -5.68 -0.16
C LEU B 36 11.35 -5.71 -1.32
N ARG B 37 12.49 -6.53 -1.22
CA ARG B 37 13.62 -6.63 -2.22
C ARG B 37 13.21 -7.09 -3.64
N ARG B 38 12.28 -8.13 -3.60
CA ARG B 38 11.73 -8.81 -4.80
C ARG B 38 10.92 -7.80 -5.68
N ASP B 39 10.04 -7.04 -4.94
CA ASP B 39 9.16 -6.04 -5.52
C ASP B 39 9.83 -4.64 -5.69
N GLN B 40 11.01 -4.36 -4.99
CA GLN B 40 11.65 -2.98 -5.11
C GLN B 40 12.18 -2.75 -6.53
N LYS B 41 12.80 -3.83 -7.12
CA LYS B 41 13.39 -3.86 -8.50
C LYS B 41 12.29 -3.88 -9.61
N SER B 42 11.11 -4.47 -9.17
CA SER B 42 9.88 -4.66 -10.00
C SER B 42 9.12 -3.31 -10.20
N LEU B 43 8.98 -2.52 -9.07
CA LEU B 43 8.34 -1.17 -9.02
C LEU B 43 9.15 -0.07 -9.77
N ARG B 44 10.52 -0.10 -9.58
CA ARG B 44 11.54 0.79 -10.23
C ARG B 44 11.77 0.43 -11.73
N GLY B 45 11.77 -0.89 -12.14
CA GLY B 45 11.90 -1.29 -13.57
C GLY B 45 10.64 -0.96 -14.42
N ARG B 46 9.48 -0.86 -13.67
CA ARG B 46 8.16 -0.41 -14.18
C ARG B 46 8.20 1.15 -14.36
N GLY B 47 9.06 1.89 -13.55
CA GLY B 47 9.29 3.35 -13.73
C GLY B 47 9.94 3.73 -15.05
N SER B 48 10.90 2.86 -15.52
CA SER B 48 11.66 2.99 -16.81
C SER B 48 10.72 3.01 -18.08
N THR B 49 9.77 2.00 -18.12
CA THR B 49 8.69 1.79 -19.17
C THR B 49 7.76 3.03 -19.38
N LEU B 50 6.90 3.37 -18.37
CA LEU B 50 5.97 4.57 -18.48
C LEU B 50 6.74 5.94 -18.37
N GLY B 51 8.02 5.88 -17.88
CA GLY B 51 8.98 7.00 -17.82
C GLY B 51 8.74 8.09 -16.79
N LEU B 52 8.54 7.73 -15.49
CA LEU B 52 8.29 8.72 -14.43
C LEU B 52 9.34 8.51 -13.31
N ASP B 53 9.94 9.63 -12.81
CA ASP B 53 10.89 9.57 -11.67
C ASP B 53 10.12 9.23 -10.37
N ILE B 54 10.54 8.09 -9.78
CA ILE B 54 9.96 7.43 -8.57
C ILE B 54 9.86 8.34 -7.27
N GLU B 55 10.93 9.13 -6.92
CA GLU B 55 10.91 10.07 -5.73
C GLU B 55 9.80 11.19 -5.82
N THR B 56 9.63 11.80 -7.04
CA THR B 56 8.60 12.84 -7.34
C THR B 56 7.20 12.18 -7.46
N ALA B 57 7.18 10.89 -7.93
CA ALA B 57 5.96 10.08 -8.03
C ALA B 57 5.45 9.62 -6.61
N THR B 58 6.40 9.44 -5.57
CA THR B 58 5.98 9.12 -4.14
C THR B 58 5.23 10.33 -3.43
N ARG B 59 5.34 11.50 -4.17
CA ARG B 59 4.85 12.85 -3.71
C ARG B 59 3.59 13.30 -4.52
N ALA B 60 3.67 13.01 -5.88
CA ALA B 60 2.59 13.16 -6.88
C ALA B 60 1.41 12.22 -6.51
N GLY B 61 1.69 10.90 -6.18
CA GLY B 61 0.66 10.00 -5.69
C GLY B 61 0.21 10.24 -4.26
N LYS B 62 1.09 10.80 -3.36
CA LYS B 62 0.66 11.28 -1.99
C LYS B 62 -0.64 12.16 -2.05
N GLN B 63 -0.68 13.15 -3.02
CA GLN B 63 -1.84 14.08 -3.27
C GLN B 63 -3.11 13.33 -3.84
N ILE B 64 -2.83 12.30 -4.73
CA ILE B 64 -3.88 11.45 -5.42
C ILE B 64 -4.47 10.29 -4.53
N VAL B 65 -3.95 10.18 -3.27
CA VAL B 65 -4.40 9.21 -2.21
C VAL B 65 -5.22 10.01 -1.15
N GLU B 66 -4.53 11.05 -0.60
CA GLU B 66 -5.08 12.05 0.38
C GLU B 66 -6.41 12.64 -0.22
N ARG B 67 -6.21 13.65 -1.15
CA ARG B 67 -7.31 14.26 -1.97
C ARG B 67 -8.32 13.24 -2.64
N ILE B 68 -7.90 11.97 -3.13
CA ILE B 68 -8.93 11.04 -3.68
C ILE B 68 -9.83 10.34 -2.55
N LEU B 69 -9.36 10.44 -1.25
CA LEU B 69 -10.07 9.86 -0.07
C LEU B 69 -10.85 11.02 0.64
N LYS B 70 -10.92 12.17 -0.09
CA LYS B 70 -11.64 13.39 0.33
C LYS B 70 -12.69 13.74 -0.78
N GLU B 71 -12.40 13.12 -1.95
CA GLU B 71 -13.17 13.24 -3.20
C GLU B 71 -14.56 12.59 -3.02
N GLU B 72 -14.62 11.28 -2.46
CA GLU B 72 -15.90 10.52 -2.12
C GLU B 72 -16.88 10.42 -3.34
N SER B 73 -16.30 10.60 -4.56
CA SER B 73 -17.01 10.76 -5.82
C SER B 73 -16.50 9.80 -6.90
N MET A 1 5.49 -11.45 23.19
CA MET A 1 4.69 -10.59 22.27
C MET A 1 5.44 -10.36 20.93
N ASP A 2 4.77 -10.80 19.83
CA ASP A 2 5.26 -10.65 18.43
C ASP A 2 4.33 -9.65 17.65
N SER A 3 3.99 -8.48 18.28
CA SER A 3 3.00 -7.51 17.72
C SER A 3 3.50 -6.56 16.57
N ASN A 4 4.81 -6.65 16.19
CA ASN A 4 5.39 -5.87 15.04
C ASN A 4 4.99 -6.51 13.68
N THR A 5 4.66 -7.85 13.70
CA THR A 5 4.19 -8.64 12.53
C THR A 5 2.63 -8.49 12.44
N VAL A 6 2.00 -8.09 13.59
CA VAL A 6 0.55 -7.82 13.71
C VAL A 6 0.32 -6.37 13.19
N SER A 7 1.28 -5.42 13.48
CA SER A 7 1.28 -4.02 12.96
C SER A 7 1.48 -3.98 11.41
N SER A 8 2.32 -4.93 10.83
CA SER A 8 2.54 -5.09 9.35
C SER A 8 1.32 -5.79 8.66
N PHE A 9 0.43 -6.42 9.52
CA PHE A 9 -0.84 -7.02 9.06
C PHE A 9 -1.97 -5.92 9.10
N GLN A 10 -1.98 -5.07 10.19
CA GLN A 10 -2.96 -3.94 10.41
C GLN A 10 -2.76 -2.81 9.35
N VAL A 11 -1.46 -2.56 8.99
CA VAL A 11 -1.03 -1.60 7.93
C VAL A 11 -1.38 -2.18 6.52
N ASP A 12 -1.21 -3.54 6.28
CA ASP A 12 -1.64 -4.21 5.03
C ASP A 12 -3.20 -4.24 4.89
N CYS A 13 -3.94 -4.22 6.07
CA CYS A 13 -5.46 -4.13 6.12
C CYS A 13 -5.93 -2.72 5.63
N PHE A 14 -5.14 -1.64 6.03
CA PHE A 14 -5.37 -0.24 5.61
C PHE A 14 -4.97 -0.06 4.14
N LEU A 15 -3.74 -0.55 3.74
CA LEU A 15 -3.20 -0.45 2.37
C LEU A 15 -4.04 -1.24 1.35
N TRP A 16 -4.62 -2.41 1.76
CA TRP A 16 -5.60 -3.15 0.94
C TRP A 16 -6.97 -2.46 0.82
N HIS A 17 -7.38 -1.62 1.81
CA HIS A 17 -8.65 -0.88 1.75
C HIS A 17 -8.43 0.45 0.93
N VAL A 18 -7.13 0.87 0.86
CA VAL A 18 -6.62 2.04 0.07
C VAL A 18 -6.64 1.64 -1.45
N ARG A 19 -6.18 0.36 -1.75
CA ARG A 19 -6.21 -0.24 -3.11
C ARG A 19 -7.67 -0.71 -3.50
N LYS A 20 -8.53 -1.07 -2.46
CA LYS A 20 -9.98 -1.49 -2.63
C LYS A 20 -10.96 -0.24 -2.73
N ARG A 21 -10.44 0.97 -2.38
CA ARG A 21 -11.08 2.33 -2.48
C ARG A 21 -10.74 2.90 -3.88
N PHE A 22 -9.64 2.34 -4.48
CA PHE A 22 -9.15 2.62 -5.85
C PHE A 22 -9.90 1.71 -6.89
N ALA A 23 -9.98 0.34 -6.64
CA ALA A 23 -10.70 -0.64 -7.52
C ALA A 23 -12.25 -0.44 -7.59
N ASP A 24 -12.88 -0.15 -6.40
CA ASP A 24 -14.36 0.12 -6.23
C ASP A 24 -14.86 1.49 -6.83
N GLN A 25 -13.88 2.31 -7.31
CA GLN A 25 -14.01 3.62 -8.00
C GLN A 25 -13.69 3.49 -9.52
N GLU A 26 -13.11 2.31 -9.96
CA GLU A 26 -12.65 1.96 -11.36
C GLU A 26 -11.43 2.82 -11.84
N LEU A 27 -10.51 3.01 -10.86
CA LEU A 27 -9.22 3.74 -11.01
C LEU A 27 -8.13 2.73 -11.42
N GLY A 28 -7.58 3.02 -12.61
CA GLY A 28 -6.62 2.16 -13.30
C GLY A 28 -7.34 1.47 -14.45
N ASP A 29 -6.75 0.41 -15.07
CA ASP A 29 -7.45 -0.33 -16.14
C ASP A 29 -8.06 -1.63 -15.53
N ALA A 30 -8.73 -2.49 -16.37
CA ALA A 30 -9.36 -3.78 -15.94
C ALA A 30 -8.43 -4.84 -15.19
N PRO A 31 -7.02 -5.05 -15.52
CA PRO A 31 -6.16 -6.04 -14.78
C PRO A 31 -6.02 -5.84 -13.21
N PHE A 32 -6.40 -4.61 -12.70
CA PHE A 32 -6.39 -4.28 -11.23
C PHE A 32 -7.45 -5.14 -10.46
N LEU A 33 -8.68 -5.33 -11.07
CA LEU A 33 -9.79 -6.25 -10.61
C LEU A 33 -9.35 -7.76 -10.63
N ASP A 34 -8.53 -8.15 -11.67
CA ASP A 34 -7.86 -9.52 -11.79
C ASP A 34 -6.89 -9.80 -10.58
N ARG A 35 -5.99 -8.76 -10.32
CA ARG A 35 -4.98 -8.69 -9.21
C ARG A 35 -5.69 -8.68 -7.84
N LEU A 36 -6.80 -7.87 -7.71
CA LEU A 36 -7.68 -7.76 -6.53
C LEU A 36 -8.32 -9.04 -6.03
N ARG A 37 -8.86 -9.93 -6.95
CA ARG A 37 -9.55 -11.19 -6.59
C ARG A 37 -8.66 -12.17 -5.80
N ARG A 38 -7.39 -12.44 -6.33
CA ARG A 38 -6.43 -13.38 -5.68
C ARG A 38 -5.99 -13.00 -4.24
N ASP A 39 -5.57 -11.68 -4.09
CA ASP A 39 -5.03 -11.14 -2.83
C ASP A 39 -6.11 -10.77 -1.79
N GLN A 40 -7.42 -10.57 -2.25
CA GLN A 40 -8.49 -10.20 -1.30
C GLN A 40 -8.82 -11.36 -0.33
N LYS A 41 -8.84 -12.63 -0.88
CA LYS A 41 -9.08 -13.93 -0.16
C LYS A 41 -7.86 -14.35 0.73
N SER A 42 -6.66 -13.80 0.28
CA SER A 42 -5.31 -13.99 0.87
C SER A 42 -5.14 -13.09 2.14
N LEU A 43 -5.57 -11.77 2.04
CA LEU A 43 -5.56 -10.78 3.14
C LEU A 43 -6.56 -11.15 4.29
N ARG A 44 -7.80 -11.60 3.89
CA ARG A 44 -8.90 -12.06 4.79
C ARG A 44 -8.59 -13.45 5.42
N GLY A 45 -7.94 -14.42 4.67
CA GLY A 45 -7.50 -15.74 5.23
C GLY A 45 -6.30 -15.65 6.20
N ARG A 46 -5.48 -14.56 5.99
CA ARG A 46 -4.37 -14.15 6.88
C ARG A 46 -5.00 -13.48 8.15
N GLY A 47 -6.26 -12.89 8.03
CA GLY A 47 -7.03 -12.37 9.18
C GLY A 47 -7.48 -13.43 10.18
N SER A 48 -7.87 -14.63 9.64
CA SER A 48 -8.33 -15.84 10.40
C SER A 48 -7.23 -16.40 11.37
N THR A 49 -5.96 -16.55 10.82
CA THR A 49 -4.71 -17.00 11.54
C THR A 49 -4.33 -16.10 12.79
N LEU A 50 -4.14 -14.76 12.58
CA LEU A 50 -3.83 -13.86 13.74
C LEU A 50 -5.09 -13.43 14.57
N GLY A 51 -6.30 -13.72 13.99
CA GLY A 51 -7.61 -13.53 14.63
C GLY A 51 -8.07 -12.10 14.80
N LEU A 52 -7.92 -11.23 13.76
CA LEU A 52 -8.29 -9.81 13.87
C LEU A 52 -9.33 -9.48 12.78
N ASP A 53 -10.40 -8.74 13.15
CA ASP A 53 -11.42 -8.26 12.17
C ASP A 53 -10.80 -7.17 11.27
N ILE A 54 -10.77 -7.50 9.95
CA ILE A 54 -10.20 -6.66 8.83
C ILE A 54 -10.79 -5.18 8.74
N GLU A 55 -12.12 -4.96 8.97
CA GLU A 55 -12.73 -3.57 9.01
C GLU A 55 -12.17 -2.71 10.21
N THR A 56 -12.10 -3.35 11.44
CA THR A 56 -11.55 -2.71 12.69
C THR A 56 -9.98 -2.58 12.64
N ALA A 57 -9.29 -3.63 12.07
CA ALA A 57 -7.80 -3.66 11.88
C ALA A 57 -7.33 -2.56 10.89
N THR A 58 -8.14 -2.30 9.79
CA THR A 58 -7.87 -1.22 8.80
C THR A 58 -7.70 0.18 9.50
N ARG A 59 -8.76 0.51 10.35
CA ARG A 59 -8.88 1.75 11.21
C ARG A 59 -7.72 1.89 12.27
N ALA A 60 -7.39 0.70 12.89
CA ALA A 60 -6.24 0.48 13.84
C ALA A 60 -4.87 0.75 13.13
N GLY A 61 -4.61 0.12 11.92
CA GLY A 61 -3.37 0.40 11.16
C GLY A 61 -3.37 1.74 10.44
N LYS A 62 -4.58 2.32 10.09
CA LYS A 62 -4.73 3.73 9.59
C LYS A 62 -3.94 4.73 10.50
N GLN A 63 -4.12 4.58 11.87
CA GLN A 63 -3.44 5.41 12.93
C GLN A 63 -1.90 5.15 12.93
N ILE A 64 -1.54 3.87 12.61
CA ILE A 64 -0.11 3.39 12.50
C ILE A 64 0.57 3.86 11.14
N VAL A 65 -0.24 4.26 10.12
CA VAL A 65 0.29 4.76 8.79
C VAL A 65 0.44 6.32 8.88
N GLU A 66 -0.75 6.95 9.11
CA GLU A 66 -0.95 8.42 9.27
C GLU A 66 0.01 8.98 10.38
N ARG A 67 -0.32 8.64 11.69
CA ARG A 67 0.59 8.98 12.84
C ARG A 67 2.09 8.54 12.74
N ILE A 68 2.48 7.29 12.20
CA ILE A 68 3.95 6.87 12.11
C ILE A 68 4.84 7.75 11.13
N LEU A 69 4.18 8.50 10.19
CA LEU A 69 4.92 9.36 9.19
C LEU A 69 5.15 10.80 9.80
N LYS A 70 4.17 11.28 10.65
CA LYS A 70 4.24 12.60 11.40
C LYS A 70 5.14 12.50 12.72
N GLU A 71 5.37 11.20 13.04
CA GLU A 71 6.16 10.59 14.17
C GLU A 71 7.67 10.30 13.81
N GLU A 72 8.14 10.92 12.69
CA GLU A 72 9.50 10.66 12.13
C GLU A 72 10.55 11.71 12.57
N SER A 73 10.06 12.85 13.18
CA SER A 73 10.90 13.97 13.65
C SER A 73 10.84 14.12 15.18
N MET B 1 -4.81 9.04 -24.32
CA MET B 1 -4.28 9.14 -22.93
C MET B 1 -4.76 7.95 -22.06
N ASP B 2 -3.74 7.19 -21.55
CA ASP B 2 -3.94 6.01 -20.66
C ASP B 2 -3.40 6.34 -19.24
N SER B 3 -3.73 7.57 -18.69
CA SER B 3 -3.16 8.07 -17.41
C SER B 3 -3.76 7.49 -16.10
N ASN B 4 -4.80 6.60 -16.19
CA ASN B 4 -5.40 5.91 -15.00
C ASN B 4 -4.49 4.73 -14.53
N THR B 5 -3.64 4.20 -15.48
CA THR B 5 -2.64 3.12 -15.25
C THR B 5 -1.31 3.80 -14.75
N VAL B 6 -1.16 5.12 -15.05
CA VAL B 6 -0.02 5.96 -14.64
C VAL B 6 -0.32 6.41 -13.16
N SER B 7 -1.64 6.71 -12.84
CA SER B 7 -2.12 7.06 -11.46
C SER B 7 -2.00 5.83 -10.51
N SER B 8 -2.21 4.54 -11.03
CA SER B 8 -2.03 3.26 -10.25
C SER B 8 -0.51 2.89 -10.10
N PHE B 9 0.37 3.63 -10.87
CA PHE B 9 1.83 3.51 -10.78
C PHE B 9 2.35 4.59 -9.76
N GLN B 10 1.77 5.84 -9.81
CA GLN B 10 2.11 7.00 -8.91
C GLN B 10 1.68 6.71 -7.44
N VAL B 11 0.50 6.02 -7.29
CA VAL B 11 -0.07 5.54 -6.00
C VAL B 11 0.78 4.34 -5.48
N ASP B 12 1.24 3.38 -6.36
CA ASP B 12 2.18 2.28 -5.98
C ASP B 12 3.60 2.84 -5.59
N CYS B 13 4.00 4.04 -6.17
CA CYS B 13 5.28 4.75 -5.81
C CYS B 13 5.20 5.32 -4.36
N PHE B 14 3.97 5.84 -3.97
CA PHE B 14 3.66 6.34 -2.62
C PHE B 14 3.54 5.18 -1.62
N LEU B 15 2.74 4.10 -2.00
CA LEU B 15 2.52 2.91 -1.16
C LEU B 15 3.81 2.10 -0.93
N TRP B 16 4.73 2.03 -1.95
CA TRP B 16 6.07 1.47 -1.76
C TRP B 16 7.01 2.32 -0.89
N HIS B 17 6.80 3.66 -0.82
CA HIS B 17 7.62 4.53 0.04
C HIS B 17 7.04 4.52 1.50
N VAL B 18 5.74 4.14 1.59
CA VAL B 18 4.96 3.94 2.86
C VAL B 18 5.46 2.60 3.52
N ARG B 19 5.65 1.53 2.68
CA ARG B 19 6.22 0.23 3.09
C ARG B 19 7.79 0.30 3.28
N LYS B 20 8.48 1.27 2.54
CA LYS B 20 9.98 1.53 2.65
C LYS B 20 10.34 2.55 3.81
N ARG B 21 9.29 3.14 4.43
CA ARG B 21 9.29 4.04 5.63
C ARG B 21 9.02 3.15 6.87
N PHE B 22 8.42 1.95 6.60
CA PHE B 22 8.16 0.88 7.57
C PHE B 22 9.43 -0.05 7.70
N ALA B 23 10.02 -0.53 6.55
CA ALA B 23 11.26 -1.38 6.51
C ALA B 23 12.56 -0.66 7.04
N ASP B 24 12.72 0.66 6.62
CA ASP B 24 13.89 1.54 7.03
C ASP B 24 13.87 2.01 8.53
N GLN B 25 12.77 1.63 9.25
CA GLN B 25 12.48 1.87 10.69
C GLN B 25 12.57 0.52 11.50
N GLU B 26 12.64 -0.67 10.76
CA GLU B 26 12.68 -2.08 11.30
C GLU B 26 11.35 -2.51 11.99
N LEU B 27 10.24 -2.08 11.31
CA LEU B 27 8.83 -2.35 11.69
C LEU B 27 8.38 -3.64 10.97
N GLY B 28 8.01 -4.61 11.82
CA GLY B 28 7.68 -5.98 11.42
C GLY B 28 8.84 -6.89 11.78
N ASP B 29 8.90 -8.13 11.27
CA ASP B 29 10.05 -9.02 11.54
C ASP B 29 11.02 -8.98 10.31
N ALA B 30 12.14 -9.77 10.34
CA ALA B 30 13.15 -9.83 9.25
C ALA B 30 12.62 -10.22 7.79
N PRO B 31 11.55 -11.16 7.55
CA PRO B 31 11.05 -11.50 6.15
C PRO B 31 10.50 -10.29 5.28
N PHE B 32 10.24 -9.09 5.95
CA PHE B 32 9.77 -7.85 5.26
C PHE B 32 10.92 -7.27 4.35
N LEU B 33 12.21 -7.30 4.87
CA LEU B 33 13.48 -6.96 4.11
C LEU B 33 13.73 -7.94 2.90
N ASP B 34 13.39 -9.27 3.11
CA ASP B 34 13.39 -10.35 2.02
C ASP B 34 12.41 -10.00 0.85
N ARG B 35 11.12 -9.66 1.28
CA ARG B 35 9.98 -9.21 0.41
C ARG B 35 10.31 -7.88 -0.31
N LEU B 36 10.93 -6.90 0.45
CA LEU B 36 11.40 -5.60 -0.03
C LEU B 36 12.41 -5.61 -1.18
N ARG B 37 13.45 -6.52 -1.14
CA ARG B 37 14.53 -6.62 -2.16
C ARG B 37 13.98 -6.91 -3.59
N ARG B 38 13.09 -7.99 -3.71
CA ARG B 38 12.50 -8.40 -5.02
C ARG B 38 11.66 -7.31 -5.73
N ASP B 39 10.70 -6.70 -4.94
CA ASP B 39 9.73 -5.70 -5.45
C ASP B 39 10.32 -4.29 -5.60
N GLN B 40 11.47 -3.96 -4.89
CA GLN B 40 12.06 -2.61 -4.99
C GLN B 40 12.64 -2.35 -6.42
N LYS B 41 13.32 -3.41 -7.00
CA LYS B 41 13.93 -3.43 -8.38
C LYS B 41 12.83 -3.51 -9.51
N SER B 42 11.65 -4.07 -9.06
CA SER B 42 10.41 -4.29 -9.86
C SER B 42 9.63 -2.97 -10.03
N LEU B 43 9.47 -2.17 -8.90
CA LEU B 43 8.81 -0.85 -8.87
C LEU B 43 9.60 0.24 -9.65
N ARG B 44 10.98 0.24 -9.47
CA ARG B 44 11.96 1.13 -10.15
C ARG B 44 12.13 0.76 -11.66
N GLY B 45 12.14 -0.58 -12.05
CA GLY B 45 12.19 -1.03 -13.47
C GLY B 45 10.89 -0.76 -14.27
N ARG B 46 9.75 -0.71 -13.49
CA ARG B 46 8.40 -0.29 -13.98
C ARG B 46 8.42 1.25 -14.16
N GLY B 47 9.31 2.00 -13.39
CA GLY B 47 9.54 3.47 -13.58
C GLY B 47 10.17 3.85 -14.91
N SER B 48 11.15 2.99 -15.37
CA SER B 48 11.91 3.11 -16.66
C SER B 48 10.98 3.10 -17.92
N THR B 49 10.04 2.08 -17.94
CA THR B 49 8.95 1.85 -18.96
C THR B 49 8.04 3.12 -19.17
N LEU B 50 7.23 3.51 -18.14
CA LEU B 50 6.35 4.72 -18.26
C LEU B 50 7.12 6.08 -18.18
N GLY B 51 8.42 6.02 -17.77
CA GLY B 51 9.37 7.15 -17.77
C GLY B 51 9.16 8.21 -16.71
N LEU B 52 8.86 7.83 -15.43
CA LEU B 52 8.57 8.79 -14.37
C LEU B 52 9.58 8.60 -13.21
N ASP B 53 10.13 9.72 -12.67
CA ASP B 53 11.03 9.66 -11.49
C ASP B 53 10.21 9.29 -10.23
N ILE B 54 10.59 8.13 -9.65
CA ILE B 54 9.98 7.49 -8.42
C ILE B 54 9.88 8.44 -7.15
N GLU B 55 10.93 9.27 -6.85
CA GLU B 55 10.85 10.28 -5.71
C GLU B 55 9.75 11.39 -5.95
N THR B 56 9.71 11.94 -7.22
CA THR B 56 8.69 12.96 -7.65
C THR B 56 7.26 12.33 -7.86
N ALA B 57 7.21 11.06 -8.41
CA ALA B 57 5.95 10.29 -8.62
C ALA B 57 5.27 9.92 -7.28
N THR B 58 6.12 9.57 -6.22
CA THR B 58 5.62 9.28 -4.83
C THR B 58 4.73 10.46 -4.28
N ARG B 59 5.36 11.70 -4.36
CA ARG B 59 4.75 13.03 -3.95
C ARG B 59 3.45 13.40 -4.76
N ALA B 60 3.53 13.10 -6.10
CA ALA B 60 2.42 13.21 -7.11
C ALA B 60 1.25 12.24 -6.75
N GLY B 61 1.52 10.91 -6.50
CA GLY B 61 0.48 9.96 -6.05
C GLY B 61 0.05 10.12 -4.60
N LYS B 62 0.95 10.67 -3.71
CA LYS B 62 0.58 11.09 -2.31
C LYS B 62 -0.72 11.95 -2.31
N GLN B 63 -0.79 12.97 -3.25
CA GLN B 63 -1.95 13.88 -3.45
C GLN B 63 -3.20 13.08 -3.95
N ILE B 64 -2.91 12.03 -4.78
CA ILE B 64 -3.95 11.11 -5.37
C ILE B 64 -4.43 9.99 -4.32
N VAL B 65 -3.78 9.88 -3.13
CA VAL B 65 -4.14 8.90 -2.04
C VAL B 65 -4.91 9.70 -0.94
N GLU B 66 -4.16 10.71 -0.41
CA GLU B 66 -4.63 11.69 0.61
C GLU B 66 -5.96 12.34 0.09
N ARG B 67 -5.82 13.34 -0.86
CA ARG B 67 -6.99 13.96 -1.55
C ARG B 67 -8.08 13.00 -2.15
N ILE B 68 -7.76 11.79 -2.81
CA ILE B 68 -8.88 10.90 -3.38
C ILE B 68 -9.82 10.21 -2.30
N LEU B 69 -9.43 10.26 -0.99
CA LEU B 69 -10.22 9.64 0.12
C LEU B 69 -11.15 10.73 0.78
N LYS B 70 -10.67 12.02 0.78
CA LYS B 70 -11.43 13.23 1.29
C LYS B 70 -12.47 13.80 0.18
N GLU B 71 -12.18 13.26 -1.03
CA GLU B 71 -12.86 13.46 -2.36
C GLU B 71 -14.00 12.42 -2.66
N GLU B 72 -14.46 11.70 -1.59
CA GLU B 72 -15.43 10.57 -1.72
C GLU B 72 -16.91 11.00 -1.44
N SER B 73 -17.09 12.24 -0.86
CA SER B 73 -18.41 12.81 -0.51
C SER B 73 -18.76 14.05 -1.35
N MET A 1 5.92 -13.41 15.63
CA MET A 1 4.46 -13.39 15.30
C MET A 1 3.62 -12.67 16.41
N ASP A 2 4.34 -11.86 17.25
CA ASP A 2 3.76 -11.08 18.39
C ASP A 2 4.15 -9.57 18.34
N SER A 3 3.14 -8.63 18.28
CA SER A 3 3.28 -7.11 18.32
C SER A 3 3.83 -6.43 17.01
N ASN A 4 5.08 -6.77 16.53
CA ASN A 4 5.66 -6.14 15.29
C ASN A 4 5.14 -6.81 13.97
N THR A 5 4.71 -8.09 14.06
CA THR A 5 4.13 -8.88 12.92
C THR A 5 2.58 -8.62 12.85
N VAL A 6 2.06 -8.05 13.97
CA VAL A 6 0.63 -7.68 14.13
C VAL A 6 0.50 -6.23 13.55
N SER A 7 1.55 -5.35 13.76
CA SER A 7 1.64 -3.98 13.18
C SER A 7 1.83 -4.01 11.63
N SER A 8 2.55 -5.06 11.06
CA SER A 8 2.71 -5.30 9.59
C SER A 8 1.43 -5.90 8.95
N PHE A 9 0.51 -6.45 9.83
CA PHE A 9 -0.78 -6.97 9.37
C PHE A 9 -1.85 -5.82 9.39
N GLN A 10 -1.85 -4.97 10.48
CA GLN A 10 -2.80 -3.81 10.69
C GLN A 10 -2.57 -2.68 9.65
N VAL A 11 -1.27 -2.41 9.30
CA VAL A 11 -0.87 -1.42 8.25
C VAL A 11 -1.19 -1.96 6.83
N ASP A 12 -0.99 -3.30 6.55
CA ASP A 12 -1.41 -3.94 5.27
C ASP A 12 -2.96 -3.98 5.10
N CYS A 13 -3.73 -4.01 6.27
CA CYS A 13 -5.23 -3.93 6.29
C CYS A 13 -5.70 -2.52 5.81
N PHE A 14 -4.92 -1.45 6.24
CA PHE A 14 -5.13 -0.03 5.84
C PHE A 14 -4.74 0.16 4.36
N LEU A 15 -3.51 -0.31 3.94
CA LEU A 15 -3.00 -0.18 2.56
C LEU A 15 -3.84 -0.94 1.52
N TRP A 16 -4.35 -2.16 1.85
CA TRP A 16 -5.28 -2.89 0.98
C TRP A 16 -6.71 -2.22 0.88
N HIS A 17 -7.19 -1.49 1.95
CA HIS A 17 -8.53 -0.78 1.92
C HIS A 17 -8.37 0.58 1.15
N VAL A 18 -7.08 1.04 1.08
CA VAL A 18 -6.63 2.23 0.31
C VAL A 18 -6.71 1.84 -1.22
N ARG A 19 -6.29 0.56 -1.54
CA ARG A 19 -6.38 -0.05 -2.91
C ARG A 19 -7.85 -0.44 -3.30
N LYS A 20 -8.74 -0.76 -2.27
CA LYS A 20 -10.19 -1.11 -2.52
C LYS A 20 -11.15 0.15 -2.58
N ARG A 21 -10.58 1.32 -2.15
CA ARG A 21 -11.17 2.71 -2.19
C ARG A 21 -10.79 3.30 -3.57
N PHE A 22 -9.73 2.68 -4.18
CA PHE A 22 -9.24 2.95 -5.56
C PHE A 22 -10.02 2.07 -6.61
N ALA A 23 -10.14 0.73 -6.35
CA ALA A 23 -10.88 -0.25 -7.23
C ALA A 23 -12.43 -0.01 -7.31
N ASP A 24 -13.06 0.28 -6.11
CA ASP A 24 -14.55 0.57 -5.97
C ASP A 24 -14.99 1.95 -6.56
N GLN A 25 -13.99 2.77 -6.99
CA GLN A 25 -14.06 4.10 -7.66
C GLN A 25 -13.75 3.97 -9.18
N GLU A 26 -13.26 2.75 -9.63
CA GLU A 26 -12.86 2.37 -11.05
C GLU A 26 -11.64 3.19 -11.57
N LEU A 27 -10.59 3.17 -10.70
CA LEU A 27 -9.28 3.85 -10.88
C LEU A 27 -8.22 2.82 -11.31
N GLY A 28 -7.62 3.13 -12.48
CA GLY A 28 -6.65 2.27 -13.15
C GLY A 28 -7.35 1.54 -14.28
N ASP A 29 -6.74 0.50 -14.88
CA ASP A 29 -7.40 -0.28 -15.95
C ASP A 29 -7.91 -1.62 -15.35
N ALA A 30 -8.39 -2.55 -16.23
CA ALA A 30 -8.89 -3.91 -15.84
C ALA A 30 -7.88 -4.85 -15.04
N PRO A 31 -6.45 -4.91 -15.30
CA PRO A 31 -5.54 -5.84 -14.52
C PRO A 31 -5.44 -5.61 -12.96
N PHE A 32 -5.85 -4.37 -12.47
CA PHE A 32 -5.85 -4.01 -11.01
C PHE A 32 -6.93 -4.82 -10.20
N LEU A 33 -8.07 -5.20 -10.90
CA LEU A 33 -9.20 -6.04 -10.40
C LEU A 33 -8.77 -7.56 -10.40
N ASP A 34 -7.92 -7.96 -11.43
CA ASP A 34 -7.25 -9.32 -11.54
C ASP A 34 -6.32 -9.61 -10.31
N ARG A 35 -5.42 -8.58 -10.03
CA ARG A 35 -4.44 -8.53 -8.90
C ARG A 35 -5.15 -8.52 -7.53
N LEU A 36 -6.27 -7.71 -7.39
CA LEU A 36 -7.13 -7.60 -6.20
C LEU A 36 -7.76 -8.93 -5.69
N ARG A 37 -8.31 -9.80 -6.61
CA ARG A 37 -8.99 -11.11 -6.29
C ARG A 37 -8.08 -12.16 -5.61
N ARG A 38 -6.82 -12.23 -6.18
CA ARG A 38 -5.77 -13.21 -5.80
C ARG A 38 -5.28 -12.99 -4.32
N ASP A 39 -4.91 -11.69 -4.06
CA ASP A 39 -4.41 -11.21 -2.77
C ASP A 39 -5.53 -10.88 -1.74
N GLN A 40 -6.86 -10.74 -2.18
CA GLN A 40 -7.94 -10.45 -1.17
C GLN A 40 -8.17 -11.64 -0.22
N LYS A 41 -8.11 -12.89 -0.82
CA LYS A 41 -8.31 -14.19 -0.10
C LYS A 41 -7.08 -14.54 0.79
N SER A 42 -5.92 -13.90 0.36
CA SER A 42 -4.59 -14.03 1.01
C SER A 42 -4.50 -13.11 2.27
N LEU A 43 -4.98 -11.79 2.14
CA LEU A 43 -5.03 -10.79 3.23
C LEU A 43 -6.04 -11.15 4.36
N ARG A 44 -7.28 -11.58 3.94
CA ARG A 44 -8.41 -12.05 4.81
C ARG A 44 -8.12 -13.44 5.43
N GLY A 45 -7.47 -14.42 4.69
CA GLY A 45 -7.08 -15.75 5.25
C GLY A 45 -5.95 -15.65 6.30
N ARG A 46 -5.11 -14.57 6.13
CA ARG A 46 -4.05 -14.15 7.08
C ARG A 46 -4.71 -13.49 8.33
N GLY A 47 -5.96 -12.87 8.18
CA GLY A 47 -6.75 -12.36 9.32
C GLY A 47 -7.23 -13.40 10.31
N SER A 48 -7.62 -14.60 9.74
CA SER A 48 -8.09 -15.81 10.49
C SER A 48 -7.03 -16.37 11.50
N THR A 49 -5.74 -16.52 10.97
CA THR A 49 -4.50 -16.98 11.72
C THR A 49 -4.15 -16.08 12.97
N LEU A 50 -3.98 -14.73 12.76
CA LEU A 50 -3.70 -13.83 13.92
C LEU A 50 -4.99 -13.41 14.70
N GLY A 51 -6.17 -13.68 14.09
CA GLY A 51 -7.51 -13.49 14.69
C GLY A 51 -7.97 -12.05 14.86
N LEU A 52 -7.79 -11.17 13.85
CA LEU A 52 -8.15 -9.75 13.96
C LEU A 52 -9.18 -9.41 12.86
N ASP A 53 -10.25 -8.67 13.22
CA ASP A 53 -11.26 -8.19 12.23
C ASP A 53 -10.62 -7.09 11.34
N ILE A 54 -10.60 -7.40 10.02
CA ILE A 54 -10.01 -6.58 8.90
C ILE A 54 -10.56 -5.08 8.81
N GLU A 55 -11.89 -4.85 9.00
CA GLU A 55 -12.52 -3.47 9.02
C GLU A 55 -11.99 -2.58 10.22
N THR A 56 -11.94 -3.19 11.46
CA THR A 56 -11.42 -2.55 12.71
C THR A 56 -9.85 -2.42 12.72
N ALA A 57 -9.14 -3.47 12.16
CA ALA A 57 -7.65 -3.49 12.02
C ALA A 57 -7.14 -2.41 11.04
N THR A 58 -7.93 -2.13 9.93
CA THR A 58 -7.63 -1.05 8.94
C THR A 58 -7.47 0.37 9.64
N ARG A 59 -8.56 0.69 10.43
CA ARG A 59 -8.71 1.95 11.27
C ARG A 59 -7.57 2.09 12.34
N ALA A 60 -7.24 0.90 12.96
CA ALA A 60 -6.12 0.67 13.92
C ALA A 60 -4.73 0.97 13.26
N GLY A 61 -4.43 0.37 12.04
CA GLY A 61 -3.17 0.69 11.31
C GLY A 61 -3.14 2.06 10.63
N LYS A 62 -4.35 2.64 10.27
CA LYS A 62 -4.47 4.07 9.80
C LYS A 62 -3.71 5.06 10.75
N GLN A 63 -3.93 4.89 12.11
CA GLN A 63 -3.29 5.68 13.20
C GLN A 63 -1.75 5.41 13.27
N ILE A 64 -1.38 4.11 12.97
CA ILE A 64 0.03 3.61 12.95
C ILE A 64 0.80 4.13 11.65
N VAL A 65 0.07 4.61 10.60
CA VAL A 65 0.71 5.17 9.34
C VAL A 65 0.93 6.72 9.53
N GLU A 66 -0.25 7.36 9.87
CA GLU A 66 -0.39 8.82 10.12
C GLU A 66 0.59 9.29 11.25
N ARG A 67 0.24 8.89 12.54
CA ARG A 67 1.13 9.15 13.75
C ARG A 67 2.63 8.70 13.66
N ILE A 68 3.02 7.55 12.97
CA ILE A 68 4.49 7.19 12.86
C ILE A 68 5.30 8.15 11.92
N LEU A 69 4.59 8.94 11.03
CA LEU A 69 5.30 9.85 10.08
C LEU A 69 5.52 11.28 10.71
N LYS A 70 4.59 11.67 11.64
CA LYS A 70 4.66 12.97 12.43
C LYS A 70 5.63 12.85 13.69
N GLU A 71 5.97 11.55 13.95
CA GLU A 71 6.92 11.11 15.04
C GLU A 71 8.28 10.57 14.51
N GLU A 72 8.37 9.79 13.40
CA GLU A 72 9.69 9.42 12.76
C GLU A 72 9.48 9.47 11.23
N SER A 73 10.13 10.38 10.44
CA SER A 73 9.83 10.45 8.98
C SER A 73 10.97 9.89 8.12
N MET B 1 -2.78 2.22 -21.10
CA MET B 1 -1.44 2.61 -20.57
C MET B 1 -1.24 4.16 -20.57
N ASP B 2 -2.40 4.90 -20.65
CA ASP B 2 -2.44 6.39 -20.66
C ASP B 2 -3.43 6.98 -19.60
N SER B 3 -2.91 7.86 -18.65
CA SER B 3 -3.69 8.61 -17.57
C SER B 3 -4.19 7.75 -16.36
N ASN B 4 -5.05 6.68 -16.57
CA ASN B 4 -5.56 5.83 -15.44
C ASN B 4 -4.56 4.73 -14.99
N THR B 5 -3.63 4.32 -15.91
CA THR B 5 -2.56 3.30 -15.66
C THR B 5 -1.28 4.05 -15.11
N VAL B 6 -1.31 5.40 -15.27
CA VAL B 6 -0.25 6.30 -14.80
C VAL B 6 -0.62 6.69 -13.32
N SER B 7 -1.97 6.85 -13.03
CA SER B 7 -2.51 7.08 -11.65
C SER B 7 -2.33 5.82 -10.74
N SER B 8 -2.41 4.55 -11.32
CA SER B 8 -2.14 3.27 -10.58
C SER B 8 -0.62 3.02 -10.38
N PHE B 9 0.23 3.80 -11.12
CA PHE B 9 1.70 3.73 -10.96
C PHE B 9 2.15 4.79 -9.90
N GLN B 10 1.56 6.05 -9.96
CA GLN B 10 1.86 7.20 -9.03
C GLN B 10 1.40 6.91 -7.57
N VAL B 11 0.21 6.24 -7.41
CA VAL B 11 -0.36 5.79 -6.10
C VAL B 11 0.46 4.59 -5.54
N ASP B 12 0.91 3.61 -6.41
CA ASP B 12 1.81 2.49 -5.99
C ASP B 12 3.23 3.01 -5.59
N CYS B 13 3.68 4.19 -6.19
CA CYS B 13 4.96 4.88 -5.83
C CYS B 13 4.88 5.45 -4.37
N PHE B 14 3.65 6.00 -4.01
CA PHE B 14 3.32 6.52 -2.66
C PHE B 14 3.20 5.35 -1.65
N LEU B 15 2.41 4.27 -2.00
CA LEU B 15 2.18 3.09 -1.14
C LEU B 15 3.45 2.28 -0.86
N TRP B 16 4.36 2.12 -1.89
CA TRP B 16 5.67 1.48 -1.68
C TRP B 16 6.66 2.36 -0.82
N HIS B 17 6.56 3.74 -0.84
CA HIS B 17 7.44 4.64 -0.03
C HIS B 17 6.89 4.70 1.45
N VAL B 18 5.58 4.36 1.57
CA VAL B 18 4.83 4.21 2.85
C VAL B 18 5.39 2.89 3.54
N ARG B 19 5.63 1.83 2.69
CA ARG B 19 6.24 0.54 3.13
C ARG B 19 7.80 0.67 3.39
N LYS B 20 8.51 1.66 2.70
CA LYS B 20 9.98 1.90 2.89
C LYS B 20 10.30 2.95 4.04
N ARG B 21 9.22 3.56 4.58
CA ARG B 21 9.14 4.49 5.76
C ARG B 21 8.83 3.62 6.99
N PHE B 22 8.31 2.39 6.69
CA PHE B 22 8.04 1.30 7.65
C PHE B 22 9.33 0.38 7.82
N ALA B 23 9.94 -0.06 6.68
CA ALA B 23 11.19 -0.90 6.67
C ALA B 23 12.48 -0.19 7.21
N ASP B 24 12.65 1.14 6.81
CA ASP B 24 13.82 2.01 7.24
C ASP B 24 13.74 2.48 8.74
N GLN B 25 12.61 2.15 9.41
CA GLN B 25 12.25 2.37 10.83
C GLN B 25 12.34 1.04 11.64
N GLU B 26 12.53 -0.13 10.92
CA GLU B 26 12.63 -1.55 11.45
C GLU B 26 11.31 -2.03 12.13
N LEU B 27 10.21 -1.84 11.34
CA LEU B 27 8.81 -2.18 11.70
C LEU B 27 8.40 -3.48 10.99
N GLY B 28 7.97 -4.44 11.83
CA GLY B 28 7.63 -5.81 11.41
C GLY B 28 8.80 -6.72 11.73
N ASP B 29 8.82 -7.97 11.21
CA ASP B 29 9.96 -8.88 11.44
C ASP B 29 10.85 -8.92 10.17
N ALA B 30 11.86 -9.84 10.13
CA ALA B 30 12.78 -10.03 8.98
C ALA B 30 12.12 -10.35 7.57
N PRO B 31 10.93 -11.18 7.38
CA PRO B 31 10.37 -11.47 6.01
C PRO B 31 9.86 -10.22 5.16
N PHE B 32 9.60 -9.05 5.87
CA PHE B 32 9.14 -7.78 5.22
C PHE B 32 10.27 -7.13 4.32
N LEU B 33 11.58 -7.36 4.72
CA LEU B 33 12.83 -6.96 4.01
C LEU B 33 13.08 -7.92 2.80
N ASP B 34 12.73 -9.24 2.97
CA ASP B 34 12.73 -10.32 1.89
C ASP B 34 11.77 -9.95 0.70
N ARG B 35 10.49 -9.58 1.10
CA ARG B 35 9.37 -9.13 0.22
C ARG B 35 9.71 -7.80 -0.50
N LEU B 36 10.32 -6.81 0.26
CA LEU B 36 10.80 -5.51 -0.24
C LEU B 36 11.80 -5.54 -1.43
N ARG B 37 12.85 -6.45 -1.39
CA ARG B 37 13.94 -6.59 -2.41
C ARG B 37 13.44 -7.01 -3.83
N ARG B 38 12.47 -8.01 -3.77
CA ARG B 38 11.88 -8.67 -4.97
C ARG B 38 11.05 -7.67 -5.84
N ASP B 39 10.12 -6.95 -5.10
CA ASP B 39 9.21 -5.96 -5.67
C ASP B 39 9.84 -4.54 -5.83
N GLN B 40 11.05 -4.25 -5.19
CA GLN B 40 11.67 -2.89 -5.39
C GLN B 40 12.18 -2.69 -6.82
N LYS B 41 12.77 -3.81 -7.40
CA LYS B 41 13.35 -3.86 -8.78
C LYS B 41 12.23 -3.90 -9.85
N SER B 42 11.02 -4.37 -9.35
CA SER B 42 9.78 -4.53 -10.13
C SER B 42 9.05 -3.15 -10.25
N LEU B 43 8.94 -2.37 -9.10
CA LEU B 43 8.33 -1.01 -9.03
C LEU B 43 9.14 0.07 -9.81
N ARG B 44 10.50 0.06 -9.60
CA ARG B 44 11.51 0.94 -10.27
C ARG B 44 11.73 0.57 -11.76
N GLY B 45 11.73 -0.76 -12.15
CA GLY B 45 11.82 -1.19 -13.58
C GLY B 45 10.57 -0.84 -14.42
N ARG B 46 9.41 -0.77 -13.67
CA ARG B 46 8.09 -0.29 -14.18
C ARG B 46 8.14 1.26 -14.35
N GLY B 47 9.02 2.00 -13.53
CA GLY B 47 9.26 3.44 -13.69
C GLY B 47 9.93 3.84 -15.01
N SER B 48 10.90 2.97 -15.46
CA SER B 48 11.67 3.10 -16.74
C SER B 48 10.76 3.12 -18.01
N THR B 49 9.81 2.11 -18.06
CA THR B 49 8.73 1.91 -19.10
C THR B 49 7.84 3.18 -19.32
N LEU B 50 7.05 3.59 -18.26
CA LEU B 50 6.19 4.81 -18.38
C LEU B 50 6.99 6.16 -18.28
N GLY B 51 8.28 6.06 -17.84
CA GLY B 51 9.25 7.17 -17.79
C GLY B 51 9.02 8.24 -16.74
N LEU B 52 8.71 7.86 -15.47
CA LEU B 52 8.39 8.83 -14.41
C LEU B 52 9.39 8.63 -13.24
N ASP B 53 9.95 9.73 -12.70
CA ASP B 53 10.85 9.67 -11.51
C ASP B 53 10.01 9.30 -10.25
N ILE B 54 10.39 8.14 -9.66
CA ILE B 54 9.75 7.49 -8.45
C ILE B 54 9.62 8.42 -7.17
N GLU B 55 10.68 9.25 -6.84
CA GLU B 55 10.63 10.25 -5.70
C GLU B 55 9.54 11.38 -5.90
N THR B 56 9.50 11.95 -7.15
CA THR B 56 8.50 13.00 -7.57
C THR B 56 7.05 12.40 -7.81
N ALA B 57 6.99 11.15 -8.38
CA ALA B 57 5.72 10.40 -8.62
C ALA B 57 5.01 10.02 -7.30
N THR B 58 5.82 9.67 -6.23
CA THR B 58 5.31 9.36 -4.86
C THR B 58 4.43 10.54 -4.28
N ARG B 59 5.09 11.76 -4.31
CA ARG B 59 4.50 13.10 -3.86
C ARG B 59 3.21 13.49 -4.69
N ALA B 60 3.30 13.19 -6.04
CA ALA B 60 2.20 13.32 -7.03
C ALA B 60 1.00 12.38 -6.69
N GLY B 61 1.23 11.04 -6.42
CA GLY B 61 0.13 10.13 -5.99
C GLY B 61 -0.33 10.31 -4.54
N LYS B 62 0.56 10.85 -3.63
CA LYS B 62 0.17 11.29 -2.24
C LYS B 62 -1.12 12.19 -2.27
N GLN B 63 -1.14 13.21 -3.21
CA GLN B 63 -2.27 14.15 -3.44
C GLN B 63 -3.53 13.40 -4.01
N ILE B 64 -3.24 12.34 -4.87
CA ILE B 64 -4.28 11.47 -5.52
C ILE B 64 -4.87 10.39 -4.49
N VAL B 65 -4.32 10.28 -3.25
CA VAL B 65 -4.83 9.33 -2.19
C VAL B 65 -5.68 10.18 -1.17
N GLU B 66 -4.99 11.26 -0.70
CA GLU B 66 -5.52 12.29 0.24
C GLU B 66 -6.83 12.91 -0.37
N ARG B 67 -6.63 13.89 -1.35
CA ARG B 67 -7.76 14.52 -2.14
C ARG B 67 -8.84 13.56 -2.74
N ILE B 68 -8.54 12.27 -3.21
CA ILE B 68 -9.68 11.39 -3.68
C ILE B 68 -10.53 10.80 -2.49
N LEU B 69 -10.08 10.99 -1.18
CA LEU B 69 -10.81 10.44 0.01
C LEU B 69 -11.57 11.56 0.80
N LYS B 70 -11.52 12.77 0.20
CA LYS B 70 -12.19 14.03 0.76
C LYS B 70 -13.27 14.53 -0.28
N GLU B 71 -13.13 13.85 -1.45
CA GLU B 71 -13.99 14.00 -2.67
C GLU B 71 -14.86 12.73 -2.92
N GLU B 72 -14.32 11.48 -3.08
CA GLU B 72 -15.19 10.26 -3.17
C GLU B 72 -14.72 9.24 -2.09
N SER B 73 -15.51 8.87 -1.04
CA SER B 73 -14.98 7.98 0.01
C SER B 73 -15.55 6.55 -0.08
N MET A 1 1.33 -12.04 22.23
CA MET A 1 2.80 -12.33 22.11
C MET A 1 3.44 -11.60 20.89
N ASP A 2 2.60 -11.30 19.85
CA ASP A 2 3.02 -10.63 18.59
C ASP A 2 2.47 -9.18 18.46
N SER A 3 3.45 -8.24 18.58
CA SER A 3 3.31 -6.76 18.46
C SER A 3 3.80 -6.19 17.08
N ASN A 4 5.00 -6.60 16.54
CA ASN A 4 5.52 -6.05 15.24
C ASN A 4 4.97 -6.82 13.98
N THR A 5 4.49 -8.07 14.19
CA THR A 5 3.90 -8.95 13.11
C THR A 5 2.37 -8.63 12.98
N VAL A 6 1.74 -8.14 14.08
CA VAL A 6 0.32 -7.73 14.09
C VAL A 6 0.22 -6.28 13.52
N SER A 7 1.26 -5.39 13.77
CA SER A 7 1.33 -4.00 13.20
C SER A 7 1.54 -4.02 11.65
N SER A 8 2.35 -5.00 11.08
CA SER A 8 2.54 -5.18 9.60
C SER A 8 1.30 -5.83 8.91
N PHE A 9 0.39 -6.42 9.76
CA PHE A 9 -0.89 -6.97 9.30
C PHE A 9 -1.98 -5.84 9.32
N GLN A 10 -1.99 -4.99 10.40
CA GLN A 10 -2.95 -3.84 10.59
C GLN A 10 -2.73 -2.74 9.51
N VAL A 11 -1.43 -2.47 9.16
CA VAL A 11 -0.98 -1.51 8.11
C VAL A 11 -1.32 -2.06 6.69
N ASP A 12 -1.14 -3.41 6.43
CA ASP A 12 -1.56 -4.07 5.15
C ASP A 12 -3.12 -4.10 4.99
N CYS A 13 -3.89 -4.13 6.15
CA CYS A 13 -5.39 -4.05 6.19
C CYS A 13 -5.88 -2.65 5.72
N PHE A 14 -5.13 -1.57 6.14
CA PHE A 14 -5.36 -0.16 5.74
C PHE A 14 -4.98 0.02 4.26
N LEU A 15 -3.76 -0.46 3.84
CA LEU A 15 -3.24 -0.35 2.46
C LEU A 15 -4.09 -1.10 1.41
N TRP A 16 -4.62 -2.34 1.71
CA TRP A 16 -5.59 -3.02 0.83
C TRP A 16 -6.99 -2.27 0.80
N HIS A 17 -7.40 -1.54 1.90
CA HIS A 17 -8.70 -0.79 1.96
C HIS A 17 -8.55 0.57 1.17
N VAL A 18 -7.27 1.02 1.09
CA VAL A 18 -6.82 2.22 0.30
C VAL A 18 -6.90 1.82 -1.21
N ARG A 19 -6.50 0.53 -1.53
CA ARG A 19 -6.57 -0.05 -2.90
C ARG A 19 -8.05 -0.47 -3.29
N LYS A 20 -8.94 -0.83 -2.27
CA LYS A 20 -10.38 -1.21 -2.49
C LYS A 20 -11.36 0.04 -2.54
N ARG A 21 -10.84 1.22 -2.10
CA ARG A 21 -11.45 2.60 -2.14
C ARG A 21 -11.07 3.24 -3.51
N PHE A 22 -9.95 2.71 -4.10
CA PHE A 22 -9.39 3.02 -5.43
C PHE A 22 -10.07 2.13 -6.56
N ALA A 23 -10.14 0.77 -6.36
CA ALA A 23 -10.80 -0.21 -7.29
C ALA A 23 -12.36 0.01 -7.43
N ASP A 24 -13.02 0.29 -6.23
CA ASP A 24 -14.51 0.59 -6.13
C ASP A 24 -14.93 2.00 -6.72
N GLN A 25 -13.90 2.82 -7.10
CA GLN A 25 -13.98 4.17 -7.72
C GLN A 25 -13.63 4.07 -9.25
N GLU A 26 -13.10 2.86 -9.71
CA GLU A 26 -12.65 2.50 -11.12
C GLU A 26 -11.42 3.33 -11.59
N LEU A 27 -10.34 3.18 -10.77
CA LEU A 27 -9.02 3.82 -10.94
C LEU A 27 -7.97 2.77 -11.37
N GLY A 28 -7.37 3.04 -12.54
CA GLY A 28 -6.42 2.14 -13.21
C GLY A 28 -7.14 1.40 -14.33
N ASP A 29 -6.55 0.32 -14.89
CA ASP A 29 -7.24 -0.48 -15.92
C ASP A 29 -7.80 -1.79 -15.28
N ALA A 30 -8.33 -2.72 -16.12
CA ALA A 30 -8.88 -4.04 -15.69
C ALA A 30 -7.91 -4.98 -14.87
N PRO A 31 -6.48 -5.12 -15.16
CA PRO A 31 -5.60 -6.06 -14.36
C PRO A 31 -5.47 -5.78 -12.79
N PHE A 32 -5.86 -4.53 -12.32
CA PHE A 32 -5.83 -4.15 -10.86
C PHE A 32 -6.94 -4.92 -10.03
N LEU A 33 -8.06 -5.33 -10.73
CA LEU A 33 -9.20 -6.16 -10.22
C LEU A 33 -8.76 -7.68 -10.20
N ASP A 34 -7.92 -8.08 -11.22
CA ASP A 34 -7.23 -9.44 -11.32
C ASP A 34 -6.29 -9.71 -10.09
N ARG A 35 -5.41 -8.66 -9.82
CA ARG A 35 -4.44 -8.59 -8.69
C ARG A 35 -5.14 -8.57 -7.31
N LEU A 36 -6.27 -7.75 -7.16
CA LEU A 36 -7.11 -7.67 -5.96
C LEU A 36 -7.72 -9.01 -5.46
N ARG A 37 -8.27 -9.89 -6.38
CA ARG A 37 -8.95 -11.20 -6.06
C ARG A 37 -8.03 -12.28 -5.40
N ARG A 38 -6.77 -12.34 -6.00
CA ARG A 38 -5.73 -13.35 -5.64
C ARG A 38 -5.21 -13.16 -4.19
N ASP A 39 -4.81 -11.86 -3.93
CA ASP A 39 -4.28 -11.39 -2.66
C ASP A 39 -5.37 -11.05 -1.61
N GLN A 40 -6.68 -10.85 -2.03
CA GLN A 40 -7.74 -10.52 -1.02
C GLN A 40 -8.04 -11.71 -0.07
N LYS A 41 -8.04 -12.98 -0.65
CA LYS A 41 -8.28 -14.27 0.07
C LYS A 41 -7.05 -14.68 0.94
N SER A 42 -5.86 -14.08 0.50
CA SER A 42 -4.52 -14.26 1.11
C SER A 42 -4.39 -13.34 2.37
N LEU A 43 -4.87 -12.03 2.24
CA LEU A 43 -4.89 -11.01 3.33
C LEU A 43 -5.89 -11.38 4.46
N ARG A 44 -7.15 -11.80 4.05
CA ARG A 44 -8.28 -12.24 4.94
C ARG A 44 -7.99 -13.64 5.57
N GLY A 45 -7.35 -14.63 4.83
CA GLY A 45 -6.95 -15.95 5.40
C GLY A 45 -5.84 -15.86 6.48
N ARG A 46 -5.01 -14.76 6.32
CA ARG A 46 -3.94 -14.32 7.26
C ARG A 46 -4.61 -13.71 8.53
N GLY A 47 -5.87 -13.11 8.39
CA GLY A 47 -6.66 -12.62 9.56
C GLY A 47 -7.11 -13.70 10.53
N SER A 48 -7.49 -14.91 9.98
CA SER A 48 -7.93 -16.12 10.74
C SER A 48 -6.85 -16.67 11.74
N THR A 49 -5.58 -16.85 11.20
CA THR A 49 -4.34 -17.30 11.94
C THR A 49 -3.94 -16.42 13.17
N LEU A 50 -3.66 -15.11 12.96
CA LEU A 50 -3.32 -14.19 14.11
C LEU A 50 -4.59 -13.72 14.92
N GLY A 51 -5.79 -13.98 14.33
CA GLY A 51 -7.12 -13.78 14.95
C GLY A 51 -7.62 -12.36 15.11
N LEU A 52 -7.55 -11.49 14.05
CA LEU A 52 -7.96 -10.09 14.14
C LEU A 52 -9.03 -9.79 13.06
N ASP A 53 -10.12 -9.06 13.44
CA ASP A 53 -11.15 -8.60 12.47
C ASP A 53 -10.56 -7.52 11.54
N ILE A 54 -10.62 -7.86 10.22
CA ILE A 54 -10.10 -7.05 9.06
C ILE A 54 -10.64 -5.56 9.00
N GLU A 55 -11.98 -5.32 9.16
CA GLU A 55 -12.60 -3.92 9.18
C GLU A 55 -12.08 -3.03 10.36
N THR A 56 -12.03 -3.61 11.60
CA THR A 56 -11.49 -2.93 12.81
C THR A 56 -9.94 -2.70 12.67
N ALA A 57 -9.25 -3.65 11.94
CA ALA A 57 -7.80 -3.57 11.60
C ALA A 57 -7.52 -2.50 10.50
N THR A 58 -8.50 -2.23 9.52
CA THR A 58 -8.33 -1.14 8.47
C THR A 58 -8.29 0.31 9.10
N ARG A 59 -8.84 0.33 10.39
CA ARG A 59 -9.05 1.57 11.22
C ARG A 59 -7.89 1.75 12.27
N ALA A 60 -7.54 0.57 12.89
CA ALA A 60 -6.40 0.36 13.83
C ALA A 60 -5.05 0.66 13.14
N GLY A 61 -4.81 0.09 11.89
CA GLY A 61 -3.60 0.44 11.10
C GLY A 61 -3.63 1.83 10.45
N LYS A 62 -4.87 2.38 10.14
CA LYS A 62 -5.04 3.82 9.72
C LYS A 62 -4.29 4.81 10.68
N GLN A 63 -4.50 4.60 12.03
CA GLN A 63 -3.89 5.41 13.13
C GLN A 63 -2.34 5.19 13.23
N ILE A 64 -1.93 3.90 12.95
CA ILE A 64 -0.49 3.46 12.98
C ILE A 64 0.31 4.13 11.79
N VAL A 65 -0.19 4.08 10.50
CA VAL A 65 0.47 4.79 9.30
C VAL A 65 0.57 6.35 9.49
N GLU A 66 -0.60 6.95 9.87
CA GLU A 66 -0.76 8.41 10.11
C GLU A 66 0.26 8.89 11.21
N ARG A 67 -0.05 8.51 12.51
CA ARG A 67 0.88 8.75 13.67
C ARG A 67 2.37 8.24 13.54
N ILE A 68 2.69 7.03 12.92
CA ILE A 68 4.13 6.53 12.80
C ILE A 68 5.04 7.32 11.76
N LEU A 69 4.40 8.11 10.81
CA LEU A 69 5.17 8.91 9.79
C LEU A 69 5.44 10.36 10.36
N LYS A 70 4.53 10.80 11.30
CA LYS A 70 4.64 12.09 12.07
C LYS A 70 5.62 11.94 13.34
N GLU A 71 6.00 10.64 13.49
CA GLU A 71 6.93 10.05 14.53
C GLU A 71 8.42 9.90 14.04
N GLU A 72 8.77 10.52 12.87
CA GLU A 72 10.10 10.31 12.22
C GLU A 72 11.18 11.41 12.53
N SER A 73 10.72 12.65 12.90
CA SER A 73 11.59 13.81 13.18
C SER A 73 11.49 14.26 14.65
N MET B 1 -0.74 9.78 -23.29
CA MET B 1 -1.89 8.92 -23.74
C MET B 1 -2.51 8.12 -22.56
N ASP B 2 -1.67 7.84 -21.51
CA ASP B 2 -2.06 7.07 -20.29
C ASP B 2 -2.17 7.97 -19.03
N SER B 3 -3.46 8.13 -18.60
CA SER B 3 -3.93 8.86 -17.40
C SER B 3 -4.31 7.93 -16.21
N ASN B 4 -5.08 6.80 -16.42
CA ASN B 4 -5.49 5.90 -15.29
C ASN B 4 -4.43 4.80 -14.96
N THR B 5 -3.52 4.50 -15.92
CA THR B 5 -2.41 3.51 -15.77
C THR B 5 -1.17 4.21 -15.14
N VAL B 6 -1.05 5.56 -15.33
CA VAL B 6 0.04 6.36 -14.75
C VAL B 6 -0.37 6.73 -13.28
N SER B 7 -1.70 6.94 -13.00
CA SER B 7 -2.24 7.19 -11.61
C SER B 7 -2.10 5.94 -10.69
N SER B 8 -2.26 4.66 -11.23
CA SER B 8 -2.05 3.39 -10.44
C SER B 8 -0.54 3.05 -10.26
N PHE B 9 0.34 3.82 -11.00
CA PHE B 9 1.80 3.71 -10.87
C PHE B 9 2.28 4.77 -9.83
N GLN B 10 1.69 6.02 -9.87
CA GLN B 10 2.01 7.17 -8.95
C GLN B 10 1.58 6.84 -7.48
N VAL B 11 0.38 6.17 -7.34
CA VAL B 11 -0.19 5.69 -6.04
C VAL B 11 0.64 4.49 -5.49
N ASP B 12 1.10 3.52 -6.37
CA ASP B 12 2.01 2.41 -5.96
C ASP B 12 3.45 2.93 -5.56
N CYS B 13 3.89 4.11 -6.16
CA CYS B 13 5.18 4.80 -5.81
C CYS B 13 5.11 5.39 -4.37
N PHE B 14 3.90 5.95 -3.99
CA PHE B 14 3.60 6.48 -2.64
C PHE B 14 3.50 5.31 -1.64
N LEU B 15 2.71 4.22 -1.99
CA LEU B 15 2.49 3.03 -1.14
C LEU B 15 3.78 2.22 -0.86
N TRP B 16 4.70 2.04 -1.87
CA TRP B 16 6.04 1.44 -1.61
C TRP B 16 6.95 2.40 -0.74
N HIS B 17 6.78 3.78 -0.80
CA HIS B 17 7.60 4.75 -0.01
C HIS B 17 7.07 4.79 1.46
N VAL B 18 5.76 4.43 1.59
CA VAL B 18 5.02 4.27 2.89
C VAL B 18 5.59 2.97 3.56
N ARG B 19 5.83 1.91 2.71
CA ARG B 19 6.45 0.62 3.16
C ARG B 19 8.00 0.75 3.41
N LYS B 20 8.73 1.71 2.68
CA LYS B 20 10.20 1.94 2.85
C LYS B 20 10.55 3.00 3.98
N ARG B 21 9.48 3.65 4.53
CA ARG B 21 9.45 4.61 5.69
C ARG B 21 9.12 3.77 6.95
N PHE B 22 8.50 2.56 6.69
CA PHE B 22 8.15 1.49 7.66
C PHE B 22 9.36 0.50 7.83
N ALA B 23 9.95 -0.02 6.70
CA ALA B 23 11.15 -0.94 6.71
C ALA B 23 12.45 -0.25 7.27
N ASP B 24 12.67 1.05 6.87
CA ASP B 24 13.83 1.91 7.32
C ASP B 24 13.74 2.38 8.83
N GLN B 25 12.57 2.08 9.48
CA GLN B 25 12.19 2.35 10.90
C GLN B 25 12.26 1.01 11.72
N GLU B 26 12.39 -0.19 10.99
CA GLU B 26 12.44 -1.60 11.54
C GLU B 26 11.10 -2.05 12.20
N LEU B 27 10.05 -1.99 11.34
CA LEU B 27 8.64 -2.34 11.66
C LEU B 27 8.25 -3.64 10.93
N GLY B 28 7.85 -4.63 11.77
CA GLY B 28 7.53 -6.00 11.33
C GLY B 28 8.71 -6.91 11.62
N ASP B 29 8.77 -8.13 11.05
CA ASP B 29 9.92 -9.02 11.25
C ASP B 29 10.83 -8.98 9.98
N ALA B 30 11.87 -9.86 9.93
CA ALA B 30 12.84 -9.98 8.79
C ALA B 30 12.20 -10.28 7.36
N PRO B 31 11.05 -11.16 7.14
CA PRO B 31 10.52 -11.42 5.75
C PRO B 31 9.95 -10.17 4.94
N PHE B 32 9.68 -9.00 5.66
CA PHE B 32 9.19 -7.74 5.01
C PHE B 32 10.32 -7.04 4.13
N LEU B 33 11.63 -7.31 4.50
CA LEU B 33 12.87 -6.88 3.80
C LEU B 33 13.12 -7.83 2.56
N ASP B 34 12.76 -9.15 2.74
CA ASP B 34 12.75 -10.22 1.65
C ASP B 34 11.77 -9.83 0.47
N ARG B 35 10.49 -9.46 0.90
CA ARG B 35 9.37 -9.00 0.04
C ARG B 35 9.71 -7.67 -0.68
N LEU B 36 10.31 -6.66 0.07
CA LEU B 36 10.77 -5.36 -0.47
C LEU B 36 11.76 -5.42 -1.65
N ARG B 37 12.82 -6.33 -1.61
CA ARG B 37 13.90 -6.48 -2.65
C ARG B 37 13.41 -6.93 -4.06
N ARG B 38 12.46 -7.95 -3.98
CA ARG B 38 11.88 -8.65 -5.17
C ARG B 38 11.04 -7.68 -6.06
N ASP B 39 10.08 -6.99 -5.34
CA ASP B 39 9.14 -6.03 -5.91
C ASP B 39 9.74 -4.61 -6.10
N GLN B 40 10.91 -4.26 -5.42
CA GLN B 40 11.49 -2.89 -5.59
C GLN B 40 12.06 -2.67 -7.01
N LYS B 41 12.72 -3.75 -7.60
CA LYS B 41 13.31 -3.79 -8.96
C LYS B 41 12.22 -3.87 -10.07
N SER B 42 11.03 -4.40 -9.60
CA SER B 42 9.79 -4.59 -10.40
C SER B 42 9.02 -3.24 -10.53
N LEU B 43 8.91 -2.46 -9.38
CA LEU B 43 8.27 -1.11 -9.30
C LEU B 43 9.07 -0.03 -10.08
N ARG B 44 10.44 -0.02 -9.88
CA ARG B 44 11.44 0.88 -10.54
C ARG B 44 11.65 0.51 -12.03
N GLY B 45 11.65 -0.82 -12.44
CA GLY B 45 11.74 -1.24 -13.87
C GLY B 45 10.49 -0.86 -14.70
N ARG B 46 9.33 -0.78 -13.95
CA ARG B 46 8.01 -0.30 -14.45
C ARG B 46 8.08 1.25 -14.66
N GLY B 47 8.97 1.99 -13.87
CA GLY B 47 9.23 3.43 -14.08
C GLY B 47 9.87 3.79 -15.41
N SER B 48 10.83 2.92 -15.88
CA SER B 48 11.58 3.04 -17.18
C SER B 48 10.66 3.06 -18.45
N THR B 49 9.72 2.02 -18.49
CA THR B 49 8.64 1.82 -19.53
C THR B 49 7.72 3.06 -19.76
N LEU B 50 6.86 3.39 -18.75
CA LEU B 50 5.93 4.59 -18.87
C LEU B 50 6.71 5.97 -18.76
N GLY B 51 7.98 5.91 -18.30
CA GLY B 51 8.95 7.04 -18.26
C GLY B 51 8.75 8.11 -17.21
N LEU B 52 8.56 7.74 -15.90
CA LEU B 52 8.32 8.71 -14.84
C LEU B 52 9.36 8.51 -13.70
N ASP B 53 9.93 9.63 -13.18
CA ASP B 53 10.85 9.58 -12.01
C ASP B 53 10.07 9.19 -10.72
N ILE B 54 10.54 8.06 -10.13
CA ILE B 54 9.99 7.40 -8.90
C ILE B 54 9.84 8.35 -7.65
N GLU B 55 10.89 9.17 -7.28
CA GLU B 55 10.84 10.15 -6.13
C GLU B 55 9.76 11.28 -6.32
N THR B 56 9.70 11.88 -7.56
CA THR B 56 8.68 12.91 -7.92
C THR B 56 7.25 12.26 -7.98
N ALA B 57 7.20 10.94 -8.37
CA ALA B 57 5.97 10.12 -8.38
C ALA B 57 5.51 9.73 -6.93
N THR B 58 6.47 9.57 -5.91
CA THR B 58 6.09 9.28 -4.47
C THR B 58 5.34 10.48 -3.76
N ARG B 59 5.41 11.65 -4.51
CA ARG B 59 4.92 13.01 -4.05
C ARG B 59 3.64 13.42 -4.84
N ALA B 60 3.70 13.10 -6.19
CA ALA B 60 2.60 13.22 -7.18
C ALA B 60 1.43 12.29 -6.79
N GLY B 61 1.70 10.97 -6.47
CA GLY B 61 0.65 10.04 -5.96
C GLY B 61 0.24 10.28 -4.51
N LYS B 62 1.17 10.86 -3.64
CA LYS B 62 0.79 11.36 -2.27
C LYS B 62 -0.49 12.25 -2.30
N GLN B 63 -0.54 13.22 -3.30
CA GLN B 63 -1.67 14.16 -3.52
C GLN B 63 -2.96 13.42 -4.07
N ILE B 64 -2.71 12.35 -4.91
CA ILE B 64 -3.78 11.49 -5.55
C ILE B 64 -4.39 10.39 -4.55
N VAL B 65 -3.79 10.22 -3.35
CA VAL B 65 -4.30 9.25 -2.29
C VAL B 65 -5.13 10.09 -1.27
N GLU B 66 -4.45 11.18 -0.85
CA GLU B 66 -4.98 12.22 0.07
C GLU B 66 -6.31 12.77 -0.54
N ARG B 67 -6.17 13.75 -1.51
CA ARG B 67 -7.32 14.32 -2.29
C ARG B 67 -8.35 13.31 -2.92
N ILE B 68 -7.99 12.07 -3.49
CA ILE B 68 -9.05 11.14 -4.09
C ILE B 68 -9.95 10.36 -3.02
N LEU B 69 -9.58 10.40 -1.69
CA LEU B 69 -10.38 9.73 -0.61
C LEU B 69 -11.34 10.77 0.06
N LYS B 70 -10.92 12.07 -0.02
CA LYS B 70 -11.71 13.28 0.42
C LYS B 70 -12.76 13.74 -0.71
N GLU B 71 -12.61 12.99 -1.84
CA GLU B 71 -13.39 13.07 -3.14
C GLU B 71 -14.54 12.00 -3.24
N GLU B 72 -14.87 11.30 -2.10
CA GLU B 72 -15.83 10.14 -2.11
C GLU B 72 -17.30 10.49 -1.72
N SER B 73 -17.50 11.61 -0.94
CA SER B 73 -18.81 12.05 -0.43
C SER B 73 -19.22 13.42 -1.01
#